data_3TRG
# 
_entry.id   3TRG 
# 
_audit_conform.dict_name       mmcif_pdbx.dic 
_audit_conform.dict_version    5.397 
_audit_conform.dict_location   http://mmcif.pdb.org/dictionaries/ascii/mmcif_pdbx.dic 
# 
loop_
_database_2.database_id 
_database_2.database_code 
_database_2.pdbx_database_accession 
_database_2.pdbx_DOI 
PDB   3TRG         pdb_00003trg 10.2210/pdb3trg/pdb 
RCSB  RCSB067829   ?            ?                   
WWPDB D_1000067829 ?            ?                   
# 
loop_
_pdbx_audit_revision_history.ordinal 
_pdbx_audit_revision_history.data_content_type 
_pdbx_audit_revision_history.major_revision 
_pdbx_audit_revision_history.minor_revision 
_pdbx_audit_revision_history.revision_date 
1 'Structure model' 1 0 2011-10-19 
2 'Structure model' 1 1 2015-06-24 
3 'Structure model' 1 2 2016-01-27 
4 'Structure model' 1 3 2017-11-08 
5 'Structure model' 1 4 2024-10-16 
# 
_pdbx_audit_revision_details.ordinal             1 
_pdbx_audit_revision_details.revision_ordinal    1 
_pdbx_audit_revision_details.data_content_type   'Structure model' 
_pdbx_audit_revision_details.provider            repository 
_pdbx_audit_revision_details.type                'Initial release' 
_pdbx_audit_revision_details.description         ? 
_pdbx_audit_revision_details.details             ? 
# 
loop_
_pdbx_audit_revision_group.ordinal 
_pdbx_audit_revision_group.revision_ordinal 
_pdbx_audit_revision_group.data_content_type 
_pdbx_audit_revision_group.group 
1 2 'Structure model' 'Database references'    
2 3 'Structure model' 'Database references'    
3 4 'Structure model' 'Refinement description' 
4 5 'Structure model' 'Data collection'        
5 5 'Structure model' 'Database references'    
6 5 'Structure model' 'Derived calculations'   
7 5 'Structure model' 'Structure summary'      
# 
loop_
_pdbx_audit_revision_category.ordinal 
_pdbx_audit_revision_category.revision_ordinal 
_pdbx_audit_revision_category.data_content_type 
_pdbx_audit_revision_category.category 
1 4 'Structure model' software                  
2 5 'Structure model' chem_comp_atom            
3 5 'Structure model' chem_comp_bond            
4 5 'Structure model' database_2                
5 5 'Structure model' pdbx_entry_details        
6 5 'Structure model' pdbx_modification_feature 
7 5 'Structure model' struct_conn               
8 5 'Structure model' struct_ref_seq_dif        
9 5 'Structure model' struct_site               
# 
loop_
_pdbx_audit_revision_item.ordinal 
_pdbx_audit_revision_item.revision_ordinal 
_pdbx_audit_revision_item.data_content_type 
_pdbx_audit_revision_item.item 
1 5 'Structure model' '_database_2.pdbx_DOI'                
2 5 'Structure model' '_database_2.pdbx_database_accession' 
3 5 'Structure model' '_struct_conn.pdbx_leaving_atom_flag' 
4 5 'Structure model' '_struct_ref_seq_dif.details'         
5 5 'Structure model' '_struct_site.pdbx_auth_asym_id'      
6 5 'Structure model' '_struct_site.pdbx_auth_comp_id'      
7 5 'Structure model' '_struct_site.pdbx_auth_seq_id'       
# 
_pdbx_database_status.entry_id                        3TRG 
_pdbx_database_status.status_code                     REL 
_pdbx_database_status.deposit_site                    RCSB 
_pdbx_database_status.process_site                    RCSB 
_pdbx_database_status.recvd_initial_deposition_date   2011-09-09 
_pdbx_database_status.status_code_sf                  REL 
_pdbx_database_status.status_code_mr                  ? 
_pdbx_database_status.SG_entry                        ? 
_pdbx_database_status.status_code_cs                  ? 
_pdbx_database_status.methods_development_category    ? 
_pdbx_database_status.pdb_format_compatible           Y 
_pdbx_database_status.status_code_nmr_data            ? 
# 
loop_
_audit_author.name 
_audit_author.pdbx_ordinal 
'Cheung, J.'     1 
'Franklin, M.C.' 2 
'Rudolph, M.'    3 
'Cassidy, M.'    4 
'Gary, E.'       5 
'Burshteyn, F.'  6 
'Love, J.'       7 
# 
_citation.id                        primary 
_citation.title                     'Structural genomics for drug design against the pathogen Coxiella burnetii.' 
_citation.journal_abbrev            Proteins 
_citation.journal_volume            83 
_citation.page_first                2124 
_citation.page_last                 2136 
_citation.year                      2015 
_citation.journal_id_ASTM           PSFGEY 
_citation.country                   US 
_citation.journal_id_ISSN           0887-3585 
_citation.journal_id_CSD            0867 
_citation.book_publisher            ? 
_citation.pdbx_database_id_PubMed   26033498 
_citation.pdbx_database_id_DOI      10.1002/prot.24841 
# 
loop_
_citation_author.citation_id 
_citation_author.name 
_citation_author.ordinal 
_citation_author.identifier_ORCID 
primary 'Franklin, M.C.' 1  ? 
primary 'Cheung, J.'     2  ? 
primary 'Rudolph, M.J.'  3  ? 
primary 'Burshteyn, F.'  4  ? 
primary 'Cassidy, M.'    5  ? 
primary 'Gary, E.'       6  ? 
primary 'Hillerich, B.'  7  ? 
primary 'Yao, Z.K.'      8  ? 
primary 'Carlier, P.R.'  9  ? 
primary 'Totrov, M.'     10 ? 
primary 'Love, J.D.'     11 ? 
# 
loop_
_entity.id 
_entity.type 
_entity.src_method 
_entity.pdbx_description 
_entity.formula_weight 
_entity.pdbx_number_of_molecules 
_entity.pdbx_ec 
_entity.pdbx_mutation 
_entity.pdbx_fragment 
_entity.details 
1 polymer     man Acylphosphatase 11287.373 1   3.6.1.7 ? ? ? 
2 non-polymer syn 'CHLORIDE ION'  35.453    1   ?       ? ? ? 
3 non-polymer syn 1,2-ETHANEDIOL  62.068    1   ?       ? ? ? 
4 water       nat water           18.015    169 ?       ? ? ? 
# 
_entity_name_com.entity_id   1 
_entity_name_com.name        'Acylphosphate phosphohydrolase' 
# 
_entity_poly.entity_id                      1 
_entity_poly.type                           'polypeptide(L)' 
_entity_poly.nstd_linkage                   no 
_entity_poly.nstd_monomer                   yes 
_entity_poly.pdbx_seq_one_letter_code       
;SNA(MSE)TQKEKNETCIHVTVSGKVQGVFFRESVRKKAEELQLTGWVKNLSHGDVELVACGERDSI(MSE)ILTEWLWE
GPPQAAVSNVNWEEIVVEDYSDFRVR
;
_entity_poly.pdbx_seq_one_letter_code_can   
;SNAMTQKEKNETCIHVTVSGKVQGVFFRESVRKKAEELQLTGWVKNLSHGDVELVACGERDSIMILTEWLWEGPPQAAVS
NVNWEEIVVEDYSDFRVR
;
_entity_poly.pdbx_strand_id                 A 
_entity_poly.pdbx_target_identifier         ? 
# 
loop_
_pdbx_entity_nonpoly.entity_id 
_pdbx_entity_nonpoly.name 
_pdbx_entity_nonpoly.comp_id 
2 'CHLORIDE ION' CL  
3 1,2-ETHANEDIOL EDO 
4 water          HOH 
# 
loop_
_entity_poly_seq.entity_id 
_entity_poly_seq.num 
_entity_poly_seq.mon_id 
_entity_poly_seq.hetero 
1 1  SER n 
1 2  ASN n 
1 3  ALA n 
1 4  MSE n 
1 5  THR n 
1 6  GLN n 
1 7  LYS n 
1 8  GLU n 
1 9  LYS n 
1 10 ASN n 
1 11 GLU n 
1 12 THR n 
1 13 CYS n 
1 14 ILE n 
1 15 HIS n 
1 16 VAL n 
1 17 THR n 
1 18 VAL n 
1 19 SER n 
1 20 GLY n 
1 21 LYS n 
1 22 VAL n 
1 23 GLN n 
1 24 GLY n 
1 25 VAL n 
1 26 PHE n 
1 27 PHE n 
1 28 ARG n 
1 29 GLU n 
1 30 SER n 
1 31 VAL n 
1 32 ARG n 
1 33 LYS n 
1 34 LYS n 
1 35 ALA n 
1 36 GLU n 
1 37 GLU n 
1 38 LEU n 
1 39 GLN n 
1 40 LEU n 
1 41 THR n 
1 42 GLY n 
1 43 TRP n 
1 44 VAL n 
1 45 LYS n 
1 46 ASN n 
1 47 LEU n 
1 48 SER n 
1 49 HIS n 
1 50 GLY n 
1 51 ASP n 
1 52 VAL n 
1 53 GLU n 
1 54 LEU n 
1 55 VAL n 
1 56 ALA n 
1 57 CYS n 
1 58 GLY n 
1 59 GLU n 
1 60 ARG n 
1 61 ASP n 
1 62 SER n 
1 63 ILE n 
1 64 MSE n 
1 65 ILE n 
1 66 LEU n 
1 67 THR n 
1 68 GLU n 
1 69 TRP n 
1 70 LEU n 
1 71 TRP n 
1 72 GLU n 
1 73 GLY n 
1 74 PRO n 
1 75 PRO n 
1 76 GLN n 
1 77 ALA n 
1 78 ALA n 
1 79 VAL n 
1 80 SER n 
1 81 ASN n 
1 82 VAL n 
1 83 ASN n 
1 84 TRP n 
1 85 GLU n 
1 86 GLU n 
1 87 ILE n 
1 88 VAL n 
1 89 VAL n 
1 90 GLU n 
1 91 ASP n 
1 92 TYR n 
1 93 SER n 
1 94 ASP n 
1 95 PHE n 
1 96 ARG n 
1 97 VAL n 
1 98 ARG n 
# 
_entity_src_gen.entity_id                          1 
_entity_src_gen.pdbx_src_id                        1 
_entity_src_gen.pdbx_alt_source_flag               sample 
_entity_src_gen.pdbx_seq_type                      ? 
_entity_src_gen.pdbx_beg_seq_num                   ? 
_entity_src_gen.pdbx_end_seq_num                   ? 
_entity_src_gen.gene_src_common_name               ? 
_entity_src_gen.gene_src_genus                     ? 
_entity_src_gen.pdbx_gene_src_gene                 'acyP, CBU_1995' 
_entity_src_gen.gene_src_species                   ? 
_entity_src_gen.gene_src_strain                    RSA493 
_entity_src_gen.gene_src_tissue                    ? 
_entity_src_gen.gene_src_tissue_fraction           ? 
_entity_src_gen.gene_src_details                   ? 
_entity_src_gen.pdbx_gene_src_fragment             ? 
_entity_src_gen.pdbx_gene_src_scientific_name      'Coxiella burnetii' 
_entity_src_gen.pdbx_gene_src_ncbi_taxonomy_id     227377 
_entity_src_gen.pdbx_gene_src_variant              ? 
_entity_src_gen.pdbx_gene_src_cell_line            ? 
_entity_src_gen.pdbx_gene_src_atcc                 ? 
_entity_src_gen.pdbx_gene_src_organ                ? 
_entity_src_gen.pdbx_gene_src_organelle            ? 
_entity_src_gen.pdbx_gene_src_cell                 ? 
_entity_src_gen.pdbx_gene_src_cellular_location    ? 
_entity_src_gen.host_org_common_name               ? 
_entity_src_gen.pdbx_host_org_scientific_name      'Escherichia coli' 
_entity_src_gen.pdbx_host_org_ncbi_taxonomy_id     469008 
_entity_src_gen.host_org_genus                     ? 
_entity_src_gen.pdbx_host_org_gene                 ? 
_entity_src_gen.pdbx_host_org_organ                ? 
_entity_src_gen.host_org_species                   ? 
_entity_src_gen.pdbx_host_org_tissue               ? 
_entity_src_gen.pdbx_host_org_tissue_fraction      ? 
_entity_src_gen.pdbx_host_org_strain               'BL21(DE3)' 
_entity_src_gen.pdbx_host_org_variant              ? 
_entity_src_gen.pdbx_host_org_cell_line            ? 
_entity_src_gen.pdbx_host_org_atcc                 ? 
_entity_src_gen.pdbx_host_org_culture_collection   ? 
_entity_src_gen.pdbx_host_org_cell                 ? 
_entity_src_gen.pdbx_host_org_organelle            ? 
_entity_src_gen.pdbx_host_org_cellular_location    ? 
_entity_src_gen.pdbx_host_org_vector_type          plasmid 
_entity_src_gen.pdbx_host_org_vector               ? 
_entity_src_gen.host_org_details                   ? 
_entity_src_gen.expression_system_id               ? 
_entity_src_gen.plasmid_name                       pET 
_entity_src_gen.plasmid_details                    ? 
_entity_src_gen.pdbx_description                   ? 
# 
loop_
_chem_comp.id 
_chem_comp.type 
_chem_comp.mon_nstd_flag 
_chem_comp.name 
_chem_comp.pdbx_synonyms 
_chem_comp.formula 
_chem_comp.formula_weight 
ALA 'L-peptide linking' y ALANINE          ?                 'C3 H7 N O2'     89.093  
ARG 'L-peptide linking' y ARGININE         ?                 'C6 H15 N4 O2 1' 175.209 
ASN 'L-peptide linking' y ASPARAGINE       ?                 'C4 H8 N2 O3'    132.118 
ASP 'L-peptide linking' y 'ASPARTIC ACID'  ?                 'C4 H7 N O4'     133.103 
CL  non-polymer         . 'CHLORIDE ION'   ?                 'Cl -1'          35.453  
CYS 'L-peptide linking' y CYSTEINE         ?                 'C3 H7 N O2 S'   121.158 
EDO non-polymer         . 1,2-ETHANEDIOL   'ETHYLENE GLYCOL' 'C2 H6 O2'       62.068  
GLN 'L-peptide linking' y GLUTAMINE        ?                 'C5 H10 N2 O3'   146.144 
GLU 'L-peptide linking' y 'GLUTAMIC ACID'  ?                 'C5 H9 N O4'     147.129 
GLY 'peptide linking'   y GLYCINE          ?                 'C2 H5 N O2'     75.067  
HIS 'L-peptide linking' y HISTIDINE        ?                 'C6 H10 N3 O2 1' 156.162 
HOH non-polymer         . WATER            ?                 'H2 O'           18.015  
ILE 'L-peptide linking' y ISOLEUCINE       ?                 'C6 H13 N O2'    131.173 
LEU 'L-peptide linking' y LEUCINE          ?                 'C6 H13 N O2'    131.173 
LYS 'L-peptide linking' y LYSINE           ?                 'C6 H15 N2 O2 1' 147.195 
MSE 'L-peptide linking' n SELENOMETHIONINE ?                 'C5 H11 N O2 Se' 196.106 
PHE 'L-peptide linking' y PHENYLALANINE    ?                 'C9 H11 N O2'    165.189 
PRO 'L-peptide linking' y PROLINE          ?                 'C5 H9 N O2'     115.130 
SER 'L-peptide linking' y SERINE           ?                 'C3 H7 N O3'     105.093 
THR 'L-peptide linking' y THREONINE        ?                 'C4 H9 N O3'     119.119 
TRP 'L-peptide linking' y TRYPTOPHAN       ?                 'C11 H12 N2 O2'  204.225 
TYR 'L-peptide linking' y TYROSINE         ?                 'C9 H11 N O3'    181.189 
VAL 'L-peptide linking' y VALINE           ?                 'C5 H11 N O2'    117.146 
# 
loop_
_pdbx_poly_seq_scheme.asym_id 
_pdbx_poly_seq_scheme.entity_id 
_pdbx_poly_seq_scheme.seq_id 
_pdbx_poly_seq_scheme.mon_id 
_pdbx_poly_seq_scheme.ndb_seq_num 
_pdbx_poly_seq_scheme.pdb_seq_num 
_pdbx_poly_seq_scheme.auth_seq_num 
_pdbx_poly_seq_scheme.pdb_mon_id 
_pdbx_poly_seq_scheme.auth_mon_id 
_pdbx_poly_seq_scheme.pdb_strand_id 
_pdbx_poly_seq_scheme.pdb_ins_code 
_pdbx_poly_seq_scheme.hetero 
A 1 1  SER 1  -2 ?  ?   ?   A . n 
A 1 2  ASN 2  -1 ?  ?   ?   A . n 
A 1 3  ALA 3  0  ?  ?   ?   A . n 
A 1 4  MSE 4  1  1  MSE MSE A . n 
A 1 5  THR 5  2  2  THR THR A . n 
A 1 6  GLN 6  3  3  GLN GLN A . n 
A 1 7  LYS 7  4  4  LYS LYS A . n 
A 1 8  GLU 8  5  5  GLU GLU A . n 
A 1 9  LYS 9  6  6  LYS LYS A . n 
A 1 10 ASN 10 7  7  ASN ASN A . n 
A 1 11 GLU 11 8  8  GLU GLU A . n 
A 1 12 THR 12 9  9  THR THR A . n 
A 1 13 CYS 13 10 10 CYS CYS A . n 
A 1 14 ILE 14 11 11 ILE ILE A . n 
A 1 15 HIS 15 12 12 HIS HIS A . n 
A 1 16 VAL 16 13 13 VAL VAL A . n 
A 1 17 THR 17 14 14 THR THR A . n 
A 1 18 VAL 18 15 15 VAL VAL A . n 
A 1 19 SER 19 16 16 SER SER A . n 
A 1 20 GLY 20 17 17 GLY GLY A . n 
A 1 21 LYS 21 18 18 LYS LYS A . n 
A 1 22 VAL 22 19 19 VAL VAL A . n 
A 1 23 GLN 23 20 20 GLN GLN A . n 
A 1 24 GLY 24 21 21 GLY GLY A . n 
A 1 25 VAL 25 22 22 VAL VAL A . n 
A 1 26 PHE 26 23 23 PHE PHE A . n 
A 1 27 PHE 27 24 24 PHE PHE A . n 
A 1 28 ARG 28 25 25 ARG ARG A . n 
A 1 29 GLU 29 26 26 GLU GLU A . n 
A 1 30 SER 30 27 27 SER SER A . n 
A 1 31 VAL 31 28 28 VAL VAL A . n 
A 1 32 ARG 32 29 29 ARG ARG A . n 
A 1 33 LYS 33 30 30 LYS LYS A . n 
A 1 34 LYS 34 31 31 LYS LYS A . n 
A 1 35 ALA 35 32 32 ALA ALA A . n 
A 1 36 GLU 36 33 33 GLU GLU A . n 
A 1 37 GLU 37 34 34 GLU GLU A . n 
A 1 38 LEU 38 35 35 LEU LEU A . n 
A 1 39 GLN 39 36 36 GLN GLN A . n 
A 1 40 LEU 40 37 37 LEU LEU A . n 
A 1 41 THR 41 38 38 THR THR A . n 
A 1 42 GLY 42 39 39 GLY GLY A . n 
A 1 43 TRP 43 40 40 TRP TRP A . n 
A 1 44 VAL 44 41 41 VAL VAL A . n 
A 1 45 LYS 45 42 42 LYS LYS A . n 
A 1 46 ASN 46 43 43 ASN ASN A . n 
A 1 47 LEU 47 44 44 LEU LEU A . n 
A 1 48 SER 48 45 45 SER SER A . n 
A 1 49 HIS 49 46 46 HIS HIS A . n 
A 1 50 GLY 50 47 47 GLY GLY A . n 
A 1 51 ASP 51 48 48 ASP ASP A . n 
A 1 52 VAL 52 49 49 VAL VAL A . n 
A 1 53 GLU 53 50 50 GLU GLU A . n 
A 1 54 LEU 54 51 51 LEU LEU A . n 
A 1 55 VAL 55 52 52 VAL VAL A . n 
A 1 56 ALA 56 53 53 ALA ALA A . n 
A 1 57 CYS 57 54 54 CYS CYS A . n 
A 1 58 GLY 58 55 55 GLY GLY A . n 
A 1 59 GLU 59 56 56 GLU GLU A . n 
A 1 60 ARG 60 57 57 ARG ARG A . n 
A 1 61 ASP 61 58 58 ASP ASP A . n 
A 1 62 SER 62 59 59 SER SER A . n 
A 1 63 ILE 63 60 60 ILE ILE A . n 
A 1 64 MSE 64 61 61 MSE MSE A . n 
A 1 65 ILE 65 62 62 ILE ILE A . n 
A 1 66 LEU 66 63 63 LEU LEU A . n 
A 1 67 THR 67 64 64 THR THR A . n 
A 1 68 GLU 68 65 65 GLU GLU A . n 
A 1 69 TRP 69 66 66 TRP TRP A . n 
A 1 70 LEU 70 67 67 LEU LEU A . n 
A 1 71 TRP 71 68 68 TRP TRP A . n 
A 1 72 GLU 72 69 69 GLU GLU A . n 
A 1 73 GLY 73 70 70 GLY GLY A . n 
A 1 74 PRO 74 71 71 PRO PRO A . n 
A 1 75 PRO 75 72 72 PRO PRO A . n 
A 1 76 GLN 76 73 73 GLN GLN A . n 
A 1 77 ALA 77 74 74 ALA ALA A . n 
A 1 78 ALA 78 75 75 ALA ALA A . n 
A 1 79 VAL 79 76 76 VAL VAL A . n 
A 1 80 SER 80 77 77 SER SER A . n 
A 1 81 ASN 81 78 78 ASN ASN A . n 
A 1 82 VAL 82 79 79 VAL VAL A . n 
A 1 83 ASN 83 80 80 ASN ASN A . n 
A 1 84 TRP 84 81 81 TRP TRP A . n 
A 1 85 GLU 85 82 82 GLU GLU A . n 
A 1 86 GLU 86 83 83 GLU GLU A . n 
A 1 87 ILE 87 84 84 ILE ILE A . n 
A 1 88 VAL 88 85 85 VAL VAL A . n 
A 1 89 VAL 89 86 86 VAL VAL A . n 
A 1 90 GLU 90 87 87 GLU GLU A . n 
A 1 91 ASP 91 88 88 ASP ASP A . n 
A 1 92 TYR 92 89 89 TYR TYR A . n 
A 1 93 SER 93 90 90 SER SER A . n 
A 1 94 ASP 94 91 91 ASP ASP A . n 
A 1 95 PHE 95 92 92 PHE PHE A . n 
A 1 96 ARG 96 93 93 ARG ARG A . n 
A 1 97 VAL 97 94 94 VAL VAL A . n 
A 1 98 ARG 98 95 95 ARG ARG A . n 
# 
loop_
_pdbx_nonpoly_scheme.asym_id 
_pdbx_nonpoly_scheme.entity_id 
_pdbx_nonpoly_scheme.mon_id 
_pdbx_nonpoly_scheme.ndb_seq_num 
_pdbx_nonpoly_scheme.pdb_seq_num 
_pdbx_nonpoly_scheme.auth_seq_num 
_pdbx_nonpoly_scheme.pdb_mon_id 
_pdbx_nonpoly_scheme.auth_mon_id 
_pdbx_nonpoly_scheme.pdb_strand_id 
_pdbx_nonpoly_scheme.pdb_ins_code 
B 2 CL  1   96  96  CL  CL  A . 
C 3 EDO 1   97  97  EDO EDO A . 
D 4 HOH 1   98  98  HOH HOH A . 
D 4 HOH 2   99  99  HOH HOH A . 
D 4 HOH 3   100 100 HOH HOH A . 
D 4 HOH 4   101 101 HOH HOH A . 
D 4 HOH 5   102 102 HOH HOH A . 
D 4 HOH 6   103 103 HOH HOH A . 
D 4 HOH 7   104 104 HOH HOH A . 
D 4 HOH 8   105 105 HOH HOH A . 
D 4 HOH 9   106 106 HOH HOH A . 
D 4 HOH 10  107 107 HOH HOH A . 
D 4 HOH 11  108 108 HOH HOH A . 
D 4 HOH 12  109 109 HOH HOH A . 
D 4 HOH 13  110 110 HOH HOH A . 
D 4 HOH 14  111 111 HOH HOH A . 
D 4 HOH 15  112 112 HOH HOH A . 
D 4 HOH 16  113 113 HOH HOH A . 
D 4 HOH 17  114 114 HOH HOH A . 
D 4 HOH 18  115 115 HOH HOH A . 
D 4 HOH 19  116 116 HOH HOH A . 
D 4 HOH 20  117 117 HOH HOH A . 
D 4 HOH 21  118 118 HOH HOH A . 
D 4 HOH 22  119 119 HOH HOH A . 
D 4 HOH 23  120 120 HOH HOH A . 
D 4 HOH 24  121 121 HOH HOH A . 
D 4 HOH 25  122 122 HOH HOH A . 
D 4 HOH 26  123 123 HOH HOH A . 
D 4 HOH 27  124 124 HOH HOH A . 
D 4 HOH 28  125 125 HOH HOH A . 
D 4 HOH 29  126 126 HOH HOH A . 
D 4 HOH 30  127 127 HOH HOH A . 
D 4 HOH 31  128 128 HOH HOH A . 
D 4 HOH 32  129 129 HOH HOH A . 
D 4 HOH 33  130 130 HOH HOH A . 
D 4 HOH 34  131 131 HOH HOH A . 
D 4 HOH 35  132 132 HOH HOH A . 
D 4 HOH 36  133 133 HOH HOH A . 
D 4 HOH 37  134 134 HOH HOH A . 
D 4 HOH 38  135 135 HOH HOH A . 
D 4 HOH 39  136 136 HOH HOH A . 
D 4 HOH 40  137 137 HOH HOH A . 
D 4 HOH 41  138 138 HOH HOH A . 
D 4 HOH 42  139 139 HOH HOH A . 
D 4 HOH 43  140 140 HOH HOH A . 
D 4 HOH 44  141 141 HOH HOH A . 
D 4 HOH 45  142 142 HOH HOH A . 
D 4 HOH 46  143 143 HOH HOH A . 
D 4 HOH 47  144 144 HOH HOH A . 
D 4 HOH 48  145 145 HOH HOH A . 
D 4 HOH 49  146 146 HOH HOH A . 
D 4 HOH 50  147 147 HOH HOH A . 
D 4 HOH 51  148 148 HOH HOH A . 
D 4 HOH 52  149 149 HOH HOH A . 
D 4 HOH 53  150 150 HOH HOH A . 
D 4 HOH 54  151 151 HOH HOH A . 
D 4 HOH 55  152 152 HOH HOH A . 
D 4 HOH 56  153 153 HOH HOH A . 
D 4 HOH 57  154 154 HOH HOH A . 
D 4 HOH 58  155 155 HOH HOH A . 
D 4 HOH 59  156 156 HOH HOH A . 
D 4 HOH 60  157 157 HOH HOH A . 
D 4 HOH 61  158 158 HOH HOH A . 
D 4 HOH 62  159 159 HOH HOH A . 
D 4 HOH 63  160 160 HOH HOH A . 
D 4 HOH 64  161 161 HOH HOH A . 
D 4 HOH 65  162 162 HOH HOH A . 
D 4 HOH 66  163 163 HOH HOH A . 
D 4 HOH 67  164 164 HOH HOH A . 
D 4 HOH 68  165 165 HOH HOH A . 
D 4 HOH 69  166 166 HOH HOH A . 
D 4 HOH 70  167 167 HOH HOH A . 
D 4 HOH 71  168 168 HOH HOH A . 
D 4 HOH 72  169 169 HOH HOH A . 
D 4 HOH 73  170 170 HOH HOH A . 
D 4 HOH 74  171 171 HOH HOH A . 
D 4 HOH 75  172 172 HOH HOH A . 
D 4 HOH 76  173 173 HOH HOH A . 
D 4 HOH 77  174 174 HOH HOH A . 
D 4 HOH 78  175 175 HOH HOH A . 
D 4 HOH 79  176 176 HOH HOH A . 
D 4 HOH 80  177 177 HOH HOH A . 
D 4 HOH 81  178 178 HOH HOH A . 
D 4 HOH 82  179 179 HOH HOH A . 
D 4 HOH 83  180 180 HOH HOH A . 
D 4 HOH 84  181 181 HOH HOH A . 
D 4 HOH 85  182 182 HOH HOH A . 
D 4 HOH 86  183 183 HOH HOH A . 
D 4 HOH 87  184 184 HOH HOH A . 
D 4 HOH 88  185 185 HOH HOH A . 
D 4 HOH 89  186 186 HOH HOH A . 
D 4 HOH 90  187 187 HOH HOH A . 
D 4 HOH 91  188 188 HOH HOH A . 
D 4 HOH 92  189 189 HOH HOH A . 
D 4 HOH 93  190 190 HOH HOH A . 
D 4 HOH 94  191 191 HOH HOH A . 
D 4 HOH 95  192 192 HOH HOH A . 
D 4 HOH 96  193 193 HOH HOH A . 
D 4 HOH 97  194 194 HOH HOH A . 
D 4 HOH 98  195 195 HOH HOH A . 
D 4 HOH 99  196 196 HOH HOH A . 
D 4 HOH 100 197 197 HOH HOH A . 
D 4 HOH 101 198 198 HOH HOH A . 
D 4 HOH 102 199 199 HOH HOH A . 
D 4 HOH 103 200 200 HOH HOH A . 
D 4 HOH 104 201 201 HOH HOH A . 
D 4 HOH 105 202 202 HOH HOH A . 
D 4 HOH 106 203 203 HOH HOH A . 
D 4 HOH 107 204 204 HOH HOH A . 
D 4 HOH 108 205 205 HOH HOH A . 
D 4 HOH 109 206 206 HOH HOH A . 
D 4 HOH 110 207 207 HOH HOH A . 
D 4 HOH 111 208 208 HOH HOH A . 
D 4 HOH 112 209 209 HOH HOH A . 
D 4 HOH 113 210 210 HOH HOH A . 
D 4 HOH 114 211 211 HOH HOH A . 
D 4 HOH 115 212 212 HOH HOH A . 
D 4 HOH 116 213 213 HOH HOH A . 
D 4 HOH 117 214 214 HOH HOH A . 
D 4 HOH 118 215 215 HOH HOH A . 
D 4 HOH 119 216 216 HOH HOH A . 
D 4 HOH 120 217 217 HOH HOH A . 
D 4 HOH 121 218 218 HOH HOH A . 
D 4 HOH 122 219 219 HOH HOH A . 
D 4 HOH 123 220 220 HOH HOH A . 
D 4 HOH 124 221 221 HOH HOH A . 
D 4 HOH 125 222 222 HOH HOH A . 
D 4 HOH 126 223 223 HOH HOH A . 
D 4 HOH 127 224 224 HOH HOH A . 
D 4 HOH 128 225 225 HOH HOH A . 
D 4 HOH 129 226 226 HOH HOH A . 
D 4 HOH 130 227 227 HOH HOH A . 
D 4 HOH 131 228 228 HOH HOH A . 
D 4 HOH 132 229 229 HOH HOH A . 
D 4 HOH 133 230 230 HOH HOH A . 
D 4 HOH 134 231 231 HOH HOH A . 
D 4 HOH 135 232 232 HOH HOH A . 
D 4 HOH 136 233 233 HOH HOH A . 
D 4 HOH 137 234 234 HOH HOH A . 
D 4 HOH 138 235 235 HOH HOH A . 
D 4 HOH 139 236 236 HOH HOH A . 
D 4 HOH 140 237 237 HOH HOH A . 
D 4 HOH 141 238 238 HOH HOH A . 
D 4 HOH 142 239 239 HOH HOH A . 
D 4 HOH 143 240 240 HOH HOH A . 
D 4 HOH 144 241 241 HOH HOH A . 
D 4 HOH 145 242 242 HOH HOH A . 
D 4 HOH 146 243 243 HOH HOH A . 
D 4 HOH 147 244 244 HOH HOH A . 
D 4 HOH 148 245 245 HOH HOH A . 
D 4 HOH 149 246 246 HOH HOH A . 
D 4 HOH 150 247 247 HOH HOH A . 
D 4 HOH 151 248 248 HOH HOH A . 
D 4 HOH 152 249 249 HOH HOH A . 
D 4 HOH 153 250 250 HOH HOH A . 
D 4 HOH 154 251 251 HOH HOH A . 
D 4 HOH 155 252 252 HOH HOH A . 
D 4 HOH 156 253 253 HOH HOH A . 
D 4 HOH 157 254 254 HOH HOH A . 
D 4 HOH 158 255 255 HOH HOH A . 
D 4 HOH 159 256 256 HOH HOH A . 
D 4 HOH 160 257 257 HOH HOH A . 
D 4 HOH 161 258 258 HOH HOH A . 
D 4 HOH 162 259 259 HOH HOH A . 
D 4 HOH 163 260 260 HOH HOH A . 
D 4 HOH 164 261 261 HOH HOH A . 
D 4 HOH 165 262 262 HOH HOH A . 
D 4 HOH 166 263 263 HOH HOH A . 
D 4 HOH 167 264 264 HOH HOH A . 
D 4 HOH 168 265 265 HOH HOH A . 
D 4 HOH 169 266 266 HOH HOH A . 
# 
loop_
_software.pdbx_ordinal 
_software.name 
_software.version 
_software.date 
_software.type 
_software.contact_author 
_software.contact_author_email 
_software.classification 
_software.location 
_software.language 
_software.citation_id 
1 DENZO       .       ?               package 'Zbyszek Otwinowski' hkl@hkl-xray.com            'data reduction'  
http://www.hkl-xray.com/                    ?   ? 
2 SCALEPACK   .       ?               package 'Zbyszek Otwinowski' hkl@hkl-xray.com            'data scaling'    
http://www.hkl-xray.com/                    ?   ? 
3 PHASER      .       ?               program 'Randy J. Read'      cimr-phaser@lists.cam.ac.uk phasing           
http://www-structmed.cimr.cam.ac.uk/phaser/ ?   ? 
4 PHENIX      1.7_650 ?               package 'Paul D. Adams'      PDAdams@lbl.gov             refinement        
http://www.phenix-online.org/               C++ ? 
5 PDB_EXTRACT 3.10    'June 10, 2010' package PDB                  deposit@deposit.rcsb.org    'data extraction' 
http://sw-tools.pdb.org/apps/PDB_EXTRACT/   C++ ? 
6 HKL-2000    .       ?               ?       ?                    ?                           'data collection' ? ?   ? 
7 HKL-2000    .       ?               ?       ?                    ?                           'data reduction'  ? ?   ? 
8 HKL-2000    .       ?               ?       ?                    ?                           'data scaling'    ? ?   ? 
# 
_cell.length_a           69.710 
_cell.length_b           69.710 
_cell.length_c           40.059 
_cell.angle_alpha        90.000 
_cell.angle_beta         90.000 
_cell.angle_gamma        120.000 
_cell.entry_id           3TRG 
_cell.pdbx_unique_axis   ? 
_cell.Z_PDB              6 
_cell.length_a_esd       ? 
_cell.length_b_esd       ? 
_cell.length_c_esd       ? 
_cell.angle_alpha_esd    ? 
_cell.angle_beta_esd     ? 
_cell.angle_gamma_esd    ? 
# 
_symmetry.space_group_name_H-M             'P 64' 
_symmetry.entry_id                         3TRG 
_symmetry.Int_Tables_number                172 
_symmetry.pdbx_full_space_group_name_H-M   ? 
_symmetry.cell_setting                     ? 
_symmetry.space_group_name_Hall            ? 
# 
_exptl.crystals_number   1 
_exptl.entry_id          3TRG 
_exptl.method            'X-RAY DIFFRACTION' 
# 
_exptl_crystal.id                    1 
_exptl_crystal.density_Matthews      2.49 
_exptl_crystal.density_meas          ? 
_exptl_crystal.density_percent_sol   50.59 
_exptl_crystal.description           ? 
_exptl_crystal.F_000                 ? 
_exptl_crystal.preparation           ? 
# 
_exptl_crystal_grow.crystal_id      1 
_exptl_crystal_grow.method          'sitting drop' 
_exptl_crystal_grow.pH              5.6 
_exptl_crystal_grow.temp            277 
_exptl_crystal_grow.pdbx_details    
;0.1M tri-sodium citrate pH 5.6 
0.2M ammonium acetate 
30% PEG 4000, sitting drop, temperature 277K
;
_exptl_crystal_grow.temp_details    ? 
_exptl_crystal_grow.pdbx_pH_range   ? 
# 
_diffrn.id                     1 
_diffrn.ambient_temp           100 
_diffrn.ambient_temp_details   ? 
_diffrn.crystal_id             1 
# 
_diffrn_detector.diffrn_id              1 
_diffrn_detector.detector               CCD 
_diffrn_detector.type                   'RIGAKU SATURN 944' 
_diffrn_detector.pdbx_collection_date   2011-05-23 
_diffrn_detector.details                ? 
# 
_diffrn_radiation.diffrn_id                        1 
_diffrn_radiation.pdbx_diffrn_protocol             'SINGLE WAVELENGTH' 
_diffrn_radiation.monochromator                    'VARIMAX HF' 
_diffrn_radiation.wavelength_id                    1 
_diffrn_radiation.pdbx_monochromatic_or_laue_m_l   M 
_diffrn_radiation.pdbx_scattering_type             x-ray 
# 
_diffrn_radiation_wavelength.id           1 
_diffrn_radiation_wavelength.wavelength   1.5418 
_diffrn_radiation_wavelength.wt           1.0 
# 
_diffrn_source.diffrn_id                   1 
_diffrn_source.source                      'ROTATING ANODE' 
_diffrn_source.type                        'RIGAKU MICROMAX-007 HF' 
_diffrn_source.pdbx_wavelength_list        1.5418 
_diffrn_source.pdbx_wavelength             ? 
_diffrn_source.pdbx_synchrotron_site       ? 
_diffrn_source.pdbx_synchrotron_beamline   ? 
# 
_reflns.entry_id                     3TRG 
_reflns.d_resolution_high            1.600 
_reflns.d_resolution_low             30.000 
_reflns.number_obs                   14789 
_reflns.pdbx_Rmerge_I_obs            0.048 
_reflns.pdbx_netI_over_sigmaI        14.600 
_reflns.pdbx_chi_squared             1.058 
_reflns.pdbx_redundancy              5.500 
_reflns.percent_possible_obs         99.900 
_reflns.observed_criterion_sigma_F   0 
_reflns.observed_criterion_sigma_I   -3 
_reflns.number_all                   14803 
_reflns.pdbx_Rsym_value              ? 
_reflns.B_iso_Wilson_estimate        ? 
_reflns.R_free_details               ? 
_reflns.limit_h_max                  ? 
_reflns.limit_h_min                  ? 
_reflns.limit_k_max                  ? 
_reflns.limit_k_min                  ? 
_reflns.limit_l_max                  ? 
_reflns.limit_l_min                  ? 
_reflns.observed_criterion_F_max     ? 
_reflns.observed_criterion_F_min     ? 
_reflns.pdbx_scaling_rejects         ? 
_reflns.pdbx_ordinal                 1 
_reflns.pdbx_diffrn_id               1 
# 
loop_
_reflns_shell.d_res_high 
_reflns_shell.d_res_low 
_reflns_shell.number_measured_obs 
_reflns_shell.number_measured_all 
_reflns_shell.number_unique_obs 
_reflns_shell.Rmerge_I_obs 
_reflns_shell.meanI_over_sigI_obs 
_reflns_shell.pdbx_Rsym_value 
_reflns_shell.pdbx_chi_squared 
_reflns_shell.pdbx_redundancy 
_reflns_shell.percent_possible_obs 
_reflns_shell.number_unique_all 
_reflns_shell.percent_possible_all 
_reflns_shell.pdbx_ordinal 
_reflns_shell.pdbx_diffrn_id 
1.600 1.630  ? ? ? 0.441 ? ? 1.162 3.500 ? 726 99.900  1  1 
1.630 1.660  ? ? ? 0.381 ? ? 1.307 3.600 ? 748 100.000 2  1 
1.660 1.690  ? ? ? 0.354 ? ? 1.117 3.700 ? 708 99.700  3  1 
1.690 1.720  ? ? ? 0.315 ? ? 1.053 3.800 ? 740 99.900  4  1 
1.720 1.760  ? ? ? 0.270 ? ? 1.028 3.900 ? 731 100.000 5  1 
1.760 1.800  ? ? ? 0.233 ? ? 1.006 4.100 ? 730 100.000 6  1 
1.800 1.850  ? ? ? 0.212 ? ? 1.515 4.200 ? 740 100.000 7  1 
1.850 1.900  ? ? ? 0.176 ? ? 1.064 4.400 ? 748 100.000 8  1 
1.900 1.950  ? ? ? 0.134 ? ? 0.967 4.500 ? 725 99.900  9  1 
1.950 2.020  ? ? ? 0.101 ? ? 0.886 4.600 ? 742 100.000 10 1 
2.020 2.090  ? ? ? 0.086 ? ? 0.876 4.700 ? 722 100.000 11 1 
2.090 2.170  ? ? ? 0.084 ? ? 1.097 5.100 ? 747 100.000 12 1 
2.170 2.270  ? ? ? 0.074 ? ? 1.213 5.800 ? 744 100.000 13 1 
2.270 2.390  ? ? ? 0.066 ? ? 1.109 6.000 ? 733 100.000 14 1 
2.390 2.540  ? ? ? 0.058 ? ? 1.023 6.200 ? 740 100.000 15 1 
2.540 2.740  ? ? ? 0.052 ? ? 1.001 6.700 ? 738 100.000 16 1 
2.740 3.010  ? ? ? 0.040 ? ? 0.914 7.400 ? 747 100.000 17 1 
3.010 3.450  ? ? ? 0.030 ? ? 0.839 9.200 ? 752 100.000 18 1 
3.450 4.340  ? ? ? 0.027 ? ? 0.996 9.700 ? 747 100.000 19 1 
4.340 30.000 ? ? ? 0.031 ? ? 1.307 8.400 ? 781 99.500  20 1 
# 
_refine.entry_id                                 3TRG 
_refine.ls_d_res_high                            1.6010 
_refine.ls_d_res_low                             26.2950 
_refine.pdbx_ls_sigma_F                          0.000 
_refine.pdbx_data_cutoff_high_absF               ? 
_refine.pdbx_data_cutoff_low_absF                ? 
_refine.ls_percent_reflns_obs                    99.9000 
_refine.ls_number_reflns_obs                     14767 
_refine.ls_number_reflns_all                     15529 
_refine.pdbx_ls_cross_valid_method               THROUGHOUT 
_refine.pdbx_R_Free_selection_details            RANDOM 
_refine.details                                  ? 
_refine.ls_R_factor_all                          0.1723 
_refine.ls_R_factor_obs                          0.1723 
_refine.ls_R_factor_R_work                       0.1715 
_refine.ls_wR_factor_R_work                      ? 
_refine.ls_R_factor_R_free                       0.1889 
_refine.ls_wR_factor_R_free                      ? 
_refine.ls_percent_reflns_R_free                 5.0600 
_refine.ls_number_reflns_R_free                  747 
_refine.ls_R_factor_R_free_error                 ? 
_refine.B_iso_mean                               15.2615 
_refine.solvent_model_param_bsol                 55.1790 
_refine.solvent_model_param_ksol                 0.3820 
_refine.pdbx_isotropic_thermal_model             ? 
_refine.aniso_B[1][1]                            -0.3820 
_refine.aniso_B[2][2]                            -0.3820 
_refine.aniso_B[3][3]                            0.7640 
_refine.aniso_B[1][2]                            -0.0000 
_refine.aniso_B[1][3]                            0.0000 
_refine.aniso_B[2][3]                            0.0000 
_refine.correlation_coeff_Fo_to_Fc               ? 
_refine.correlation_coeff_Fo_to_Fc_free          ? 
_refine.overall_SU_R_Cruickshank_DPI             ? 
_refine.overall_SU_R_free                        ? 
_refine.pdbx_overall_ESU_R_Free                  ? 
_refine.overall_SU_ML                            0.1600 
_refine.overall_SU_B                             ? 
_refine.solvent_model_details                    'FLAT BULK SOLVENT MODEL' 
_refine.pdbx_solvent_vdw_probe_radii             0.9000 
_refine.pdbx_solvent_ion_probe_radii             ? 
_refine.pdbx_solvent_shrinkage_radii             0.6100 
_refine.ls_number_parameters                     ? 
_refine.ls_number_restraints                     ? 
_refine.pdbx_starting_model                      ? 
_refine.pdbx_method_to_determine_struct          'MOLECULAR REPLACEMENT' 
_refine.pdbx_stereochemistry_target_values       ML 
_refine.pdbx_stereochem_target_val_spec_case     ? 
_refine.overall_FOM_work_R_set                   0.8876 
_refine.B_iso_max                                46.150 
_refine.B_iso_min                                5.640 
_refine.pdbx_overall_phase_error                 17.9700 
_refine.occupancy_max                            1.000 
_refine.occupancy_min                            0.140 
_refine.pdbx_ls_sigma_I                          ? 
_refine.ls_redundancy_reflns_obs                 ? 
_refine.ls_R_factor_R_free_error_details         ? 
_refine.pdbx_data_cutoff_high_rms_absF           ? 
_refine.overall_FOM_free_R_set                   ? 
_refine.pdbx_diffrn_id                           1 
_refine.pdbx_refine_id                           'X-RAY DIFFRACTION' 
_refine.pdbx_overall_ESU_R                       ? 
_refine.pdbx_TLS_residual_ADP_flag               ? 
_refine.pdbx_overall_SU_R_free_Cruickshank_DPI   ? 
_refine.pdbx_overall_SU_R_Blow_DPI               ? 
_refine.pdbx_overall_SU_R_free_Blow_DPI          ? 
# 
_refine_hist.pdbx_refine_id                   'X-RAY DIFFRACTION' 
_refine_hist.cycle_id                         LAST 
_refine_hist.pdbx_number_atoms_protein        767 
_refine_hist.pdbx_number_atoms_nucleic_acid   0 
_refine_hist.pdbx_number_atoms_ligand         5 
_refine_hist.number_atoms_solvent             169 
_refine_hist.number_atoms_total               941 
_refine_hist.d_res_high                       1.6010 
_refine_hist.d_res_low                        26.2950 
# 
loop_
_refine_ls_restr.type 
_refine_ls_restr.number 
_refine_ls_restr.dev_ideal 
_refine_ls_restr.dev_ideal_target 
_refine_ls_restr.weight 
_refine_ls_restr.pdbx_restraint_function 
_refine_ls_restr.pdbx_refine_id 
f_bond_d           802  0.004  ? ? ? 'X-RAY DIFFRACTION' 
f_angle_d          1086 0.870  ? ? ? 'X-RAY DIFFRACTION' 
f_chiral_restr     120  0.063  ? ? ? 'X-RAY DIFFRACTION' 
f_plane_restr      140  0.002  ? ? ? 'X-RAY DIFFRACTION' 
f_dihedral_angle_d 295  12.702 ? ? ? 'X-RAY DIFFRACTION' 
# 
loop_
_refine_ls_shell.d_res_high 
_refine_ls_shell.d_res_low 
_refine_ls_shell.pdbx_total_number_of_bins_used 
_refine_ls_shell.percent_reflns_obs 
_refine_ls_shell.number_reflns_R_work 
_refine_ls_shell.R_factor_all 
_refine_ls_shell.R_factor_R_work 
_refine_ls_shell.R_factor_R_free 
_refine_ls_shell.percent_reflns_R_free 
_refine_ls_shell.number_reflns_R_free 
_refine_ls_shell.R_factor_R_free_error 
_refine_ls_shell.number_reflns_all 
_refine_ls_shell.number_reflns_obs 
_refine_ls_shell.redundancy_reflns_obs 
_refine_ls_shell.pdbx_refine_id 
1.6006 1.7242  5 100.0000 2771 . 0.2573 0.3023 . 145 . 2916 . . 'X-RAY DIFFRACTION' 
1.7242 1.8976  5 100.0000 2774 . 0.1769 0.2056 . 172 . 2946 . . 'X-RAY DIFFRACTION' 
1.8976 2.1721  5 100.0000 2793 . 0.1591 0.1872 . 140 . 2933 . . 'X-RAY DIFFRACTION' 
2.1721 2.7362  5 100.0000 2803 . 0.1647 0.1912 . 149 . 2952 . . 'X-RAY DIFFRACTION' 
2.7362 26.2985 5 100.0000 2879 . 0.1627 0.1604 . 141 . 3020 . . 'X-RAY DIFFRACTION' 
# 
_struct.entry_id                  3TRG 
_struct.title                     'Structure of an acylphosphatase from Coxiella burnetii' 
_struct.pdbx_model_details        ? 
_struct.pdbx_CASP_flag            ? 
_struct.pdbx_model_type_details   ? 
# 
_struct_keywords.entry_id        3TRG 
_struct_keywords.text            'Fatty acid and phospholipid metabolism, HYDROLASE' 
_struct_keywords.pdbx_keywords   HYDROLASE 
# 
loop_
_struct_asym.id 
_struct_asym.pdbx_blank_PDB_chainid_flag 
_struct_asym.pdbx_modified 
_struct_asym.entity_id 
_struct_asym.details 
A N N 1 ? 
B N N 2 ? 
C N N 3 ? 
D N N 4 ? 
# 
_struct_ref.id                         1 
_struct_ref.db_name                    UNP 
_struct_ref.db_code                    ACYP_COXBU 
_struct_ref.pdbx_db_accession          Q83AB0 
_struct_ref.entity_id                  1 
_struct_ref.pdbx_seq_one_letter_code   
;MTQKEKNETCIHVTVSGKVQGVFFRESVRKKAEELQLTGWVKNLSHGDVELVACGERDSIMILTEWLWEGPPQAAVSNVN
WEEIVVEDYSDFRVR
;
_struct_ref.pdbx_align_begin           1 
_struct_ref.pdbx_db_isoform            ? 
# 
_struct_ref_seq.align_id                      1 
_struct_ref_seq.ref_id                        1 
_struct_ref_seq.pdbx_PDB_id_code              3TRG 
_struct_ref_seq.pdbx_strand_id                A 
_struct_ref_seq.seq_align_beg                 4 
_struct_ref_seq.pdbx_seq_align_beg_ins_code   ? 
_struct_ref_seq.seq_align_end                 98 
_struct_ref_seq.pdbx_seq_align_end_ins_code   ? 
_struct_ref_seq.pdbx_db_accession             Q83AB0 
_struct_ref_seq.db_align_beg                  1 
_struct_ref_seq.pdbx_db_align_beg_ins_code    ? 
_struct_ref_seq.db_align_end                  95 
_struct_ref_seq.pdbx_db_align_end_ins_code    ? 
_struct_ref_seq.pdbx_auth_seq_align_beg       1 
_struct_ref_seq.pdbx_auth_seq_align_end       95 
# 
loop_
_struct_ref_seq_dif.align_id 
_struct_ref_seq_dif.pdbx_pdb_id_code 
_struct_ref_seq_dif.mon_id 
_struct_ref_seq_dif.pdbx_pdb_strand_id 
_struct_ref_seq_dif.seq_num 
_struct_ref_seq_dif.pdbx_pdb_ins_code 
_struct_ref_seq_dif.pdbx_seq_db_name 
_struct_ref_seq_dif.pdbx_seq_db_accession_code 
_struct_ref_seq_dif.db_mon_id 
_struct_ref_seq_dif.pdbx_seq_db_seq_num 
_struct_ref_seq_dif.details 
_struct_ref_seq_dif.pdbx_auth_seq_num 
_struct_ref_seq_dif.pdbx_ordinal 
1 3TRG SER A 1 ? UNP Q83AB0 ? ? 'expression tag' -2 1 
1 3TRG ASN A 2 ? UNP Q83AB0 ? ? 'expression tag' -1 2 
1 3TRG ALA A 3 ? UNP Q83AB0 ? ? 'expression tag' 0  3 
# 
_pdbx_struct_assembly.id                   1 
_pdbx_struct_assembly.details              author_and_software_defined_assembly 
_pdbx_struct_assembly.method_details       PISA 
_pdbx_struct_assembly.oligomeric_details   monomeric 
_pdbx_struct_assembly.oligomeric_count     1 
# 
_pdbx_struct_assembly_gen.assembly_id       1 
_pdbx_struct_assembly_gen.oper_expression   1 
_pdbx_struct_assembly_gen.asym_id_list      A,B,C,D 
# 
_pdbx_struct_oper_list.id                   1 
_pdbx_struct_oper_list.type                 'identity operation' 
_pdbx_struct_oper_list.name                 1_555 
_pdbx_struct_oper_list.symmetry_operation   x,y,z 
_pdbx_struct_oper_list.matrix[1][1]         1.0000000000 
_pdbx_struct_oper_list.matrix[1][2]         0.0000000000 
_pdbx_struct_oper_list.matrix[1][3]         0.0000000000 
_pdbx_struct_oper_list.vector[1]            0.0000000000 
_pdbx_struct_oper_list.matrix[2][1]         0.0000000000 
_pdbx_struct_oper_list.matrix[2][2]         1.0000000000 
_pdbx_struct_oper_list.matrix[2][3]         0.0000000000 
_pdbx_struct_oper_list.vector[2]            0.0000000000 
_pdbx_struct_oper_list.matrix[3][1]         0.0000000000 
_pdbx_struct_oper_list.matrix[3][2]         0.0000000000 
_pdbx_struct_oper_list.matrix[3][3]         1.0000000000 
_pdbx_struct_oper_list.vector[3]            0.0000000000 
# 
_struct_biol.id        1 
_struct_biol.details   ? 
# 
loop_
_struct_conf.conf_type_id 
_struct_conf.id 
_struct_conf.pdbx_PDB_helix_id 
_struct_conf.beg_label_comp_id 
_struct_conf.beg_label_asym_id 
_struct_conf.beg_label_seq_id 
_struct_conf.pdbx_beg_PDB_ins_code 
_struct_conf.end_label_comp_id 
_struct_conf.end_label_asym_id 
_struct_conf.end_label_seq_id 
_struct_conf.pdbx_end_PDB_ins_code 
_struct_conf.beg_auth_comp_id 
_struct_conf.beg_auth_asym_id 
_struct_conf.beg_auth_seq_id 
_struct_conf.end_auth_comp_id 
_struct_conf.end_auth_asym_id 
_struct_conf.end_auth_seq_id 
_struct_conf.pdbx_PDB_helix_class 
_struct_conf.details 
_struct_conf.pdbx_PDB_helix_length 
HELX_P HELX_P1 1 THR A 5  ? ASN A 10 ? THR A 2  ASN A 7  1 ? 6  
HELX_P HELX_P2 2 PHE A 26 ? LEU A 38 ? PHE A 23 LEU A 35 1 ? 13 
HELX_P HELX_P3 3 ARG A 60 ? LEU A 70 ? ARG A 57 LEU A 67 1 ? 11 
# 
_struct_conf_type.id          HELX_P 
_struct_conf_type.criteria    ? 
_struct_conf_type.reference   ? 
# 
loop_
_struct_conn.id 
_struct_conn.conn_type_id 
_struct_conn.pdbx_leaving_atom_flag 
_struct_conn.pdbx_PDB_id 
_struct_conn.ptnr1_label_asym_id 
_struct_conn.ptnr1_label_comp_id 
_struct_conn.ptnr1_label_seq_id 
_struct_conn.ptnr1_label_atom_id 
_struct_conn.pdbx_ptnr1_label_alt_id 
_struct_conn.pdbx_ptnr1_PDB_ins_code 
_struct_conn.pdbx_ptnr1_standard_comp_id 
_struct_conn.ptnr1_symmetry 
_struct_conn.ptnr2_label_asym_id 
_struct_conn.ptnr2_label_comp_id 
_struct_conn.ptnr2_label_seq_id 
_struct_conn.ptnr2_label_atom_id 
_struct_conn.pdbx_ptnr2_label_alt_id 
_struct_conn.pdbx_ptnr2_PDB_ins_code 
_struct_conn.ptnr1_auth_asym_id 
_struct_conn.ptnr1_auth_comp_id 
_struct_conn.ptnr1_auth_seq_id 
_struct_conn.ptnr2_auth_asym_id 
_struct_conn.ptnr2_auth_comp_id 
_struct_conn.ptnr2_auth_seq_id 
_struct_conn.ptnr2_symmetry 
_struct_conn.pdbx_ptnr3_label_atom_id 
_struct_conn.pdbx_ptnr3_label_seq_id 
_struct_conn.pdbx_ptnr3_label_comp_id 
_struct_conn.pdbx_ptnr3_label_asym_id 
_struct_conn.pdbx_ptnr3_label_alt_id 
_struct_conn.pdbx_ptnr3_PDB_ins_code 
_struct_conn.details 
_struct_conn.pdbx_dist_value 
_struct_conn.pdbx_value_order 
_struct_conn.pdbx_role 
disulf1 disulf ?    ? A CYS 13 SG ? ? ? 1_555 A CYS 57 SG ? ? A CYS 10 A CYS 54 1_555 ? ? ? ? ? ? ? 2.041 ? ? 
covale1 covale both ? A MSE 4  C  ? ? ? 1_555 A THR 5  N  ? ? A MSE 1  A THR 2  1_555 ? ? ? ? ? ? ? 1.328 ? ? 
covale2 covale both ? A ILE 63 C  A ? ? 1_555 A MSE 64 N  ? ? A ILE 60 A MSE 61 1_555 ? ? ? ? ? ? ? 1.328 ? ? 
covale3 covale both ? A ILE 63 C  B ? ? 1_555 A MSE 64 N  ? ? A ILE 60 A MSE 61 1_555 ? ? ? ? ? ? ? 1.328 ? ? 
covale4 covale both ? A MSE 64 C  ? ? ? 1_555 A ILE 65 N  ? ? A MSE 61 A ILE 62 1_555 ? ? ? ? ? ? ? 1.326 ? ? 
# 
loop_
_struct_conn_type.id 
_struct_conn_type.criteria 
_struct_conn_type.reference 
disulf ? ? 
covale ? ? 
# 
loop_
_pdbx_modification_feature.ordinal 
_pdbx_modification_feature.label_comp_id 
_pdbx_modification_feature.label_asym_id 
_pdbx_modification_feature.label_seq_id 
_pdbx_modification_feature.label_alt_id 
_pdbx_modification_feature.modified_residue_label_comp_id 
_pdbx_modification_feature.modified_residue_label_asym_id 
_pdbx_modification_feature.modified_residue_label_seq_id 
_pdbx_modification_feature.modified_residue_label_alt_id 
_pdbx_modification_feature.auth_comp_id 
_pdbx_modification_feature.auth_asym_id 
_pdbx_modification_feature.auth_seq_id 
_pdbx_modification_feature.PDB_ins_code 
_pdbx_modification_feature.symmetry 
_pdbx_modification_feature.modified_residue_auth_comp_id 
_pdbx_modification_feature.modified_residue_auth_asym_id 
_pdbx_modification_feature.modified_residue_auth_seq_id 
_pdbx_modification_feature.modified_residue_PDB_ins_code 
_pdbx_modification_feature.modified_residue_symmetry 
_pdbx_modification_feature.comp_id_linking_atom 
_pdbx_modification_feature.modified_residue_id_linking_atom 
_pdbx_modification_feature.modified_residue_id 
_pdbx_modification_feature.ref_pcm_id 
_pdbx_modification_feature.ref_comp_id 
_pdbx_modification_feature.type 
_pdbx_modification_feature.category 
1 MSE A 4  ? .   . .  . MSE A 1  ? 1_555 .   . .  . .     .  .  MET 1 MSE Selenomethionine 'Named protein modification' 
2 MSE A 64 ? .   . .  . MSE A 61 ? 1_555 .   . .  . .     .  .  MET 1 MSE Selenomethionine 'Named protein modification' 
3 CYS A 13 ? CYS A 57 ? CYS A 10 ? 1_555 CYS A 54 ? 1_555 SG SG .   . .   None             'Disulfide bridge'           
# 
_struct_sheet.id               A 
_struct_sheet.type             ? 
_struct_sheet.number_strands   5 
_struct_sheet.details          ? 
# 
loop_
_struct_sheet_order.sheet_id 
_struct_sheet_order.range_id_1 
_struct_sheet_order.range_id_2 
_struct_sheet_order.offset 
_struct_sheet_order.sense 
A 1 2 ? anti-parallel 
A 2 3 ? anti-parallel 
A 3 4 ? anti-parallel 
A 4 5 ? parallel      
# 
loop_
_struct_sheet_range.sheet_id 
_struct_sheet_range.id 
_struct_sheet_range.beg_label_comp_id 
_struct_sheet_range.beg_label_asym_id 
_struct_sheet_range.beg_label_seq_id 
_struct_sheet_range.pdbx_beg_PDB_ins_code 
_struct_sheet_range.end_label_comp_id 
_struct_sheet_range.end_label_asym_id 
_struct_sheet_range.end_label_seq_id 
_struct_sheet_range.pdbx_end_PDB_ins_code 
_struct_sheet_range.beg_auth_comp_id 
_struct_sheet_range.beg_auth_asym_id 
_struct_sheet_range.beg_auth_seq_id 
_struct_sheet_range.end_auth_comp_id 
_struct_sheet_range.end_auth_asym_id 
_struct_sheet_range.end_auth_seq_id 
A 1 ALA A 78 ? ILE A 87 ? ALA A 75 ILE A 84 
A 2 GLU A 11 ? LYS A 21 ? GLU A 8  LYS A 18 
A 3 VAL A 52 ? GLU A 59 ? VAL A 49 GLU A 56 
A 4 THR A 41 ? ASN A 46 ? THR A 38 ASN A 43 
A 5 PHE A 95 ? VAL A 97 ? PHE A 92 VAL A 94 
# 
loop_
_pdbx_struct_sheet_hbond.sheet_id 
_pdbx_struct_sheet_hbond.range_id_1 
_pdbx_struct_sheet_hbond.range_id_2 
_pdbx_struct_sheet_hbond.range_1_label_atom_id 
_pdbx_struct_sheet_hbond.range_1_label_comp_id 
_pdbx_struct_sheet_hbond.range_1_label_asym_id 
_pdbx_struct_sheet_hbond.range_1_label_seq_id 
_pdbx_struct_sheet_hbond.range_1_PDB_ins_code 
_pdbx_struct_sheet_hbond.range_1_auth_atom_id 
_pdbx_struct_sheet_hbond.range_1_auth_comp_id 
_pdbx_struct_sheet_hbond.range_1_auth_asym_id 
_pdbx_struct_sheet_hbond.range_1_auth_seq_id 
_pdbx_struct_sheet_hbond.range_2_label_atom_id 
_pdbx_struct_sheet_hbond.range_2_label_comp_id 
_pdbx_struct_sheet_hbond.range_2_label_asym_id 
_pdbx_struct_sheet_hbond.range_2_label_seq_id 
_pdbx_struct_sheet_hbond.range_2_PDB_ins_code 
_pdbx_struct_sheet_hbond.range_2_auth_atom_id 
_pdbx_struct_sheet_hbond.range_2_auth_comp_id 
_pdbx_struct_sheet_hbond.range_2_auth_asym_id 
_pdbx_struct_sheet_hbond.range_2_auth_seq_id 
A 1 2 O ASN A 83 ? O ASN A 80 N THR A 17 ? N THR A 14 
A 2 3 N VAL A 16 ? N VAL A 13 O LEU A 54 ? O LEU A 51 
A 3 4 O CYS A 57 ? O CYS A 54 N THR A 41 ? N THR A 38 
A 4 5 N GLY A 42 ? N GLY A 39 O ARG A 96 ? O ARG A 93 
# 
loop_
_struct_site.id 
_struct_site.pdbx_evidence_code 
_struct_site.pdbx_auth_asym_id 
_struct_site.pdbx_auth_comp_id 
_struct_site.pdbx_auth_seq_id 
_struct_site.pdbx_auth_ins_code 
_struct_site.pdbx_num_residues 
_struct_site.details 
AC1 Software A CL  96 ? 4 'BINDING SITE FOR RESIDUE CL A 96'  
AC2 Software A EDO 97 ? 5 'BINDING SITE FOR RESIDUE EDO A 97' 
# 
loop_
_struct_site_gen.id 
_struct_site_gen.site_id 
_struct_site_gen.pdbx_num_res 
_struct_site_gen.label_comp_id 
_struct_site_gen.label_asym_id 
_struct_site_gen.label_seq_id 
_struct_site_gen.pdbx_auth_ins_code 
_struct_site_gen.auth_comp_id 
_struct_site_gen.auth_asym_id 
_struct_site_gen.auth_seq_id 
_struct_site_gen.label_atom_id 
_struct_site_gen.label_alt_id 
_struct_site_gen.symmetry 
_struct_site_gen.details 
1 AC1 4 ARG A 32 ? ARG A 29  . ? 1_555 ? 
2 AC1 4 ARG A 96 ? ARG A 93  . ? 1_555 ? 
3 AC1 4 VAL A 97 ? VAL A 94  . ? 1_555 ? 
4 AC1 4 HOH D .  ? HOH A 242 . ? 1_555 ? 
5 AC2 5 HIS A 15 ? HIS A 12  . ? 1_555 ? 
6 AC2 5 THR A 17 ? THR A 14  . ? 1_555 ? 
7 AC2 5 ASN A 83 ? ASN A 80  . ? 1_555 ? 
8 AC2 5 GLU A 85 ? GLU A 82  . ? 1_555 ? 
9 AC2 5 HOH D .  ? HOH A 188 . ? 1_555 ? 
# 
_pdbx_entry_details.entry_id                   3TRG 
_pdbx_entry_details.compound_details           ? 
_pdbx_entry_details.source_details             ? 
_pdbx_entry_details.nonpolymer_details         ? 
_pdbx_entry_details.sequence_details           ? 
_pdbx_entry_details.has_ligand_of_interest     ? 
_pdbx_entry_details.has_protein_modification   Y 
# 
_pdbx_validate_close_contact.id               1 
_pdbx_validate_close_contact.PDB_model_num    1 
_pdbx_validate_close_contact.auth_atom_id_1   O 
_pdbx_validate_close_contact.auth_asym_id_1   A 
_pdbx_validate_close_contact.auth_comp_id_1   HOH 
_pdbx_validate_close_contact.auth_seq_id_1    102 
_pdbx_validate_close_contact.PDB_ins_code_1   ? 
_pdbx_validate_close_contact.label_alt_id_1   ? 
_pdbx_validate_close_contact.auth_atom_id_2   O 
_pdbx_validate_close_contact.auth_asym_id_2   A 
_pdbx_validate_close_contact.auth_comp_id_2   HOH 
_pdbx_validate_close_contact.auth_seq_id_2    116 
_pdbx_validate_close_contact.PDB_ins_code_2   ? 
_pdbx_validate_close_contact.label_alt_id_2   ? 
_pdbx_validate_close_contact.dist             1.95 
# 
_pdbx_validate_torsion.id              1 
_pdbx_validate_torsion.PDB_model_num   1 
_pdbx_validate_torsion.auth_comp_id    GLN 
_pdbx_validate_torsion.auth_asym_id    A 
_pdbx_validate_torsion.auth_seq_id     73 
_pdbx_validate_torsion.PDB_ins_code    ? 
_pdbx_validate_torsion.label_alt_id    ? 
_pdbx_validate_torsion.phi             83.08 
_pdbx_validate_torsion.psi             -10.48 
# 
loop_
_pdbx_struct_mod_residue.id 
_pdbx_struct_mod_residue.label_asym_id 
_pdbx_struct_mod_residue.label_comp_id 
_pdbx_struct_mod_residue.label_seq_id 
_pdbx_struct_mod_residue.auth_asym_id 
_pdbx_struct_mod_residue.auth_comp_id 
_pdbx_struct_mod_residue.auth_seq_id 
_pdbx_struct_mod_residue.PDB_ins_code 
_pdbx_struct_mod_residue.parent_comp_id 
_pdbx_struct_mod_residue.details 
1 A MSE 4  A MSE 1  ? MET SELENOMETHIONINE 
2 A MSE 64 A MSE 61 ? MET SELENOMETHIONINE 
# 
_pdbx_struct_special_symmetry.id              1 
_pdbx_struct_special_symmetry.PDB_model_num   1 
_pdbx_struct_special_symmetry.auth_asym_id    A 
_pdbx_struct_special_symmetry.auth_comp_id    HOH 
_pdbx_struct_special_symmetry.auth_seq_id     141 
_pdbx_struct_special_symmetry.PDB_ins_code    ? 
_pdbx_struct_special_symmetry.label_asym_id   D 
_pdbx_struct_special_symmetry.label_comp_id   HOH 
_pdbx_struct_special_symmetry.label_seq_id    . 
# 
loop_
_pdbx_refine_tls.pdbx_refine_id 
_pdbx_refine_tls.id 
_pdbx_refine_tls.details 
_pdbx_refine_tls.method 
_pdbx_refine_tls.origin_x 
_pdbx_refine_tls.origin_y 
_pdbx_refine_tls.origin_z 
_pdbx_refine_tls.T[1][1] 
_pdbx_refine_tls.T[2][2] 
_pdbx_refine_tls.T[3][3] 
_pdbx_refine_tls.T[1][2] 
_pdbx_refine_tls.T[1][3] 
_pdbx_refine_tls.T[2][3] 
_pdbx_refine_tls.L[1][1] 
_pdbx_refine_tls.L[2][2] 
_pdbx_refine_tls.L[3][3] 
_pdbx_refine_tls.L[1][2] 
_pdbx_refine_tls.L[1][3] 
_pdbx_refine_tls.L[2][3] 
_pdbx_refine_tls.S[1][1] 
_pdbx_refine_tls.S[2][2] 
_pdbx_refine_tls.S[3][3] 
_pdbx_refine_tls.S[1][2] 
_pdbx_refine_tls.S[1][3] 
_pdbx_refine_tls.S[2][3] 
_pdbx_refine_tls.S[2][1] 
_pdbx_refine_tls.S[3][1] 
_pdbx_refine_tls.S[3][2] 
'X-RAY DIFFRACTION' 1 ? refined -3.3798 4.4802  6.7041  0.0730 0.0613 0.0760 -0.0064 -0.0010 -0.0049 0.1900 0.5651 0.2059 -0.2100 -0.1316 0.0014 -0.0004 0.0420 -0.0427 -0.0276 0.0563  -0.1167 0.1164  -0.0211 0.0206  
'X-RAY DIFFRACTION' 2 ? refined 5.1226  -0.7078 -7.3207 0.0807 0.0832 0.0729 -0.0099 0.0222  -0.0019 0.1689 0.0727 0.1197 0.0178  -0.1114 0.0135 -0.0078 0.0204 -0.0127 0.0303  -0.0233 -0.0317 -0.0496 -0.0023 -0.0210 
'X-RAY DIFFRACTION' 3 ? refined 4.1720  2.0181  0.9794  0.0761 0.0548 0.0891 0.0015  -0.0013 0.0012  0.2572 1.7093 0.2528 -0.5488 -0.0223 0.2340 0.0018  0.0237 -0.0283 -0.0101 0.0001  -0.0819 -0.1034 -0.0143 0.0093  
'X-RAY DIFFRACTION' 4 ? refined -3.4794 -2.3860 -1.2387 0.0787 0.0807 0.0616 -0.0013 0.0004  0.0021  0.1709 0.1538 0.2492 0.0771  -0.1236 0.0559 0.0004  0.0133 -0.0159 0.0326  0.0063  0.0299  0.0074  0.0329  -0.0784 
'X-RAY DIFFRACTION' 5 ? refined 7.0987  3.8910  6.4216  0.0854 0.0929 0.1014 -0.0167 0.0140  -0.0214 0.5061 0.0127 0.7406 -0.0712 -0.5885 0.0882 0.0497  0.0400 -0.0965 -0.0738 0.0600  -0.0383 -0.0108 -0.0981 0.1353 
# 
loop_
_pdbx_refine_tls_group.pdbx_refine_id 
_pdbx_refine_tls_group.id 
_pdbx_refine_tls_group.refine_tls_id 
_pdbx_refine_tls_group.beg_auth_asym_id 
_pdbx_refine_tls_group.beg_auth_seq_id 
_pdbx_refine_tls_group.end_auth_asym_id 
_pdbx_refine_tls_group.end_auth_seq_id 
_pdbx_refine_tls_group.selection_details 
_pdbx_refine_tls_group.beg_label_asym_id 
_pdbx_refine_tls_group.beg_label_seq_id 
_pdbx_refine_tls_group.end_label_asym_id 
_pdbx_refine_tls_group.end_label_seq_id 
_pdbx_refine_tls_group.selection 
'X-RAY DIFFRACTION' 1 1 A 0 A 0 
;chain 'A' and (resseq 18:35)
;
? ? ? ? ? 
'X-RAY DIFFRACTION' 2 2 A 0 A 0 
;chain 'A' and (resseq 36:51)
;
? ? ? ? ? 
'X-RAY DIFFRACTION' 3 3 A 0 A 0 
;chain 'A' and (resseq 52:60)
;
? ? ? ? ? 
'X-RAY DIFFRACTION' 4 4 A 0 A 0 
;chain 'A' and (resseq 61:101)
;
? ? ? ? ? 
'X-RAY DIFFRACTION' 5 5 A 0 A 0 
;chain 'A' and (resseq 102:112)
;
? ? ? ? ? 
# 
_phasing.method   MR 
# 
loop_
_pdbx_unobs_or_zero_occ_residues.id 
_pdbx_unobs_or_zero_occ_residues.PDB_model_num 
_pdbx_unobs_or_zero_occ_residues.polymer_flag 
_pdbx_unobs_or_zero_occ_residues.occupancy_flag 
_pdbx_unobs_or_zero_occ_residues.auth_asym_id 
_pdbx_unobs_or_zero_occ_residues.auth_comp_id 
_pdbx_unobs_or_zero_occ_residues.auth_seq_id 
_pdbx_unobs_or_zero_occ_residues.PDB_ins_code 
_pdbx_unobs_or_zero_occ_residues.label_asym_id 
_pdbx_unobs_or_zero_occ_residues.label_comp_id 
_pdbx_unobs_or_zero_occ_residues.label_seq_id 
1 1 Y 1 A SER -2 ? A SER 1 
2 1 Y 1 A ASN -1 ? A ASN 2 
3 1 Y 1 A ALA 0  ? A ALA 3 
# 
loop_
_chem_comp_atom.comp_id 
_chem_comp_atom.atom_id 
_chem_comp_atom.type_symbol 
_chem_comp_atom.pdbx_aromatic_flag 
_chem_comp_atom.pdbx_stereo_config 
_chem_comp_atom.pdbx_ordinal 
ALA N    N  N N 1   
ALA CA   C  N S 2   
ALA C    C  N N 3   
ALA O    O  N N 4   
ALA CB   C  N N 5   
ALA OXT  O  N N 6   
ALA H    H  N N 7   
ALA H2   H  N N 8   
ALA HA   H  N N 9   
ALA HB1  H  N N 10  
ALA HB2  H  N N 11  
ALA HB3  H  N N 12  
ALA HXT  H  N N 13  
ARG N    N  N N 14  
ARG CA   C  N S 15  
ARG C    C  N N 16  
ARG O    O  N N 17  
ARG CB   C  N N 18  
ARG CG   C  N N 19  
ARG CD   C  N N 20  
ARG NE   N  N N 21  
ARG CZ   C  N N 22  
ARG NH1  N  N N 23  
ARG NH2  N  N N 24  
ARG OXT  O  N N 25  
ARG H    H  N N 26  
ARG H2   H  N N 27  
ARG HA   H  N N 28  
ARG HB2  H  N N 29  
ARG HB3  H  N N 30  
ARG HG2  H  N N 31  
ARG HG3  H  N N 32  
ARG HD2  H  N N 33  
ARG HD3  H  N N 34  
ARG HE   H  N N 35  
ARG HH11 H  N N 36  
ARG HH12 H  N N 37  
ARG HH21 H  N N 38  
ARG HH22 H  N N 39  
ARG HXT  H  N N 40  
ASN N    N  N N 41  
ASN CA   C  N S 42  
ASN C    C  N N 43  
ASN O    O  N N 44  
ASN CB   C  N N 45  
ASN CG   C  N N 46  
ASN OD1  O  N N 47  
ASN ND2  N  N N 48  
ASN OXT  O  N N 49  
ASN H    H  N N 50  
ASN H2   H  N N 51  
ASN HA   H  N N 52  
ASN HB2  H  N N 53  
ASN HB3  H  N N 54  
ASN HD21 H  N N 55  
ASN HD22 H  N N 56  
ASN HXT  H  N N 57  
ASP N    N  N N 58  
ASP CA   C  N S 59  
ASP C    C  N N 60  
ASP O    O  N N 61  
ASP CB   C  N N 62  
ASP CG   C  N N 63  
ASP OD1  O  N N 64  
ASP OD2  O  N N 65  
ASP OXT  O  N N 66  
ASP H    H  N N 67  
ASP H2   H  N N 68  
ASP HA   H  N N 69  
ASP HB2  H  N N 70  
ASP HB3  H  N N 71  
ASP HD2  H  N N 72  
ASP HXT  H  N N 73  
CL  CL   CL N N 74  
CYS N    N  N N 75  
CYS CA   C  N R 76  
CYS C    C  N N 77  
CYS O    O  N N 78  
CYS CB   C  N N 79  
CYS SG   S  N N 80  
CYS OXT  O  N N 81  
CYS H    H  N N 82  
CYS H2   H  N N 83  
CYS HA   H  N N 84  
CYS HB2  H  N N 85  
CYS HB3  H  N N 86  
CYS HG   H  N N 87  
CYS HXT  H  N N 88  
EDO C1   C  N N 89  
EDO O1   O  N N 90  
EDO C2   C  N N 91  
EDO O2   O  N N 92  
EDO H11  H  N N 93  
EDO H12  H  N N 94  
EDO HO1  H  N N 95  
EDO H21  H  N N 96  
EDO H22  H  N N 97  
EDO HO2  H  N N 98  
GLN N    N  N N 99  
GLN CA   C  N S 100 
GLN C    C  N N 101 
GLN O    O  N N 102 
GLN CB   C  N N 103 
GLN CG   C  N N 104 
GLN CD   C  N N 105 
GLN OE1  O  N N 106 
GLN NE2  N  N N 107 
GLN OXT  O  N N 108 
GLN H    H  N N 109 
GLN H2   H  N N 110 
GLN HA   H  N N 111 
GLN HB2  H  N N 112 
GLN HB3  H  N N 113 
GLN HG2  H  N N 114 
GLN HG3  H  N N 115 
GLN HE21 H  N N 116 
GLN HE22 H  N N 117 
GLN HXT  H  N N 118 
GLU N    N  N N 119 
GLU CA   C  N S 120 
GLU C    C  N N 121 
GLU O    O  N N 122 
GLU CB   C  N N 123 
GLU CG   C  N N 124 
GLU CD   C  N N 125 
GLU OE1  O  N N 126 
GLU OE2  O  N N 127 
GLU OXT  O  N N 128 
GLU H    H  N N 129 
GLU H2   H  N N 130 
GLU HA   H  N N 131 
GLU HB2  H  N N 132 
GLU HB3  H  N N 133 
GLU HG2  H  N N 134 
GLU HG3  H  N N 135 
GLU HE2  H  N N 136 
GLU HXT  H  N N 137 
GLY N    N  N N 138 
GLY CA   C  N N 139 
GLY C    C  N N 140 
GLY O    O  N N 141 
GLY OXT  O  N N 142 
GLY H    H  N N 143 
GLY H2   H  N N 144 
GLY HA2  H  N N 145 
GLY HA3  H  N N 146 
GLY HXT  H  N N 147 
HIS N    N  N N 148 
HIS CA   C  N S 149 
HIS C    C  N N 150 
HIS O    O  N N 151 
HIS CB   C  N N 152 
HIS CG   C  Y N 153 
HIS ND1  N  Y N 154 
HIS CD2  C  Y N 155 
HIS CE1  C  Y N 156 
HIS NE2  N  Y N 157 
HIS OXT  O  N N 158 
HIS H    H  N N 159 
HIS H2   H  N N 160 
HIS HA   H  N N 161 
HIS HB2  H  N N 162 
HIS HB3  H  N N 163 
HIS HD1  H  N N 164 
HIS HD2  H  N N 165 
HIS HE1  H  N N 166 
HIS HE2  H  N N 167 
HIS HXT  H  N N 168 
HOH O    O  N N 169 
HOH H1   H  N N 170 
HOH H2   H  N N 171 
ILE N    N  N N 172 
ILE CA   C  N S 173 
ILE C    C  N N 174 
ILE O    O  N N 175 
ILE CB   C  N S 176 
ILE CG1  C  N N 177 
ILE CG2  C  N N 178 
ILE CD1  C  N N 179 
ILE OXT  O  N N 180 
ILE H    H  N N 181 
ILE H2   H  N N 182 
ILE HA   H  N N 183 
ILE HB   H  N N 184 
ILE HG12 H  N N 185 
ILE HG13 H  N N 186 
ILE HG21 H  N N 187 
ILE HG22 H  N N 188 
ILE HG23 H  N N 189 
ILE HD11 H  N N 190 
ILE HD12 H  N N 191 
ILE HD13 H  N N 192 
ILE HXT  H  N N 193 
LEU N    N  N N 194 
LEU CA   C  N S 195 
LEU C    C  N N 196 
LEU O    O  N N 197 
LEU CB   C  N N 198 
LEU CG   C  N N 199 
LEU CD1  C  N N 200 
LEU CD2  C  N N 201 
LEU OXT  O  N N 202 
LEU H    H  N N 203 
LEU H2   H  N N 204 
LEU HA   H  N N 205 
LEU HB2  H  N N 206 
LEU HB3  H  N N 207 
LEU HG   H  N N 208 
LEU HD11 H  N N 209 
LEU HD12 H  N N 210 
LEU HD13 H  N N 211 
LEU HD21 H  N N 212 
LEU HD22 H  N N 213 
LEU HD23 H  N N 214 
LEU HXT  H  N N 215 
LYS N    N  N N 216 
LYS CA   C  N S 217 
LYS C    C  N N 218 
LYS O    O  N N 219 
LYS CB   C  N N 220 
LYS CG   C  N N 221 
LYS CD   C  N N 222 
LYS CE   C  N N 223 
LYS NZ   N  N N 224 
LYS OXT  O  N N 225 
LYS H    H  N N 226 
LYS H2   H  N N 227 
LYS HA   H  N N 228 
LYS HB2  H  N N 229 
LYS HB3  H  N N 230 
LYS HG2  H  N N 231 
LYS HG3  H  N N 232 
LYS HD2  H  N N 233 
LYS HD3  H  N N 234 
LYS HE2  H  N N 235 
LYS HE3  H  N N 236 
LYS HZ1  H  N N 237 
LYS HZ2  H  N N 238 
LYS HZ3  H  N N 239 
LYS HXT  H  N N 240 
MSE N    N  N N 241 
MSE CA   C  N S 242 
MSE C    C  N N 243 
MSE O    O  N N 244 
MSE OXT  O  N N 245 
MSE CB   C  N N 246 
MSE CG   C  N N 247 
MSE SE   SE N N 248 
MSE CE   C  N N 249 
MSE H    H  N N 250 
MSE H2   H  N N 251 
MSE HA   H  N N 252 
MSE HXT  H  N N 253 
MSE HB2  H  N N 254 
MSE HB3  H  N N 255 
MSE HG2  H  N N 256 
MSE HG3  H  N N 257 
MSE HE1  H  N N 258 
MSE HE2  H  N N 259 
MSE HE3  H  N N 260 
PHE N    N  N N 261 
PHE CA   C  N S 262 
PHE C    C  N N 263 
PHE O    O  N N 264 
PHE CB   C  N N 265 
PHE CG   C  Y N 266 
PHE CD1  C  Y N 267 
PHE CD2  C  Y N 268 
PHE CE1  C  Y N 269 
PHE CE2  C  Y N 270 
PHE CZ   C  Y N 271 
PHE OXT  O  N N 272 
PHE H    H  N N 273 
PHE H2   H  N N 274 
PHE HA   H  N N 275 
PHE HB2  H  N N 276 
PHE HB3  H  N N 277 
PHE HD1  H  N N 278 
PHE HD2  H  N N 279 
PHE HE1  H  N N 280 
PHE HE2  H  N N 281 
PHE HZ   H  N N 282 
PHE HXT  H  N N 283 
PRO N    N  N N 284 
PRO CA   C  N S 285 
PRO C    C  N N 286 
PRO O    O  N N 287 
PRO CB   C  N N 288 
PRO CG   C  N N 289 
PRO CD   C  N N 290 
PRO OXT  O  N N 291 
PRO H    H  N N 292 
PRO HA   H  N N 293 
PRO HB2  H  N N 294 
PRO HB3  H  N N 295 
PRO HG2  H  N N 296 
PRO HG3  H  N N 297 
PRO HD2  H  N N 298 
PRO HD3  H  N N 299 
PRO HXT  H  N N 300 
SER N    N  N N 301 
SER CA   C  N S 302 
SER C    C  N N 303 
SER O    O  N N 304 
SER CB   C  N N 305 
SER OG   O  N N 306 
SER OXT  O  N N 307 
SER H    H  N N 308 
SER H2   H  N N 309 
SER HA   H  N N 310 
SER HB2  H  N N 311 
SER HB3  H  N N 312 
SER HG   H  N N 313 
SER HXT  H  N N 314 
THR N    N  N N 315 
THR CA   C  N S 316 
THR C    C  N N 317 
THR O    O  N N 318 
THR CB   C  N R 319 
THR OG1  O  N N 320 
THR CG2  C  N N 321 
THR OXT  O  N N 322 
THR H    H  N N 323 
THR H2   H  N N 324 
THR HA   H  N N 325 
THR HB   H  N N 326 
THR HG1  H  N N 327 
THR HG21 H  N N 328 
THR HG22 H  N N 329 
THR HG23 H  N N 330 
THR HXT  H  N N 331 
TRP N    N  N N 332 
TRP CA   C  N S 333 
TRP C    C  N N 334 
TRP O    O  N N 335 
TRP CB   C  N N 336 
TRP CG   C  Y N 337 
TRP CD1  C  Y N 338 
TRP CD2  C  Y N 339 
TRP NE1  N  Y N 340 
TRP CE2  C  Y N 341 
TRP CE3  C  Y N 342 
TRP CZ2  C  Y N 343 
TRP CZ3  C  Y N 344 
TRP CH2  C  Y N 345 
TRP OXT  O  N N 346 
TRP H    H  N N 347 
TRP H2   H  N N 348 
TRP HA   H  N N 349 
TRP HB2  H  N N 350 
TRP HB3  H  N N 351 
TRP HD1  H  N N 352 
TRP HE1  H  N N 353 
TRP HE3  H  N N 354 
TRP HZ2  H  N N 355 
TRP HZ3  H  N N 356 
TRP HH2  H  N N 357 
TRP HXT  H  N N 358 
TYR N    N  N N 359 
TYR CA   C  N S 360 
TYR C    C  N N 361 
TYR O    O  N N 362 
TYR CB   C  N N 363 
TYR CG   C  Y N 364 
TYR CD1  C  Y N 365 
TYR CD2  C  Y N 366 
TYR CE1  C  Y N 367 
TYR CE2  C  Y N 368 
TYR CZ   C  Y N 369 
TYR OH   O  N N 370 
TYR OXT  O  N N 371 
TYR H    H  N N 372 
TYR H2   H  N N 373 
TYR HA   H  N N 374 
TYR HB2  H  N N 375 
TYR HB3  H  N N 376 
TYR HD1  H  N N 377 
TYR HD2  H  N N 378 
TYR HE1  H  N N 379 
TYR HE2  H  N N 380 
TYR HH   H  N N 381 
TYR HXT  H  N N 382 
VAL N    N  N N 383 
VAL CA   C  N S 384 
VAL C    C  N N 385 
VAL O    O  N N 386 
VAL CB   C  N N 387 
VAL CG1  C  N N 388 
VAL CG2  C  N N 389 
VAL OXT  O  N N 390 
VAL H    H  N N 391 
VAL H2   H  N N 392 
VAL HA   H  N N 393 
VAL HB   H  N N 394 
VAL HG11 H  N N 395 
VAL HG12 H  N N 396 
VAL HG13 H  N N 397 
VAL HG21 H  N N 398 
VAL HG22 H  N N 399 
VAL HG23 H  N N 400 
VAL HXT  H  N N 401 
# 
loop_
_chem_comp_bond.comp_id 
_chem_comp_bond.atom_id_1 
_chem_comp_bond.atom_id_2 
_chem_comp_bond.value_order 
_chem_comp_bond.pdbx_aromatic_flag 
_chem_comp_bond.pdbx_stereo_config 
_chem_comp_bond.pdbx_ordinal 
ALA N   CA   sing N N 1   
ALA N   H    sing N N 2   
ALA N   H2   sing N N 3   
ALA CA  C    sing N N 4   
ALA CA  CB   sing N N 5   
ALA CA  HA   sing N N 6   
ALA C   O    doub N N 7   
ALA C   OXT  sing N N 8   
ALA CB  HB1  sing N N 9   
ALA CB  HB2  sing N N 10  
ALA CB  HB3  sing N N 11  
ALA OXT HXT  sing N N 12  
ARG N   CA   sing N N 13  
ARG N   H    sing N N 14  
ARG N   H2   sing N N 15  
ARG CA  C    sing N N 16  
ARG CA  CB   sing N N 17  
ARG CA  HA   sing N N 18  
ARG C   O    doub N N 19  
ARG C   OXT  sing N N 20  
ARG CB  CG   sing N N 21  
ARG CB  HB2  sing N N 22  
ARG CB  HB3  sing N N 23  
ARG CG  CD   sing N N 24  
ARG CG  HG2  sing N N 25  
ARG CG  HG3  sing N N 26  
ARG CD  NE   sing N N 27  
ARG CD  HD2  sing N N 28  
ARG CD  HD3  sing N N 29  
ARG NE  CZ   sing N N 30  
ARG NE  HE   sing N N 31  
ARG CZ  NH1  sing N N 32  
ARG CZ  NH2  doub N N 33  
ARG NH1 HH11 sing N N 34  
ARG NH1 HH12 sing N N 35  
ARG NH2 HH21 sing N N 36  
ARG NH2 HH22 sing N N 37  
ARG OXT HXT  sing N N 38  
ASN N   CA   sing N N 39  
ASN N   H    sing N N 40  
ASN N   H2   sing N N 41  
ASN CA  C    sing N N 42  
ASN CA  CB   sing N N 43  
ASN CA  HA   sing N N 44  
ASN C   O    doub N N 45  
ASN C   OXT  sing N N 46  
ASN CB  CG   sing N N 47  
ASN CB  HB2  sing N N 48  
ASN CB  HB3  sing N N 49  
ASN CG  OD1  doub N N 50  
ASN CG  ND2  sing N N 51  
ASN ND2 HD21 sing N N 52  
ASN ND2 HD22 sing N N 53  
ASN OXT HXT  sing N N 54  
ASP N   CA   sing N N 55  
ASP N   H    sing N N 56  
ASP N   H2   sing N N 57  
ASP CA  C    sing N N 58  
ASP CA  CB   sing N N 59  
ASP CA  HA   sing N N 60  
ASP C   O    doub N N 61  
ASP C   OXT  sing N N 62  
ASP CB  CG   sing N N 63  
ASP CB  HB2  sing N N 64  
ASP CB  HB3  sing N N 65  
ASP CG  OD1  doub N N 66  
ASP CG  OD2  sing N N 67  
ASP OD2 HD2  sing N N 68  
ASP OXT HXT  sing N N 69  
CYS N   CA   sing N N 70  
CYS N   H    sing N N 71  
CYS N   H2   sing N N 72  
CYS CA  C    sing N N 73  
CYS CA  CB   sing N N 74  
CYS CA  HA   sing N N 75  
CYS C   O    doub N N 76  
CYS C   OXT  sing N N 77  
CYS CB  SG   sing N N 78  
CYS CB  HB2  sing N N 79  
CYS CB  HB3  sing N N 80  
CYS SG  HG   sing N N 81  
CYS OXT HXT  sing N N 82  
EDO C1  O1   sing N N 83  
EDO C1  C2   sing N N 84  
EDO C1  H11  sing N N 85  
EDO C1  H12  sing N N 86  
EDO O1  HO1  sing N N 87  
EDO C2  O2   sing N N 88  
EDO C2  H21  sing N N 89  
EDO C2  H22  sing N N 90  
EDO O2  HO2  sing N N 91  
GLN N   CA   sing N N 92  
GLN N   H    sing N N 93  
GLN N   H2   sing N N 94  
GLN CA  C    sing N N 95  
GLN CA  CB   sing N N 96  
GLN CA  HA   sing N N 97  
GLN C   O    doub N N 98  
GLN C   OXT  sing N N 99  
GLN CB  CG   sing N N 100 
GLN CB  HB2  sing N N 101 
GLN CB  HB3  sing N N 102 
GLN CG  CD   sing N N 103 
GLN CG  HG2  sing N N 104 
GLN CG  HG3  sing N N 105 
GLN CD  OE1  doub N N 106 
GLN CD  NE2  sing N N 107 
GLN NE2 HE21 sing N N 108 
GLN NE2 HE22 sing N N 109 
GLN OXT HXT  sing N N 110 
GLU N   CA   sing N N 111 
GLU N   H    sing N N 112 
GLU N   H2   sing N N 113 
GLU CA  C    sing N N 114 
GLU CA  CB   sing N N 115 
GLU CA  HA   sing N N 116 
GLU C   O    doub N N 117 
GLU C   OXT  sing N N 118 
GLU CB  CG   sing N N 119 
GLU CB  HB2  sing N N 120 
GLU CB  HB3  sing N N 121 
GLU CG  CD   sing N N 122 
GLU CG  HG2  sing N N 123 
GLU CG  HG3  sing N N 124 
GLU CD  OE1  doub N N 125 
GLU CD  OE2  sing N N 126 
GLU OE2 HE2  sing N N 127 
GLU OXT HXT  sing N N 128 
GLY N   CA   sing N N 129 
GLY N   H    sing N N 130 
GLY N   H2   sing N N 131 
GLY CA  C    sing N N 132 
GLY CA  HA2  sing N N 133 
GLY CA  HA3  sing N N 134 
GLY C   O    doub N N 135 
GLY C   OXT  sing N N 136 
GLY OXT HXT  sing N N 137 
HIS N   CA   sing N N 138 
HIS N   H    sing N N 139 
HIS N   H2   sing N N 140 
HIS CA  C    sing N N 141 
HIS CA  CB   sing N N 142 
HIS CA  HA   sing N N 143 
HIS C   O    doub N N 144 
HIS C   OXT  sing N N 145 
HIS CB  CG   sing N N 146 
HIS CB  HB2  sing N N 147 
HIS CB  HB3  sing N N 148 
HIS CG  ND1  sing Y N 149 
HIS CG  CD2  doub Y N 150 
HIS ND1 CE1  doub Y N 151 
HIS ND1 HD1  sing N N 152 
HIS CD2 NE2  sing Y N 153 
HIS CD2 HD2  sing N N 154 
HIS CE1 NE2  sing Y N 155 
HIS CE1 HE1  sing N N 156 
HIS NE2 HE2  sing N N 157 
HIS OXT HXT  sing N N 158 
HOH O   H1   sing N N 159 
HOH O   H2   sing N N 160 
ILE N   CA   sing N N 161 
ILE N   H    sing N N 162 
ILE N   H2   sing N N 163 
ILE CA  C    sing N N 164 
ILE CA  CB   sing N N 165 
ILE CA  HA   sing N N 166 
ILE C   O    doub N N 167 
ILE C   OXT  sing N N 168 
ILE CB  CG1  sing N N 169 
ILE CB  CG2  sing N N 170 
ILE CB  HB   sing N N 171 
ILE CG1 CD1  sing N N 172 
ILE CG1 HG12 sing N N 173 
ILE CG1 HG13 sing N N 174 
ILE CG2 HG21 sing N N 175 
ILE CG2 HG22 sing N N 176 
ILE CG2 HG23 sing N N 177 
ILE CD1 HD11 sing N N 178 
ILE CD1 HD12 sing N N 179 
ILE CD1 HD13 sing N N 180 
ILE OXT HXT  sing N N 181 
LEU N   CA   sing N N 182 
LEU N   H    sing N N 183 
LEU N   H2   sing N N 184 
LEU CA  C    sing N N 185 
LEU CA  CB   sing N N 186 
LEU CA  HA   sing N N 187 
LEU C   O    doub N N 188 
LEU C   OXT  sing N N 189 
LEU CB  CG   sing N N 190 
LEU CB  HB2  sing N N 191 
LEU CB  HB3  sing N N 192 
LEU CG  CD1  sing N N 193 
LEU CG  CD2  sing N N 194 
LEU CG  HG   sing N N 195 
LEU CD1 HD11 sing N N 196 
LEU CD1 HD12 sing N N 197 
LEU CD1 HD13 sing N N 198 
LEU CD2 HD21 sing N N 199 
LEU CD2 HD22 sing N N 200 
LEU CD2 HD23 sing N N 201 
LEU OXT HXT  sing N N 202 
LYS N   CA   sing N N 203 
LYS N   H    sing N N 204 
LYS N   H2   sing N N 205 
LYS CA  C    sing N N 206 
LYS CA  CB   sing N N 207 
LYS CA  HA   sing N N 208 
LYS C   O    doub N N 209 
LYS C   OXT  sing N N 210 
LYS CB  CG   sing N N 211 
LYS CB  HB2  sing N N 212 
LYS CB  HB3  sing N N 213 
LYS CG  CD   sing N N 214 
LYS CG  HG2  sing N N 215 
LYS CG  HG3  sing N N 216 
LYS CD  CE   sing N N 217 
LYS CD  HD2  sing N N 218 
LYS CD  HD3  sing N N 219 
LYS CE  NZ   sing N N 220 
LYS CE  HE2  sing N N 221 
LYS CE  HE3  sing N N 222 
LYS NZ  HZ1  sing N N 223 
LYS NZ  HZ2  sing N N 224 
LYS NZ  HZ3  sing N N 225 
LYS OXT HXT  sing N N 226 
MSE N   CA   sing N N 227 
MSE N   H    sing N N 228 
MSE N   H2   sing N N 229 
MSE CA  C    sing N N 230 
MSE CA  CB   sing N N 231 
MSE CA  HA   sing N N 232 
MSE C   O    doub N N 233 
MSE C   OXT  sing N N 234 
MSE OXT HXT  sing N N 235 
MSE CB  CG   sing N N 236 
MSE CB  HB2  sing N N 237 
MSE CB  HB3  sing N N 238 
MSE CG  SE   sing N N 239 
MSE CG  HG2  sing N N 240 
MSE CG  HG3  sing N N 241 
MSE SE  CE   sing N N 242 
MSE CE  HE1  sing N N 243 
MSE CE  HE2  sing N N 244 
MSE CE  HE3  sing N N 245 
PHE N   CA   sing N N 246 
PHE N   H    sing N N 247 
PHE N   H2   sing N N 248 
PHE CA  C    sing N N 249 
PHE CA  CB   sing N N 250 
PHE CA  HA   sing N N 251 
PHE C   O    doub N N 252 
PHE C   OXT  sing N N 253 
PHE CB  CG   sing N N 254 
PHE CB  HB2  sing N N 255 
PHE CB  HB3  sing N N 256 
PHE CG  CD1  doub Y N 257 
PHE CG  CD2  sing Y N 258 
PHE CD1 CE1  sing Y N 259 
PHE CD1 HD1  sing N N 260 
PHE CD2 CE2  doub Y N 261 
PHE CD2 HD2  sing N N 262 
PHE CE1 CZ   doub Y N 263 
PHE CE1 HE1  sing N N 264 
PHE CE2 CZ   sing Y N 265 
PHE CE2 HE2  sing N N 266 
PHE CZ  HZ   sing N N 267 
PHE OXT HXT  sing N N 268 
PRO N   CA   sing N N 269 
PRO N   CD   sing N N 270 
PRO N   H    sing N N 271 
PRO CA  C    sing N N 272 
PRO CA  CB   sing N N 273 
PRO CA  HA   sing N N 274 
PRO C   O    doub N N 275 
PRO C   OXT  sing N N 276 
PRO CB  CG   sing N N 277 
PRO CB  HB2  sing N N 278 
PRO CB  HB3  sing N N 279 
PRO CG  CD   sing N N 280 
PRO CG  HG2  sing N N 281 
PRO CG  HG3  sing N N 282 
PRO CD  HD2  sing N N 283 
PRO CD  HD3  sing N N 284 
PRO OXT HXT  sing N N 285 
SER N   CA   sing N N 286 
SER N   H    sing N N 287 
SER N   H2   sing N N 288 
SER CA  C    sing N N 289 
SER CA  CB   sing N N 290 
SER CA  HA   sing N N 291 
SER C   O    doub N N 292 
SER C   OXT  sing N N 293 
SER CB  OG   sing N N 294 
SER CB  HB2  sing N N 295 
SER CB  HB3  sing N N 296 
SER OG  HG   sing N N 297 
SER OXT HXT  sing N N 298 
THR N   CA   sing N N 299 
THR N   H    sing N N 300 
THR N   H2   sing N N 301 
THR CA  C    sing N N 302 
THR CA  CB   sing N N 303 
THR CA  HA   sing N N 304 
THR C   O    doub N N 305 
THR C   OXT  sing N N 306 
THR CB  OG1  sing N N 307 
THR CB  CG2  sing N N 308 
THR CB  HB   sing N N 309 
THR OG1 HG1  sing N N 310 
THR CG2 HG21 sing N N 311 
THR CG2 HG22 sing N N 312 
THR CG2 HG23 sing N N 313 
THR OXT HXT  sing N N 314 
TRP N   CA   sing N N 315 
TRP N   H    sing N N 316 
TRP N   H2   sing N N 317 
TRP CA  C    sing N N 318 
TRP CA  CB   sing N N 319 
TRP CA  HA   sing N N 320 
TRP C   O    doub N N 321 
TRP C   OXT  sing N N 322 
TRP CB  CG   sing N N 323 
TRP CB  HB2  sing N N 324 
TRP CB  HB3  sing N N 325 
TRP CG  CD1  doub Y N 326 
TRP CG  CD2  sing Y N 327 
TRP CD1 NE1  sing Y N 328 
TRP CD1 HD1  sing N N 329 
TRP CD2 CE2  doub Y N 330 
TRP CD2 CE3  sing Y N 331 
TRP NE1 CE2  sing Y N 332 
TRP NE1 HE1  sing N N 333 
TRP CE2 CZ2  sing Y N 334 
TRP CE3 CZ3  doub Y N 335 
TRP CE3 HE3  sing N N 336 
TRP CZ2 CH2  doub Y N 337 
TRP CZ2 HZ2  sing N N 338 
TRP CZ3 CH2  sing Y N 339 
TRP CZ3 HZ3  sing N N 340 
TRP CH2 HH2  sing N N 341 
TRP OXT HXT  sing N N 342 
TYR N   CA   sing N N 343 
TYR N   H    sing N N 344 
TYR N   H2   sing N N 345 
TYR CA  C    sing N N 346 
TYR CA  CB   sing N N 347 
TYR CA  HA   sing N N 348 
TYR C   O    doub N N 349 
TYR C   OXT  sing N N 350 
TYR CB  CG   sing N N 351 
TYR CB  HB2  sing N N 352 
TYR CB  HB3  sing N N 353 
TYR CG  CD1  doub Y N 354 
TYR CG  CD2  sing Y N 355 
TYR CD1 CE1  sing Y N 356 
TYR CD1 HD1  sing N N 357 
TYR CD2 CE2  doub Y N 358 
TYR CD2 HD2  sing N N 359 
TYR CE1 CZ   doub Y N 360 
TYR CE1 HE1  sing N N 361 
TYR CE2 CZ   sing Y N 362 
TYR CE2 HE2  sing N N 363 
TYR CZ  OH   sing N N 364 
TYR OH  HH   sing N N 365 
TYR OXT HXT  sing N N 366 
VAL N   CA   sing N N 367 
VAL N   H    sing N N 368 
VAL N   H2   sing N N 369 
VAL CA  C    sing N N 370 
VAL CA  CB   sing N N 371 
VAL CA  HA   sing N N 372 
VAL C   O    doub N N 373 
VAL C   OXT  sing N N 374 
VAL CB  CG1  sing N N 375 
VAL CB  CG2  sing N N 376 
VAL CB  HB   sing N N 377 
VAL CG1 HG11 sing N N 378 
VAL CG1 HG12 sing N N 379 
VAL CG1 HG13 sing N N 380 
VAL CG2 HG21 sing N N 381 
VAL CG2 HG22 sing N N 382 
VAL CG2 HG23 sing N N 383 
VAL OXT HXT  sing N N 384 
# 
_atom_sites.entry_id                    3TRG 
_atom_sites.fract_transf_matrix[1][1]   0.00466718 
_atom_sites.fract_transf_matrix[1][2]   -0.00894193 
_atom_sites.fract_transf_matrix[1][3]   0.01313887 
_atom_sites.fract_transf_matrix[2][1]   0.01577459 
_atom_sites.fract_transf_matrix[2][2]   -0.00480281 
_atom_sites.fract_transf_matrix[2][3]   0.00156892 
_atom_sites.fract_transf_matrix[3][1]   0.00515568 
_atom_sites.fract_transf_matrix[3][2]   0.02100516 
_atom_sites.fract_transf_matrix[3][3]   0.01246410 
_atom_sites.fract_transf_vector[1]      0.430613 
_atom_sites.fract_transf_vector[2]      0.270825 
_atom_sites.fract_transf_vector[3]      -0.338406 
# 
loop_
_atom_type.symbol 
C  
CL 
N  
O  
S  
SE 
# 
loop_
_atom_site.group_PDB 
_atom_site.id 
_atom_site.type_symbol 
_atom_site.label_atom_id 
_atom_site.label_alt_id 
_atom_site.label_comp_id 
_atom_site.label_asym_id 
_atom_site.label_entity_id 
_atom_site.label_seq_id 
_atom_site.pdbx_PDB_ins_code 
_atom_site.Cartn_x 
_atom_site.Cartn_y 
_atom_site.Cartn_z 
_atom_site.occupancy 
_atom_site.B_iso_or_equiv 
_atom_site.pdbx_formal_charge 
_atom_site.auth_seq_id 
_atom_site.auth_comp_id 
_atom_site.auth_asym_id 
_atom_site.auth_atom_id 
_atom_site.pdbx_PDB_model_num 
HETATM 1   N  N   . MSE A 1 4  ? -6.523  16.957  18.714  1.00 22.56 ? 1   MSE A N   1 
HETATM 2   C  CA  . MSE A 1 4  ? -5.581  16.424  17.741  1.00 20.80 ? 1   MSE A CA  1 
HETATM 3   C  C   . MSE A 1 4  ? -5.077  17.516  16.819  1.00 15.47 ? 1   MSE A C   1 
HETATM 4   O  O   . MSE A 1 4  ? -5.781  18.487  16.558  1.00 17.06 ? 1   MSE A O   1 
HETATM 5   C  CB  . MSE A 1 4  ? -6.255  15.353  16.884  1.00 22.61 ? 1   MSE A CB  1 
HETATM 6   C  CG  . MSE A 1 4  ? -6.502  14.034  17.583  1.00 20.10 ? 1   MSE A CG  1 
HETATM 7   SE SE  . MSE A 1 4  ? -7.605  12.876  16.459  1.00 21.58 ? 1   MSE A SE  1 
HETATM 8   C  CE  . MSE A 1 4  ? -9.344  13.684  16.790  1.00 20.50 ? 1   MSE A CE  1 
ATOM   9   N  N   . THR A 1 5  ? -3.865  17.337  16.306  1.00 15.39 ? 2   THR A N   1 
ATOM   10  C  CA  . THR A 1 5  ? -3.372  18.201  15.246  1.00 13.09 ? 2   THR A CA  1 
ATOM   11  C  C   . THR A 1 5  ? -4.152  17.859  13.986  1.00 13.50 ? 2   THR A C   1 
ATOM   12  O  O   . THR A 1 5  ? -4.833  16.833  13.927  1.00 11.60 ? 2   THR A O   1 
ATOM   13  C  CB  . THR A 1 5  ? -1.871  17.999  14.989  1.00 14.50 ? 2   THR A CB  1 
ATOM   14  O  OG1 . THR A 1 5  ? -1.653  16.699  14.434  1.00 14.46 ? 2   THR A OG1 1 
ATOM   15  C  CG2 . THR A 1 5  ? -1.077  18.148  16.289  1.00 17.84 ? 2   THR A CG2 1 
ATOM   16  N  N   . GLN A 1 6  ? -4.066  18.715  12.978  1.00 13.53 ? 3   GLN A N   1 
ATOM   17  C  CA  . GLN A 1 6  ? -4.796  18.455  11.745  1.00 15.97 ? 3   GLN A CA  1 
ATOM   18  C  C   . GLN A 1 6  ? -4.294  17.185  11.081  1.00 16.22 ? 3   GLN A C   1 
ATOM   19  O  O   . GLN A 1 6  ? -5.086  16.369  10.605  1.00 14.72 ? 3   GLN A O   1 
ATOM   20  C  CB  . GLN A 1 6  ? -4.698  19.646  10.790  1.00 22.68 ? 3   GLN A CB  1 
ATOM   21  C  CG  . GLN A 1 6  ? -5.534  20.837  11.225  1.00 27.21 ? 3   GLN A CG  1 
ATOM   22  C  CD  . GLN A 1 6  ? -7.009  20.501  11.328  1.00 32.10 ? 3   GLN A CD  1 
ATOM   23  O  OE1 . GLN A 1 6  ? -7.538  20.303  12.422  1.00 30.84 ? 3   GLN A OE1 1 
ATOM   24  N  NE2 . GLN A 1 6  ? -7.682  20.438  10.186  1.00 38.31 ? 3   GLN A NE2 1 
ATOM   25  N  N   . LYS A 1 7  ? -2.977  17.011  11.056  1.00 17.33 ? 4   LYS A N   1 
ATOM   26  C  CA  . LYS A 1 7  ? -2.398  15.806  10.479  1.00 20.24 ? 4   LYS A CA  1 
ATOM   27  C  C   . LYS A 1 7  ? -2.850  14.568  11.249  1.00 17.61 ? 4   LYS A C   1 
ATOM   28  O  O   . LYS A 1 7  ? -3.177  13.547  10.653  1.00 20.18 ? 4   LYS A O   1 
ATOM   29  C  CB  . LYS A 1 7  ? -0.868  15.896  10.433  1.00 27.10 ? 4   LYS A CB  1 
ATOM   30  C  CG  . LYS A 1 7  ? -0.330  16.767  9.300   1.00 31.60 ? 4   LYS A CG  1 
ATOM   31  C  CD  . LYS A 1 7  ? 1.197   16.768  9.270   1.00 37.14 ? 4   LYS A CD  1 
ATOM   32  C  CE  . LYS A 1 7  ? 1.769   15.368  9.052   1.00 39.63 ? 4   LYS A CE  1 
ATOM   33  N  NZ  . LYS A 1 7  ? 1.501   14.833  7.682   1.00 38.35 ? 4   LYS A NZ  1 
ATOM   34  N  N   . GLU A 1 8  ? -2.884  14.667  12.574  1.00 21.24 ? 5   GLU A N   1 
ATOM   35  C  CA  . GLU A 1 8  ? -3.318  13.551  13.410  1.00 19.91 ? 5   GLU A CA  1 
ATOM   36  C  C   . GLU A 1 8  ? -4.777  13.188  13.145  1.00 21.01 ? 5   GLU A C   1 
ATOM   37  O  O   . GLU A 1 8  ? -5.139  12.015  13.070  1.00 20.98 ? 5   GLU A O   1 
ATOM   38  C  CB  . GLU A 1 8  ? -3.124  13.876  14.890  1.00 22.05 ? 5   GLU A CB  1 
ATOM   39  C  CG  . GLU A 1 8  ? -1.682  13.832  15.351  1.00 24.47 ? 5   GLU A CG  1 
ATOM   40  C  CD  . GLU A 1 8  ? -1.521  14.296  16.784  1.00 26.89 ? 5   GLU A CD  1 
ATOM   41  O  OE1 . GLU A 1 8  ? -2.449  14.954  17.306  1.00 23.61 ? 5   GLU A OE1 1 
ATOM   42  O  OE2 . GLU A 1 8  ? -0.473  13.998  17.393  1.00 33.93 ? 5   GLU A OE2 1 
ATOM   43  N  N   . LYS A 1 9  ? -5.606  14.212  13.000  1.00 12.77 ? 6   LYS A N   1 
ATOM   44  C  CA  . LYS A 1 9  ? -7.028  14.041  12.744  1.00 10.40 ? 6   LYS A CA  1 
ATOM   45  C  C   . LYS A 1 9  ? -7.284  13.420  11.372  1.00 9.52  ? 6   LYS A C   1 
ATOM   46  O  O   . LYS A 1 9  ? -8.126  12.532  11.218  1.00 12.55 ? 6   LYS A O   1 
ATOM   47  C  CB  . LYS A 1 9  ? -7.696  15.417  12.810  1.00 17.17 ? 6   LYS A CB  1 
ATOM   48  C  CG  . LYS A 1 9  ? -9.199  15.409  12.785  1.00 24.54 ? 6   LYS A CG  1 
ATOM   49  C  CD  . LYS A 1 9  ? -9.757  16.835  12.831  1.00 25.34 ? 6   LYS A CD  1 
ATOM   50  C  CE  . LYS A 1 9  ? -9.310  17.590  14.076  1.00 26.07 ? 6   LYS A CE  1 
ATOM   51  N  NZ  . LYS A 1 9  ? -9.949  18.945  14.177  1.00 24.77 ? 6   LYS A NZ  1 
ATOM   52  N  N   . ASN A 1 10 ? -6.549  13.905  10.378  1.00 8.83  ? 7   ASN A N   1 
ATOM   53  C  CA  . ASN A 1 10 ? -6.847  13.613  8.985   1.00 7.01  ? 7   ASN A CA  1 
ATOM   54  C  C   . ASN A 1 10 ? -6.030  12.478  8.385   1.00 10.37 ? 7   ASN A C   1 
ATOM   55  O  O   . ASN A 1 10 ? -6.120  12.219  7.188   1.00 11.56 ? 7   ASN A O   1 
ATOM   56  C  CB  . ASN A 1 10 ? -6.666  14.877  8.136   1.00 10.82 ? 7   ASN A CB  1 
ATOM   57  C  CG  . ASN A 1 10 ? -7.774  15.887  8.349   1.00 9.97  ? 7   ASN A CG  1 
ATOM   58  O  OD1 . ASN A 1 10 ? -8.918  15.518  8.597   1.00 12.60 ? 7   ASN A OD1 1 
ATOM   59  N  ND2 . ASN A 1 10 ? -7.437  17.172  8.256   1.00 12.09 ? 7   ASN A ND2 1 
ATOM   60  N  N   . GLU A 1 11 ? -5.226  11.803  9.198   1.00 10.31 ? 8   GLU A N   1 
ATOM   61  C  CA  . GLU A 1 11 ? -4.411  10.716  8.665   1.00 9.77  ? 8   GLU A CA  1 
ATOM   62  C  C   . GLU A 1 11 ? -4.510  9.454   9.511   1.00 9.46  ? 8   GLU A C   1 
ATOM   63  O  O   . GLU A 1 11 ? -4.768  9.510   10.716  1.00 10.58 ? 8   GLU A O   1 
ATOM   64  C  CB  . GLU A 1 11 ? -2.951  11.156  8.515   1.00 12.26 ? 8   GLU A CB  1 
ATOM   65  C  CG  . GLU A 1 11 ? -2.795  12.374  7.617   1.00 11.41 ? 8   GLU A CG  1 
ATOM   66  C  CD  . GLU A 1 11 ? -1.378  12.916  7.564   1.00 16.72 ? 8   GLU A CD  1 
ATOM   67  O  OE1 . GLU A 1 11 ? -0.467  12.308  8.163   1.00 20.38 ? 8   GLU A OE1 1 
ATOM   68  O  OE2 . GLU A 1 11 ? -1.183  13.964  6.920   1.00 17.70 ? 8   GLU A OE2 1 
ATOM   69  N  N   . THR A 1 12 ? -4.314  8.311   8.867   1.00 7.13  ? 9   THR A N   1 
ATOM   70  C  CA  . THR A 1 12 ? -4.213  7.056   9.592   1.00 8.40  ? 9   THR A CA  1 
ATOM   71  C  C   . THR A 1 12 ? -3.288  6.116   8.830   1.00 7.96  ? 9   THR A C   1 
ATOM   72  O  O   . THR A 1 12 ? -2.675  6.511   7.845   1.00 8.44  ? 9   THR A O   1 
ATOM   73  C  CB  . THR A 1 12 ? -5.599  6.404   9.797   1.00 9.16  ? 9   THR A CB  1 
ATOM   74  O  OG1 . THR A 1 12 ? -5.492  5.334   10.741  1.00 9.49  ? 9   THR A OG1 1 
ATOM   75  C  CG2 . THR A 1 12 ? -6.149  5.885   8.469   1.00 9.52  ? 9   THR A CG2 1 
ATOM   76  N  N   . CYS A 1 13 ? -3.182  4.877   9.289   1.00 8.37  ? 10  CYS A N   1 
ATOM   77  C  CA  . CYS A 1 13 ? -2.344  3.893   8.619   1.00 6.24  ? 10  CYS A CA  1 
ATOM   78  C  C   . CYS A 1 13 ? -3.119  2.600   8.415   1.00 6.71  ? 10  CYS A C   1 
ATOM   79  O  O   . CYS A 1 13 ? -3.990  2.254   9.223   1.00 7.20  ? 10  CYS A O   1 
ATOM   80  C  CB  . CYS A 1 13 ? -1.095  3.584   9.451   1.00 7.44  ? 10  CYS A CB  1 
ATOM   81  S  SG  . CYS A 1 13 ? 0.071   4.937   9.656   1.00 7.60  ? 10  CYS A SG  1 
ATOM   82  N  N   . ILE A 1 14 ? -2.792  1.887   7.341   1.00 6.37  ? 11  ILE A N   1 
ATOM   83  C  CA  . ILE A 1 14 ? -3.346  0.556   7.108   1.00 5.69  ? 11  ILE A CA  1 
ATOM   84  C  C   . ILE A 1 14 ? -2.226  -0.439  6.806   1.00 8.06  ? 11  ILE A C   1 
ATOM   85  O  O   . ILE A 1 14 ? -1.136  -0.049  6.373   1.00 8.13  ? 11  ILE A O   1 
ATOM   86  C  CB  . ILE A 1 14 ? -4.378  0.538   5.951   1.00 6.16  ? 11  ILE A CB  1 
ATOM   87  C  CG1 . ILE A 1 14 ? -3.707  0.872   4.614   1.00 9.22  ? 11  ILE A CG1 1 
ATOM   88  C  CG2 . ILE A 1 14 ? -5.548  1.482   6.248   1.00 7.48  ? 11  ILE A CG2 1 
ATOM   89  C  CD1 . ILE A 1 14 ? -4.592  0.581   3.402   1.00 10.35 ? 11  ILE A CD1 1 
ATOM   90  N  N   . HIS A 1 15 ? -2.507  -1.715  7.043   1.00 6.36  ? 12  HIS A N   1 
ATOM   91  C  CA  . HIS A 1 15 ? -1.621  -2.806  6.668   1.00 6.21  ? 12  HIS A CA  1 
ATOM   92  C  C   . HIS A 1 15 ? -2.364  -3.661  5.647   1.00 8.08  ? 12  HIS A C   1 
ATOM   93  O  O   . HIS A 1 15 ? -3.561  -3.907  5.797   1.00 8.98  ? 12  HIS A O   1 
ATOM   94  C  CB  . HIS A 1 15 ? -1.261  -3.631  7.905   1.00 8.88  ? 12  HIS A CB  1 
ATOM   95  C  CG  . HIS A 1 15 ? -0.419  -4.833  7.611   1.00 8.95  ? 12  HIS A CG  1 
ATOM   96  N  ND1 . HIS A 1 15 ? -0.942  -6.108  7.555   1.00 12.34 ? 12  HIS A ND1 1 
ATOM   97  C  CD2 . HIS A 1 15 ? 0.906   -4.958  7.364   1.00 7.84  ? 12  HIS A CD2 1 
ATOM   98  C  CE1 . HIS A 1 15 ? 0.028   -6.966  7.287   1.00 13.49 ? 12  HIS A CE1 1 
ATOM   99  N  NE2 . HIS A 1 15 ? 1.159   -6.293  7.167   1.00 9.91  ? 12  HIS A NE2 1 
ATOM   100 N  N   . VAL A 1 16 ? -1.660  -4.097  4.606   1.00 7.41  ? 13  VAL A N   1 
ATOM   101 C  CA  . VAL A 1 16 ? -2.296  -4.806  3.498   1.00 7.23  ? 13  VAL A CA  1 
ATOM   102 C  C   . VAL A 1 16 ? -1.481  -6.013  3.070   1.00 7.65  ? 13  VAL A C   1 
ATOM   103 O  O   . VAL A 1 16 ? -0.250  -5.968  3.064   1.00 8.84  ? 13  VAL A O   1 
ATOM   104 C  CB  . VAL A 1 16 ? -2.425  -3.902  2.260   1.00 7.13  ? 13  VAL A CB  1 
ATOM   105 C  CG1 . VAL A 1 16 ? -3.416  -4.499  1.253   1.00 7.53  ? 13  VAL A CG1 1 
ATOM   106 C  CG2 . VAL A 1 16 ? -2.838  -2.485  2.664   1.00 7.74  ? 13  VAL A CG2 1 
ATOM   107 N  N   . THR A 1 17 ? -2.179  -7.090  2.716   1.00 7.25  ? 14  THR A N   1 
ATOM   108 C  CA  . THR A 1 17 ? -1.577  -8.163  1.931   1.00 6.76  ? 14  THR A CA  1 
ATOM   109 C  C   . THR A 1 17 ? -2.339  -8.314  0.620   1.00 8.79  ? 14  THR A C   1 
ATOM   110 O  O   . THR A 1 17 ? -3.568  -8.205  0.580   1.00 11.57 ? 14  THR A O   1 
ATOM   111 C  CB  . THR A 1 17 ? -1.525  -9.509  2.676   1.00 9.95  ? 14  THR A CB  1 
ATOM   112 O  OG1 . THR A 1 17 ? -2.830  -9.850  3.150   1.00 13.64 ? 14  THR A OG1 1 
ATOM   113 C  CG2 . THR A 1 17 ? -0.559  -9.433  3.853   1.00 11.60 ? 14  THR A CG2 1 
ATOM   114 N  N   . VAL A 1 18 ? -1.593  -8.546  -0.455  1.00 7.25  ? 15  VAL A N   1 
ATOM   115 C  CA  . VAL A 1 18 ? -2.162  -8.659  -1.789  1.00 8.21  ? 15  VAL A CA  1 
ATOM   116 C  C   . VAL A 1 18 ? -1.735  -9.992  -2.377  1.00 8.09  ? 15  VAL A C   1 
ATOM   117 O  O   . VAL A 1 18 ? -0.545  -10.278 -2.481  1.00 8.01  ? 15  VAL A O   1 
ATOM   118 C  CB  . VAL A 1 18 ? -1.680  -7.517  -2.701  1.00 7.61  ? 15  VAL A CB  1 
ATOM   119 C  CG1 . VAL A 1 18 ? -2.306  -7.641  -4.094  1.00 8.84  ? 15  VAL A CG1 1 
ATOM   120 C  CG2 . VAL A 1 18 ? -2.020  -6.160  -2.083  1.00 10.50 ? 15  VAL A CG2 1 
ATOM   121 N  N   A SER A 1 19 ? -2.712  -10.811 -2.755  0.53 8.71  ? 16  SER A N   1 
ATOM   122 N  N   B SER A 1 19 ? -2.715  -10.807 -2.757  0.47 8.70  ? 16  SER A N   1 
ATOM   123 C  CA  A SER A 1 19 ? -2.423  -12.136 -3.286  0.53 9.49  ? 16  SER A CA  1 
ATOM   124 C  CA  B SER A 1 19 ? -2.441  -12.134 -3.287  0.47 9.49  ? 16  SER A CA  1 
ATOM   125 C  C   A SER A 1 19 ? -2.709  -12.224 -4.778  0.53 9.53  ? 16  SER A C   1 
ATOM   126 C  C   B SER A 1 19 ? -2.681  -12.200 -4.789  0.47 9.54  ? 16  SER A C   1 
ATOM   127 O  O   A SER A 1 19 ? -3.472  -11.426 -5.324  0.53 10.50 ? 16  SER A O   1 
ATOM   128 O  O   B SER A 1 19 ? -3.386  -11.362 -5.353  0.47 10.86 ? 16  SER A O   1 
ATOM   129 C  CB  A SER A 1 19 ? -3.236  -13.200 -2.544  0.53 10.63 ? 16  SER A CB  1 
ATOM   130 C  CB  B SER A 1 19 ? -3.314  -13.176 -2.586  0.47 10.58 ? 16  SER A CB  1 
ATOM   131 O  OG  A SER A 1 19 ? -4.623  -13.062 -2.811  0.53 11.67 ? 16  SER A OG  1 
ATOM   132 O  OG  B SER A 1 19 ? -3.226  -13.059 -1.178  0.47 11.04 ? 16  SER A OG  1 
ATOM   133 N  N   . GLY A 1 20 ? -2.096  -13.210 -5.424  1.00 11.51 ? 17  GLY A N   1 
ATOM   134 C  CA  . GLY A 1 20 ? -2.314  -13.458 -6.837  1.00 10.88 ? 17  GLY A CA  1 
ATOM   135 C  C   . GLY A 1 20 ? -1.010  -13.603 -7.592  1.00 12.72 ? 17  GLY A C   1 
ATOM   136 O  O   . GLY A 1 20 ? 0.010   -14.007 -7.031  1.00 14.95 ? 17  GLY A O   1 
ATOM   137 N  N   . LYS A 1 21 ? -1.054  -13.285 -8.880  1.00 12.72 ? 18  LYS A N   1 
ATOM   138 C  CA  . LYS A 1 21 ? 0.147   -13.185 -9.687  1.00 15.18 ? 18  LYS A CA  1 
ATOM   139 C  C   . LYS A 1 21 ? 0.756   -11.821 -9.399  1.00 12.91 ? 18  LYS A C   1 
ATOM   140 O  O   . LYS A 1 21 ? 0.354   -10.813 -9.985  1.00 14.39 ? 18  LYS A O   1 
ATOM   141 C  CB  . LYS A 1 21 ? -0.204  -13.327 -11.171 1.00 21.25 ? 18  LYS A CB  1 
ATOM   142 C  CG  . LYS A 1 21 ? 0.813   -12.724 -12.133 1.00 27.92 ? 18  LYS A CG  1 
ATOM   143 C  CD  . LYS A 1 21 ? 2.164   -13.409 -12.044 1.00 33.28 ? 18  LYS A CD  1 
ATOM   144 C  CE  . LYS A 1 21 ? 3.138   -12.809 -13.049 1.00 35.59 ? 18  LYS A CE  1 
ATOM   145 N  NZ  . LYS A 1 21 ? 4.473   -13.466 -12.992 1.00 37.02 ? 18  LYS A NZ  1 
ATOM   146 N  N   . VAL A 1 22 ? 1.703   -11.791 -8.466  1.00 12.21 ? 19  VAL A N   1 
ATOM   147 C  CA  . VAL A 1 22 ? 2.266   -10.527 -7.999  1.00 11.86 ? 19  VAL A CA  1 
ATOM   148 C  C   . VAL A 1 22 ? 3.790   -10.499 -8.075  1.00 11.98 ? 19  VAL A C   1 
ATOM   149 O  O   . VAL A 1 22 ? 4.418   -9.549  -7.613  1.00 13.02 ? 19  VAL A O   1 
ATOM   150 C  CB  . VAL A 1 22 ? 1.829   -10.206 -6.549  1.00 13.02 ? 19  VAL A CB  1 
ATOM   151 C  CG1 . VAL A 1 22 ? 0.313   -10.082 -6.463  1.00 15.26 ? 19  VAL A CG1 1 
ATOM   152 C  CG2 . VAL A 1 22 ? 2.350   -11.268 -5.573  1.00 12.77 ? 19  VAL A CG2 1 
ATOM   153 N  N   . GLN A 1 23 ? 4.379   -11.548 -8.643  1.00 16.57 ? 20  GLN A N   1 
ATOM   154 C  CA  . GLN A 1 23 ? 5.828   -11.604 -8.825  1.00 19.86 ? 20  GLN A CA  1 
ATOM   155 C  C   . GLN A 1 23 ? 6.220   -11.346 -10.275 1.00 16.74 ? 20  GLN A C   1 
ATOM   156 O  O   . GLN A 1 23 ? 5.470   -11.665 -11.199 1.00 17.68 ? 20  GLN A O   1 
ATOM   157 C  CB  . GLN A 1 23 ? 6.387   -12.957 -8.364  1.00 26.84 ? 20  GLN A CB  1 
ATOM   158 C  CG  . GLN A 1 23 ? 6.680   -13.043 -6.872  1.00 33.01 ? 20  GLN A CG  1 
ATOM   159 C  CD  . GLN A 1 23 ? 5.437   -13.288 -6.035  1.00 41.76 ? 20  GLN A CD  1 
ATOM   160 O  OE1 . GLN A 1 23 ? 4.440   -13.830 -6.523  1.00 46.15 ? 20  GLN A OE1 1 
ATOM   161 N  NE2 . GLN A 1 23 ? 5.491   -12.892 -4.766  1.00 43.71 ? 20  GLN A NE2 1 
ATOM   162 N  N   . GLY A 1 24 ? 7.395   -10.757 -10.465 1.00 14.94 ? 21  GLY A N   1 
ATOM   163 C  CA  . GLY A 1 24 ? 7.923   -10.504 -11.794 1.00 15.11 ? 21  GLY A CA  1 
ATOM   164 C  C   . GLY A 1 24 ? 7.167   -9.444  -12.571 1.00 15.53 ? 21  GLY A C   1 
ATOM   165 O  O   . GLY A 1 24 ? 7.194   -9.434  -13.801 1.00 18.26 ? 21  GLY A O   1 
ATOM   166 N  N   . VAL A 1 25 ? 6.496   -8.547  -11.856 1.00 12.32 ? 22  VAL A N   1 
ATOM   167 C  CA  . VAL A 1 25 ? 5.736   -7.471  -12.489 1.00 11.73 ? 22  VAL A CA  1 
ATOM   168 C  C   . VAL A 1 25 ? 6.022   -6.128  -11.817 1.00 10.12 ? 22  VAL A C   1 
ATOM   169 O  O   . VAL A 1 25 ? 5.226   -5.192  -11.897 1.00 11.09 ? 22  VAL A O   1 
ATOM   170 C  CB  . VAL A 1 25 ? 4.211   -7.755  -12.489 1.00 11.32 ? 22  VAL A CB  1 
ATOM   171 C  CG1 . VAL A 1 25 ? 3.901   -8.996  -13.327 1.00 14.75 ? 22  VAL A CG1 1 
ATOM   172 C  CG2 . VAL A 1 25 ? 3.680   -7.916  -11.063 1.00 13.25 ? 22  VAL A CG2 1 
ATOM   173 N  N   . PHE A 1 26 ? 7.173   -6.038  -11.159 1.00 7.44  ? 23  PHE A N   1 
ATOM   174 C  CA  . PHE A 1 26 ? 7.577   -4.796  -10.515 1.00 7.38  ? 23  PHE A CA  1 
ATOM   175 C  C   . PHE A 1 26 ? 6.492   -4.293  -9.564  1.00 8.29  ? 23  PHE A C   1 
ATOM   176 O  O   . PHE A 1 26 ? 6.216   -3.095  -9.494  1.00 9.18  ? 23  PHE A O   1 
ATOM   177 C  CB  . PHE A 1 26 ? 7.898   -3.729  -11.569 1.00 10.03 ? 23  PHE A CB  1 
ATOM   178 C  CG  . PHE A 1 26 ? 9.071   -4.072  -12.448 1.00 10.66 ? 23  PHE A CG  1 
ATOM   179 C  CD1 . PHE A 1 26 ? 10.351  -4.126  -11.928 1.00 12.20 ? 23  PHE A CD1 1 
ATOM   180 C  CD2 . PHE A 1 26 ? 8.894   -4.325  -13.800 1.00 11.45 ? 23  PHE A CD2 1 
ATOM   181 C  CE1 . PHE A 1 26 ? 11.438  -4.437  -12.740 1.00 11.33 ? 23  PHE A CE1 1 
ATOM   182 C  CE2 . PHE A 1 26 ? 9.971   -4.633  -14.613 1.00 12.37 ? 23  PHE A CE2 1 
ATOM   183 C  CZ  . PHE A 1 26 ? 11.242  -4.689  -14.084 1.00 11.46 ? 23  PHE A CZ  1 
ATOM   184 N  N   . PHE A 1 27 ? 5.880   -5.208  -8.820  1.00 8.71  ? 24  PHE A N   1 
ATOM   185 C  CA  . PHE A 1 27 ? 4.786   -4.817  -7.934  1.00 8.51  ? 24  PHE A CA  1 
ATOM   186 C  C   . PHE A 1 27 ? 5.216   -3.838  -6.833  1.00 10.17 ? 24  PHE A C   1 
ATOM   187 O  O   . PHE A 1 27 ? 4.532   -2.836  -6.594  1.00 9.69  ? 24  PHE A O   1 
ATOM   188 C  CB  . PHE A 1 27 ? 4.082   -6.042  -7.338  1.00 10.36 ? 24  PHE A CB  1 
ATOM   189 C  CG  . PHE A 1 27 ? 2.622   -5.815  -7.069  1.00 10.42 ? 24  PHE A CG  1 
ATOM   190 C  CD1 . PHE A 1 27 ? 2.224   -4.962  -6.056  1.00 9.28  ? 24  PHE A CD1 1 
ATOM   191 C  CD2 . PHE A 1 27 ? 1.651   -6.438  -7.840  1.00 11.83 ? 24  PHE A CD2 1 
ATOM   192 C  CE1 . PHE A 1 27 ? 0.878   -4.732  -5.809  1.00 10.97 ? 24  PHE A CE1 1 
ATOM   193 C  CE2 . PHE A 1 27 ? 0.305   -6.213  -7.600  1.00 11.77 ? 24  PHE A CE2 1 
ATOM   194 C  CZ  . PHE A 1 27 ? -0.082  -5.362  -6.585  1.00 10.46 ? 24  PHE A CZ  1 
ATOM   195 N  N   . ARG A 1 28 ? 6.351   -4.109  -6.187  1.00 10.27 ? 25  ARG A N   1 
ATOM   196 C  CA  . ARG A 1 28 ? 6.881   -3.223  -5.147  1.00 11.87 ? 25  ARG A CA  1 
ATOM   197 C  C   . ARG A 1 28 ? 7.034   -1.798  -5.653  1.00 10.16 ? 25  ARG A C   1 
ATOM   198 O  O   . ARG A 1 28 ? 6.549   -0.851  -5.040  1.00 9.48  ? 25  ARG A O   1 
ATOM   199 C  CB  . ARG A 1 28 ? 8.251   -3.710  -4.659  1.00 14.34 ? 25  ARG A CB  1 
ATOM   200 C  CG  . ARG A 1 28 ? 8.235   -4.920  -3.748  1.00 17.59 ? 25  ARG A CG  1 
ATOM   201 C  CD  . ARG A 1 28 ? 9.657   -5.255  -3.310  1.00 17.58 ? 25  ARG A CD  1 
ATOM   202 N  NE  . ARG A 1 28 ? 10.583  -4.951  -4.391  1.00 20.69 ? 25  ARG A NE  1 
ATOM   203 C  CZ  . ARG A 1 28 ? 11.769  -4.375  -4.234  1.00 23.24 ? 25  ARG A CZ  1 
ATOM   204 N  NH1 . ARG A 1 28 ? 12.211  -4.058  -3.024  1.00 23.34 ? 25  ARG A NH1 1 
ATOM   205 N  NH2 . ARG A 1 28 ? 12.519  -4.123  -5.297  1.00 22.18 ? 25  ARG A NH2 1 
ATOM   206 N  N   . GLU A 1 29 ? 7.735   -1.646  -6.770  1.00 9.00  ? 26  GLU A N   1 
ATOM   207 C  CA  . GLU A 1 29 ? 7.987   -0.320  -7.317  1.00 10.03 ? 26  GLU A CA  1 
ATOM   208 C  C   . GLU A 1 29 ? 6.689   0.398   -7.679  1.00 9.78  ? 26  GLU A C   1 
ATOM   209 O  O   . GLU A 1 29 ? 6.569   1.604   -7.475  1.00 10.68 ? 26  GLU A O   1 
ATOM   210 C  CB  . GLU A 1 29 ? 8.930   -0.391  -8.522  1.00 10.94 ? 26  GLU A CB  1 
ATOM   211 C  CG  . GLU A 1 29 ? 10.338  -0.875  -8.168  1.00 11.69 ? 26  GLU A CG  1 
ATOM   212 C  CD  . GLU A 1 29 ? 10.470  -2.387  -8.171  1.00 13.28 ? 26  GLU A CD  1 
ATOM   213 O  OE1 . GLU A 1 29 ? 9.456   -3.093  -8.356  1.00 10.35 ? 26  GLU A OE1 1 
ATOM   214 O  OE2 . GLU A 1 29 ? 11.606  -2.878  -7.997  1.00 16.76 ? 26  GLU A OE2 1 
ATOM   215 N  N   . SER A 1 30 ? 5.714   -0.346  -8.191  1.00 7.45  ? 27  SER A N   1 
ATOM   216 C  CA  . SER A 1 30 ? 4.453   0.256   -8.630  1.00 8.36  ? 27  SER A CA  1 
ATOM   217 C  C   . SER A 1 30 ? 3.641   0.770   -7.444  1.00 9.65  ? 27  SER A C   1 
ATOM   218 O  O   . SER A 1 30 ? 2.972   1.802   -7.537  1.00 10.06 ? 27  SER A O   1 
ATOM   219 C  CB  . SER A 1 30 ? 3.627   -0.729  -9.471  1.00 11.65 ? 27  SER A CB  1 
ATOM   220 O  OG  . SER A 1 30 ? 2.934   -1.672  -8.672  1.00 14.36 ? 27  SER A OG  1 
ATOM   221 N  N   . VAL A 1 31 ? 3.707   0.046   -6.331  1.00 8.44  ? 28  VAL A N   1 
ATOM   222 C  CA  . VAL A 1 31 ? 3.035   0.467   -5.105  1.00 7.62  ? 28  VAL A CA  1 
ATOM   223 C  C   . VAL A 1 31 ? 3.687   1.744   -4.566  1.00 7.11  ? 28  VAL A C   1 
ATOM   224 O  O   . VAL A 1 31 ? 2.991   2.698   -4.205  1.00 8.56  ? 28  VAL A O   1 
ATOM   225 C  CB  . VAL A 1 31 ? 3.067   -0.640  -4.029  1.00 8.20  ? 28  VAL A CB  1 
ATOM   226 C  CG1 . VAL A 1 31 ? 2.573   -0.107  -2.692  1.00 8.48  ? 28  VAL A CG1 1 
ATOM   227 C  CG2 . VAL A 1 31 ? 2.227   -1.840  -4.475  1.00 10.47 ? 28  VAL A CG2 1 
ATOM   228 N  N   . ARG A 1 32 ? 5.018   1.774   -4.534  1.00 7.84  ? 29  ARG A N   1 
ATOM   229 C  CA  . ARG A 1 32 ? 5.723   2.971   -4.062  1.00 7.80  ? 29  ARG A CA  1 
ATOM   230 C  C   . ARG A 1 32 ? 5.360   4.190   -4.905  1.00 9.52  ? 29  ARG A C   1 
ATOM   231 O  O   . ARG A 1 32 ? 5.088   5.267   -4.372  1.00 8.59  ? 29  ARG A O   1 
ATOM   232 C  CB  . ARG A 1 32 ? 7.241   2.769   -4.054  1.00 6.33  ? 29  ARG A CB  1 
ATOM   233 C  CG  . ARG A 1 32 ? 8.023   4.035   -3.689  1.00 9.04  ? 29  ARG A CG  1 
ATOM   234 C  CD  . ARG A 1 32 ? 9.523   3.878   -3.949  1.00 7.99  ? 29  ARG A CD  1 
ATOM   235 N  NE  . ARG A 1 32 ? 9.776   3.592   -5.359  1.00 13.01 ? 29  ARG A NE  1 
ATOM   236 C  CZ  . ARG A 1 32 ? 10.852  2.962   -5.819  1.00 13.71 ? 29  ARG A CZ  1 
ATOM   237 N  NH1 . ARG A 1 32 ? 11.796  2.550   -4.980  1.00 13.93 ? 29  ARG A NH1 1 
ATOM   238 N  NH2 . ARG A 1 32 ? 10.982  2.741   -7.123  1.00 14.44 ? 29  ARG A NH2 1 
ATOM   239 N  N   . LYS A 1 33 ? 5.352   4.019   -6.224  1.00 8.56  ? 30  LYS A N   1 
ATOM   240 C  CA  . LYS A 1 33 ? 5.033   5.125   -7.124  1.00 9.36  ? 30  LYS A CA  1 
ATOM   241 C  C   . LYS A 1 33 ? 3.596   5.602   -6.932  1.00 9.60  ? 30  LYS A C   1 
ATOM   242 O  O   . LYS A 1 33 ? 3.336   6.805   -6.859  1.00 10.21 ? 30  LYS A O   1 
ATOM   243 C  CB  . LYS A 1 33 ? 5.267   4.727   -8.582  1.00 7.63  ? 30  LYS A CB  1 
ATOM   244 C  CG  . LYS A 1 33 ? 5.051   5.862   -9.584  1.00 10.88 ? 30  LYS A CG  1 
ATOM   245 C  CD  . LYS A 1 33 ? 5.508   5.441   -10.977 1.00 12.57 ? 30  LYS A CD  1 
ATOM   246 C  CE  . LYS A 1 33 ? 5.363   6.572   -11.993 1.00 14.01 ? 30  LYS A CE  1 
ATOM   247 N  NZ  . LYS A 1 33 ? 3.944   6.829   -12.361 1.00 16.30 ? 30  LYS A NZ  1 
ATOM   248 N  N   . LYS A 1 34 ? 2.666   4.656   -6.852  1.00 9.03  ? 31  LYS A N   1 
ATOM   249 C  CA  . LYS A 1 34 ? 1.267   4.999   -6.639  1.00 10.30 ? 31  LYS A CA  1 
ATOM   250 C  C   . LYS A 1 34 ? 1.091   5.711   -5.300  1.00 10.40 ? 31  LYS A C   1 
ATOM   251 O  O   . LYS A 1 34 ? 0.409   6.730   -5.213  1.00 8.51  ? 31  LYS A O   1 
ATOM   252 C  CB  . LYS A 1 34 ? 0.387   3.750   -6.714  1.00 9.98  ? 31  LYS A CB  1 
ATOM   253 C  CG  . LYS A 1 34 ? -1.094  4.005   -6.441  1.00 12.15 ? 31  LYS A CG  1 
ATOM   254 C  CD  . LYS A 1 34 ? -1.683  5.036   -7.386  1.00 17.59 ? 31  LYS A CD  1 
ATOM   255 C  CE  . LYS A 1 34 ? -1.780  4.505   -8.802  1.00 20.83 ? 31  LYS A CE  1 
ATOM   256 N  NZ  . LYS A 1 34 ? -2.601  5.420   -9.656  1.00 24.02 ? 31  LYS A NZ  1 
ATOM   257 N  N   . ALA A 1 35 ? 1.721   5.172   -4.259  1.00 9.47  ? 32  ALA A N   1 
ATOM   258 C  CA  . ALA A 1 35 ? 1.646   5.769   -2.932  1.00 8.73  ? 32  ALA A CA  1 
ATOM   259 C  C   . ALA A 1 35 ? 2.178   7.200   -2.932  1.00 9.48  ? 32  ALA A C   1 
ATOM   260 O  O   . ALA A 1 35 ? 1.557   8.101   -2.365  1.00 10.10 ? 32  ALA A O   1 
ATOM   261 C  CB  . ALA A 1 35 ? 2.392   4.918   -1.920  1.00 11.02 ? 32  ALA A CB  1 
ATOM   262 N  N   . GLU A 1 36 ? 3.329   7.413   -3.561  1.00 9.08  ? 33  GLU A N   1 
ATOM   263 C  CA  . GLU A 1 36 ? 3.902   8.754   -3.632  1.00 10.85 ? 33  GLU A CA  1 
ATOM   264 C  C   . GLU A 1 36 ? 2.964   9.722   -4.349  1.00 10.72 ? 33  GLU A C   1 
ATOM   265 O  O   . GLU A 1 36 ? 2.787   10.859  -3.917  1.00 12.37 ? 33  GLU A O   1 
ATOM   266 C  CB  . GLU A 1 36 ? 5.286   8.716   -4.287  1.00 10.96 ? 33  GLU A CB  1 
ATOM   267 C  CG  . GLU A 1 36 ? 6.299   7.995   -3.419  1.00 11.51 ? 33  GLU A CG  1 
ATOM   268 C  CD  . GLU A 1 36 ? 7.694   7.999   -3.999  1.00 15.24 ? 33  GLU A CD  1 
ATOM   269 O  OE1 . GLU A 1 36 ? 7.841   8.179   -5.229  1.00 15.37 ? 33  GLU A OE1 1 
ATOM   270 O  OE2 . GLU A 1 36 ? 8.647   7.820   -3.213  1.00 15.75 ? 33  GLU A OE2 1 
ATOM   271 N  N   . GLU A 1 37 ? 2.349   9.261   -5.433  1.00 10.78 ? 34  GLU A N   1 
ATOM   272 C  CA  . GLU A 1 37 ? 1.396   10.089  -6.167  1.00 11.69 ? 34  GLU A CA  1 
ATOM   273 C  C   . GLU A 1 37 ? 0.196   10.459  -5.303  1.00 13.92 ? 34  GLU A C   1 
ATOM   274 O  O   . GLU A 1 37 ? -0.408  11.518  -5.482  1.00 18.80 ? 34  GLU A O   1 
ATOM   275 C  CB  . GLU A 1 37 ? 0.967   9.390   -7.460  1.00 14.26 ? 34  GLU A CB  1 
ATOM   276 C  CG  . GLU A 1 37 ? 2.100   9.353   -8.477  1.00 18.64 ? 34  GLU A CG  1 
ATOM   277 C  CD  . GLU A 1 37 ? 1.887   8.364   -9.602  1.00 23.81 ? 34  GLU A CD  1 
ATOM   278 O  OE1 . GLU A 1 37 ? 0.915   7.581   -9.555  1.00 22.76 ? 34  GLU A OE1 1 
ATOM   279 O  OE2 . GLU A 1 37 ? 2.714   8.367   -10.538 1.00 25.31 ? 34  GLU A OE2 1 
ATOM   280 N  N   . LEU A 1 38 ? -0.127  9.592   -4.350  1.00 10.17 ? 35  LEU A N   1 
ATOM   281 C  CA  . LEU A 1 38 ? -1.230  9.848   -3.429  1.00 10.44 ? 35  LEU A CA  1 
ATOM   282 C  C   . LEU A 1 38 ? -0.777  10.487  -2.113  1.00 11.03 ? 35  LEU A C   1 
ATOM   283 O  O   . LEU A 1 38 ? -1.569  10.621  -1.180  1.00 10.39 ? 35  LEU A O   1 
ATOM   284 C  CB  . LEU A 1 38 ? -1.991  8.547   -3.155  1.00 9.17  ? 35  LEU A CB  1 
ATOM   285 C  CG  . LEU A 1 38 ? -2.672  7.934   -4.380  1.00 10.96 ? 35  LEU A CG  1 
ATOM   286 C  CD1 . LEU A 1 38 ? -3.148  6.530   -4.056  1.00 11.56 ? 35  LEU A CD1 1 
ATOM   287 C  CD2 . LEU A 1 38 ? -3.839  8.809   -4.830  1.00 14.41 ? 35  LEU A CD2 1 
ATOM   288 N  N   . GLN A 1 39 ? 0.495   10.865  -2.040  1.00 11.45 ? 36  GLN A N   1 
ATOM   289 C  CA  . GLN A 1 39 ? 1.061   11.463  -0.834  1.00 9.40  ? 36  GLN A CA  1 
ATOM   290 C  C   . GLN A 1 39 ? 0.910   10.574  0.397   1.00 9.75  ? 36  GLN A C   1 
ATOM   291 O  O   . GLN A 1 39 ? 0.525   11.042  1.477   1.00 10.98 ? 36  GLN A O   1 
ATOM   292 C  CB  . GLN A 1 39 ? 0.445   12.841  -0.564  1.00 10.58 ? 36  GLN A CB  1 
ATOM   293 C  CG  . GLN A 1 39 ? 0.675   13.838  -1.689  1.00 15.82 ? 36  GLN A CG  1 
ATOM   294 C  CD  . GLN A 1 39 ? 0.425   15.270  -1.258  1.00 29.81 ? 36  GLN A CD  1 
ATOM   295 O  OE1 . GLN A 1 39 ? 0.936   15.720  -0.230  1.00 33.10 ? 36  GLN A OE1 1 
ATOM   296 N  NE2 . GLN A 1 39 ? -0.366  15.994  -2.041  1.00 35.31 ? 36  GLN A NE2 1 
ATOM   297 N  N   . LEU A 1 40 ? 1.221   9.293   0.218   1.00 8.04  ? 37  LEU A N   1 
ATOM   298 C  CA  . LEU A 1 40 ? 1.214   8.332   1.311   1.00 7.75  ? 37  LEU A CA  1 
ATOM   299 C  C   . LEU A 1 40 ? 2.646   7.956   1.660   1.00 8.70  ? 37  LEU A C   1 
ATOM   300 O  O   . LEU A 1 40 ? 3.542   8.025   0.811   1.00 9.54  ? 37  LEU A O   1 
ATOM   301 C  CB  . LEU A 1 40 ? 0.442   7.075   0.904   1.00 7.70  ? 37  LEU A CB  1 
ATOM   302 C  CG  . LEU A 1 40 ? -1.042  7.266   0.581   1.00 7.78  ? 37  LEU A CG  1 
ATOM   303 C  CD1 . LEU A 1 40 ? -1.624  5.984   0.003   1.00 8.47  ? 37  LEU A CD1 1 
ATOM   304 C  CD2 . LEU A 1 40 ? -1.800  7.695   1.825   1.00 10.19 ? 37  LEU A CD2 1 
ATOM   305 N  N   . THR A 1 41 ? 2.851   7.557   2.912   1.00 7.51  ? 38  THR A N   1 
ATOM   306 C  CA  . THR A 1 41 ? 4.147   7.078   3.378   1.00 8.83  ? 38  THR A CA  1 
ATOM   307 C  C   . THR A 1 41 ? 4.011   5.640   3.874   1.00 10.38 ? 38  THR A C   1 
ATOM   308 O  O   . THR A 1 41 ? 2.903   5.122   3.999   1.00 9.05  ? 38  THR A O   1 
ATOM   309 C  CB  . THR A 1 41 ? 4.690   7.960   4.508   1.00 10.63 ? 38  THR A CB  1 
ATOM   310 O  OG1 . THR A 1 41 ? 3.765   7.949   5.604   1.00 10.39 ? 38  THR A OG1 1 
ATOM   311 C  CG2 . THR A 1 41 ? 4.878   9.392   4.020   1.00 12.20 ? 38  THR A CG2 1 
ATOM   312 N  N   . GLY A 1 42 ? 5.137   4.991   4.142   1.00 7.38  ? 39  GLY A N   1 
ATOM   313 C  CA  . GLY A 1 42 ? 5.107   3.601   4.553   1.00 7.51  ? 39  GLY A CA  1 
ATOM   314 C  C   . GLY A 1 42 ? 6.109   2.758   3.790   1.00 7.62  ? 39  GLY A C   1 
ATOM   315 O  O   . GLY A 1 42 ? 7.199   3.226   3.458   1.00 7.97  ? 39  GLY A O   1 
ATOM   316 N  N   . TRP A 1 43 ? 5.747   1.509   3.520   1.00 8.79  ? 40  TRP A N   1 
ATOM   317 C  CA  . TRP A 1 43 ? 6.676   0.587   2.872   1.00 7.35  ? 40  TRP A CA  1 
ATOM   318 C  C   . TRP A 1 43 ? 5.957   -0.560  2.169   1.00 8.64  ? 40  TRP A C   1 
ATOM   319 O  O   . TRP A 1 43 ? 4.788   -0.846  2.448   1.00 7.61  ? 40  TRP A O   1 
ATOM   320 C  CB  . TRP A 1 43 ? 7.680   0.027   3.892   1.00 7.13  ? 40  TRP A CB  1 
ATOM   321 C  CG  . TRP A 1 43 ? 7.044   -0.652  5.081   1.00 7.37  ? 40  TRP A CG  1 
ATOM   322 C  CD1 . TRP A 1 43 ? 6.793   -0.096  6.305   1.00 8.58  ? 40  TRP A CD1 1 
ATOM   323 C  CD2 . TRP A 1 43 ? 6.583   -2.010  5.154   1.00 6.32  ? 40  TRP A CD2 1 
ATOM   324 N  NE1 . TRP A 1 43 ? 6.206   -1.029  7.134   1.00 8.46  ? 40  TRP A NE1 1 
ATOM   325 C  CE2 . TRP A 1 43 ? 6.068   -2.208  6.453   1.00 8.90  ? 40  TRP A CE2 1 
ATOM   326 C  CE3 . TRP A 1 43 ? 6.561   -3.076  4.251   1.00 6.91  ? 40  TRP A CE3 1 
ATOM   327 C  CZ2 . TRP A 1 43 ? 5.532   -3.430  6.867   1.00 9.10  ? 40  TRP A CZ2 1 
ATOM   328 C  CZ3 . TRP A 1 43 ? 6.032   -4.290  4.665   1.00 8.68  ? 40  TRP A CZ3 1 
ATOM   329 C  CH2 . TRP A 1 43 ? 5.524   -4.455  5.961   1.00 10.21 ? 40  TRP A CH2 1 
ATOM   330 N  N   . VAL A 1 44 ? 6.665   -1.214  1.256   1.00 7.33  ? 41  VAL A N   1 
ATOM   331 C  CA  . VAL A 1 44 ? 6.104   -2.349  0.536   1.00 8.06  ? 41  VAL A CA  1 
ATOM   332 C  C   . VAL A 1 44 ? 7.176   -3.392  0.268   1.00 10.73 ? 41  VAL A C   1 
ATOM   333 O  O   . VAL A 1 44 ? 8.324   -3.059  -0.020  1.00 9.03  ? 41  VAL A O   1 
ATOM   334 C  CB  . VAL A 1 44 ? 5.465   -1.911  -0.805  1.00 6.39  ? 41  VAL A CB  1 
ATOM   335 C  CG1 . VAL A 1 44 ? 6.504   -1.252  -1.719  1.00 8.41  ? 41  VAL A CG1 1 
ATOM   336 C  CG2 . VAL A 1 44 ? 4.811   -3.099  -1.501  1.00 9.43  ? 41  VAL A CG2 1 
ATOM   337 N  N   . LYS A 1 45 ? 6.802   -4.659  0.369   1.00 9.98  ? 42  LYS A N   1 
ATOM   338 C  CA  . LYS A 1 45 ? 7.717   -5.723  -0.001  1.00 11.27 ? 42  LYS A CA  1 
ATOM   339 C  C   . LYS A 1 45 ? 6.977   -6.849  -0.699  1.00 8.60  ? 42  LYS A C   1 
ATOM   340 O  O   . LYS A 1 45 ? 5.746   -6.929  -0.648  1.00 7.44  ? 42  LYS A O   1 
ATOM   341 C  CB  . LYS A 1 45 ? 8.469   -6.244  1.224   1.00 15.57 ? 42  LYS A CB  1 
ATOM   342 C  CG  . LYS A 1 45 ? 7.592   -6.988  2.203   1.00 11.91 ? 42  LYS A CG  1 
ATOM   343 C  CD  . LYS A 1 45 ? 8.305   -7.253  3.534   1.00 18.40 ? 42  LYS A CD  1 
ATOM   344 C  CE  . LYS A 1 45 ? 9.201   -8.472  3.468   1.00 22.63 ? 42  LYS A CE  1 
ATOM   345 N  NZ  . LYS A 1 45 ? 9.459   -9.025  4.829   1.00 24.31 ? 42  LYS A NZ  1 
ATOM   346 N  N   . ASN A 1 46 ? 7.740   -7.699  -1.374  1.00 8.27  ? 43  ASN A N   1 
ATOM   347 C  CA  . ASN A 1 46 ? 7.221   -8.930  -1.939  1.00 9.27  ? 43  ASN A CA  1 
ATOM   348 C  C   . ASN A 1 46 ? 7.643   -10.034 -1.005  1.00 11.09 ? 43  ASN A C   1 
ATOM   349 O  O   . ASN A 1 46 ? 8.833   -10.281 -0.851  1.00 19.34 ? 43  ASN A O   1 
ATOM   350 C  CB  . ASN A 1 46 ? 7.851   -9.200  -3.308  1.00 15.85 ? 43  ASN A CB  1 
ATOM   351 C  CG  . ASN A 1 46 ? 7.048   -8.615  -4.451  1.00 24.40 ? 43  ASN A CG  1 
ATOM   352 O  OD1 . ASN A 1 46 ? 7.276   -7.483  -4.861  1.00 33.58 ? 43  ASN A OD1 1 
ATOM   353 N  ND2 . ASN A 1 46 ? 6.113   -9.393  -4.981  1.00 20.85 ? 43  ASN A ND2 1 
ATOM   354 N  N   . LEU A 1 47 ? 6.687   -10.697 -0.372  1.00 9.34  ? 44  LEU A N   1 
ATOM   355 C  CA  . LEU A 1 47 ? 7.028   -11.837 0.463   1.00 8.83  ? 44  LEU A CA  1 
ATOM   356 C  C   . LEU A 1 47 ? 7.438   -12.989 -0.449  1.00 10.08 ? 44  LEU A C   1 
ATOM   357 O  O   . LEU A 1 47 ? 6.764   -13.280 -1.439  1.00 9.59  ? 44  LEU A O   1 
ATOM   358 C  CB  . LEU A 1 47 ? 5.842   -12.225 1.354   1.00 8.61  ? 44  LEU A CB  1 
ATOM   359 C  CG  . LEU A 1 47 ? 5.360   -11.126 2.308   1.00 9.52  ? 44  LEU A CG  1 
ATOM   360 C  CD1 . LEU A 1 47 ? 4.113   -11.585 3.045   1.00 10.89 ? 44  LEU A CD1 1 
ATOM   361 C  CD2 . LEU A 1 47 ? 6.452   -10.724 3.292   1.00 13.65 ? 44  LEU A CD2 1 
ATOM   362 N  N   . SER A 1 48 ? 8.558   -13.629 -0.130  1.00 7.80  ? 45  SER A N   1 
ATOM   363 C  CA  . SER A 1 48 ? 9.076   -14.707 -0.963  1.00 8.97  ? 45  SER A CA  1 
ATOM   364 C  C   . SER A 1 48 ? 8.072   -15.852 -1.084  1.00 9.71  ? 45  SER A C   1 
ATOM   365 O  O   . SER A 1 48 ? 7.615   -16.390 -0.080  1.00 10.12 ? 45  SER A O   1 
ATOM   366 C  CB  . SER A 1 48 ? 10.402  -15.212 -0.395  1.00 11.26 ? 45  SER A CB  1 
ATOM   367 O  OG  . SER A 1 48 ? 10.999  -16.166 -1.257  1.00 16.80 ? 45  SER A OG  1 
ATOM   368 N  N   . HIS A 1 49 ? 7.728   -16.211 -2.320  1.00 9.12  ? 46  HIS A N   1 
ATOM   369 C  CA  . HIS A 1 49 ? 6.770   -17.276 -2.594  1.00 9.16  ? 46  HIS A CA  1 
ATOM   370 C  C   . HIS A 1 49 ? 5.371   -16.963 -2.083  1.00 11.68 ? 46  HIS A C   1 
ATOM   371 O  O   . HIS A 1 49 ? 4.532   -17.856 -1.978  1.00 13.06 ? 46  HIS A O   1 
ATOM   372 C  CB  . HIS A 1 49 ? 7.249   -18.605 -2.002  1.00 11.30 ? 46  HIS A CB  1 
ATOM   373 C  CG  . HIS A 1 49 ? 8.604   -19.020 -2.480  1.00 15.52 ? 46  HIS A CG  1 
ATOM   374 N  ND1 . HIS A 1 49 ? 8.893   -19.210 -3.816  1.00 20.45 ? 46  HIS A ND1 1 
ATOM   375 C  CD2 . HIS A 1 49 ? 9.745   -19.282 -1.807  1.00 19.52 ? 46  HIS A CD2 1 
ATOM   376 C  CE1 . HIS A 1 49 ? 10.156  -19.568 -3.941  1.00 21.25 ? 46  HIS A CE1 1 
ATOM   377 N  NE2 . HIS A 1 49 ? 10.699  -19.621 -2.738  1.00 20.18 ? 46  HIS A NE2 1 
ATOM   378 N  N   . GLY A 1 50 ? 5.113   -15.695 -1.782  1.00 10.85 ? 47  GLY A N   1 
ATOM   379 C  CA  . GLY A 1 50 ? 3.868   -15.319 -1.146  1.00 9.78  ? 47  GLY A CA  1 
ATOM   380 C  C   . GLY A 1 50 ? 3.274   -14.012 -1.632  1.00 10.32 ? 47  GLY A C   1 
ATOM   381 O  O   . GLY A 1 50 ? 3.413   -13.640 -2.802  1.00 11.57 ? 47  GLY A O   1 
ATOM   382 N  N   . ASP A 1 51 ? 2.609   -13.314 -0.716  1.00 10.48 ? 48  ASP A N   1 
ATOM   383 C  CA  . ASP A 1 51 ? 1.842   -12.115 -1.039  1.00 9.10  ? 48  ASP A CA  1 
ATOM   384 C  C   . ASP A 1 51 ? 2.713   -10.875 -1.088  1.00 9.66  ? 48  ASP A C   1 
ATOM   385 O  O   . ASP A 1 51 ? 3.839   -10.876 -0.595  1.00 11.39 ? 48  ASP A O   1 
ATOM   386 C  CB  . ASP A 1 51 ? 0.771   -11.873 0.030   1.00 10.36 ? 48  ASP A CB  1 
ATOM   387 C  CG  . ASP A 1 51 ? -0.278  -12.963 0.077   1.00 15.11 ? 48  ASP A CG  1 
ATOM   388 O  OD1 . ASP A 1 51 ? -0.472  -13.661 -0.934  1.00 15.55 ? 48  ASP A OD1 1 
ATOM   389 O  OD2 . ASP A 1 51 ? -0.923  -13.105 1.137   1.00 17.60 ? 48  ASP A OD2 1 
ATOM   390 N  N   . VAL A 1 52 ? 2.176   -9.805  -1.666  1.00 7.21  ? 49  VAL A N   1 
ATOM   391 C  CA  . VAL A 1 52 ? 2.766   -8.488  -1.479  1.00 8.42  ? 49  VAL A CA  1 
ATOM   392 C  C   . VAL A 1 52 ? 2.270   -7.960  -0.137  1.00 9.34  ? 49  VAL A C   1 
ATOM   393 O  O   . VAL A 1 52 ? 1.111   -8.168  0.225   1.00 8.68  ? 49  VAL A O   1 
ATOM   394 C  CB  . VAL A 1 52 ? 2.383   -7.531  -2.627  1.00 7.85  ? 49  VAL A CB  1 
ATOM   395 C  CG1 . VAL A 1 52 ? 2.652   -6.081  -2.252  1.00 10.07 ? 49  VAL A CG1 1 
ATOM   396 C  CG2 . VAL A 1 52 ? 3.140   -7.907  -3.892  1.00 11.44 ? 49  VAL A CG2 1 
ATOM   397 N  N   . GLU A 1 53 ? 3.152   -7.322  0.626   1.00 5.87  ? 50  GLU A N   1 
ATOM   398 C  CA  . GLU A 1 53 ? 2.769   -6.777  1.921   1.00 8.14  ? 50  GLU A CA  1 
ATOM   399 C  C   . GLU A 1 53 ? 3.144   -5.305  1.978   1.00 7.32  ? 50  GLU A C   1 
ATOM   400 O  O   . GLU A 1 53 ? 4.221   -4.917  1.535   1.00 7.34  ? 50  GLU A O   1 
ATOM   401 C  CB  . GLU A 1 53 ? 3.450   -7.535  3.066   1.00 7.59  ? 50  GLU A CB  1 
ATOM   402 C  CG  . GLU A 1 53 ? 3.044   -7.024  4.443   1.00 7.32  ? 50  GLU A CG  1 
ATOM   403 C  CD  . GLU A 1 53 ? 3.904   -7.577  5.565   1.00 8.89  ? 50  GLU A CD  1 
ATOM   404 O  OE1 . GLU A 1 53 ? 4.942   -8.209  5.274   1.00 8.40  ? 50  GLU A OE1 1 
ATOM   405 O  OE2 . GLU A 1 53 ? 3.536   -7.366  6.741   1.00 9.46  ? 50  GLU A OE2 1 
ATOM   406 N  N   . LEU A 1 54 ? 2.258   -4.474  2.517   1.00 6.23  ? 51  LEU A N   1 
ATOM   407 C  CA  . LEU A 1 54 ? 2.577   -3.054  2.637   1.00 9.12  ? 51  LEU A CA  1 
ATOM   408 C  C   . LEU A 1 54 ? 1.928   -2.407  3.850   1.00 8.72  ? 51  LEU A C   1 
ATOM   409 O  O   . LEU A 1 54 ? 0.939   -2.905  4.385   1.00 7.35  ? 51  LEU A O   1 
ATOM   410 C  CB  . LEU A 1 54 ? 2.173   -2.280  1.371   1.00 6.61  ? 51  LEU A CB  1 
ATOM   411 C  CG  . LEU A 1 54 ? 0.678   -2.286  1.039   1.00 7.66  ? 51  LEU A CG  1 
ATOM   412 C  CD1 . LEU A 1 54 ? 0.215   -0.875  0.720   1.00 8.44  ? 51  LEU A CD1 1 
ATOM   413 C  CD2 . LEU A 1 54 ? 0.400   -3.217  -0.126  1.00 8.95  ? 51  LEU A CD2 1 
ATOM   414 N  N   . VAL A 1 55 ? 2.527   -1.304  4.288   1.00 5.64  ? 52  VAL A N   1 
ATOM   415 C  CA  . VAL A 1 55 ? 1.897   -0.379  5.214   1.00 5.67  ? 52  VAL A CA  1 
ATOM   416 C  C   . VAL A 1 55 ? 1.815   0.969   4.507   1.00 6.25  ? 52  VAL A C   1 
ATOM   417 O  O   . VAL A 1 55 ? 2.782   1.414   3.877   1.00 7.92  ? 52  VAL A O   1 
ATOM   418 C  CB  . VAL A 1 55 ? 2.713   -0.236  6.512   1.00 5.82  ? 52  VAL A CB  1 
ATOM   419 C  CG1 . VAL A 1 55 ? 2.241   0.977   7.314   1.00 7.57  ? 52  VAL A CG1 1 
ATOM   420 C  CG2 . VAL A 1 55 ? 2.607   -1.515  7.351   1.00 6.87  ? 52  VAL A CG2 1 
ATOM   421 N  N   . ALA A 1 56 ? 0.651   1.604   4.579   1.00 7.02  ? 53  ALA A N   1 
ATOM   422 C  CA  . ALA A 1 56 ? 0.459   2.903   3.950   1.00 8.12  ? 53  ALA A CA  1 
ATOM   423 C  C   . ALA A 1 56 ? -0.176  3.854   4.952   1.00 7.78  ? 53  ALA A C   1 
ATOM   424 O  O   . ALA A 1 56 ? -1.154  3.499   5.613   1.00 7.62  ? 53  ALA A O   1 
ATOM   425 C  CB  . ALA A 1 56 ? -0.407  2.774   2.714   1.00 7.49  ? 53  ALA A CB  1 
ATOM   426 N  N   . CYS A 1 57 ? 0.390   5.054   5.064   1.00 5.74  ? 54  CYS A N   1 
ATOM   427 C  CA  . CYS A 1 57 ? -0.082  6.060   6.006   1.00 6.54  ? 54  CYS A CA  1 
ATOM   428 C  C   . CYS A 1 57 ? -0.311  7.375   5.280   1.00 8.79  ? 54  CYS A C   1 
ATOM   429 O  O   . CYS A 1 57 ? 0.475   7.760   4.408   1.00 8.03  ? 54  CYS A O   1 
ATOM   430 C  CB  . CYS A 1 57 ? 0.955   6.300   7.106   1.00 5.76  ? 54  CYS A CB  1 
ATOM   431 S  SG  . CYS A 1 57 ? 1.385   4.856   8.097   1.00 7.18  ? 54  CYS A SG  1 
ATOM   432 N  N   . GLY A 1 58 ? -1.380  8.064   5.657   1.00 6.76  ? 55  GLY A N   1 
ATOM   433 C  CA  . GLY A 1 58 ? -1.666  9.379   5.122   1.00 7.74  ? 55  GLY A CA  1 
ATOM   434 C  C   . GLY A 1 58 ? -3.153  9.659   5.195   1.00 10.15 ? 55  GLY A C   1 
ATOM   435 O  O   . GLY A 1 58 ? -3.868  9.062   6.002   1.00 9.00  ? 55  GLY A O   1 
ATOM   436 N  N   . GLU A 1 59 ? -3.623  10.567  4.352   1.00 9.52  ? 56  GLU A N   1 
ATOM   437 C  CA  . GLU A 1 59 ? -5.034  10.929  4.356   1.00 9.82  ? 56  GLU A CA  1 
ATOM   438 C  C   . GLU A 1 59 ? -5.907  9.762   3.901   1.00 8.35  ? 56  GLU A C   1 
ATOM   439 O  O   . GLU A 1 59 ? -5.495  8.957   3.067   1.00 8.84  ? 56  GLU A O   1 
ATOM   440 C  CB  . GLU A 1 59 ? -5.251  12.184  3.514   1.00 9.93  ? 56  GLU A CB  1 
ATOM   441 C  CG  . GLU A 1 59 ? -4.564  13.387  4.145   1.00 13.04 ? 56  GLU A CG  1 
ATOM   442 C  CD  . GLU A 1 59 ? -4.913  14.702  3.490   1.00 19.83 ? 56  GLU A CD  1 
ATOM   443 O  OE1 . GLU A 1 59 ? -5.399  14.693  2.341   1.00 19.20 ? 56  GLU A OE1 1 
ATOM   444 O  OE2 . GLU A 1 59 ? -4.704  15.750  4.138   1.00 21.36 ? 56  GLU A OE2 1 
ATOM   445 N  N   . ARG A 1 60 ? -7.107  9.661   4.464   1.00 9.39  ? 57  ARG A N   1 
ATOM   446 C  CA  . ARG A 1 60 ? -7.958  8.492   4.232   1.00 7.17  ? 57  ARG A CA  1 
ATOM   447 C  C   . ARG A 1 60 ? -8.468  8.367   2.795   1.00 8.47  ? 57  ARG A C   1 
ATOM   448 O  O   . ARG A 1 60 ? -8.586  7.256   2.276   1.00 8.77  ? 57  ARG A O   1 
ATOM   449 C  CB  . ARG A 1 60 ? -9.115  8.468   5.234   1.00 6.95  ? 57  ARG A CB  1 
ATOM   450 C  CG  . ARG A 1 60 ? -8.639  8.269   6.672   1.00 7.29  ? 57  ARG A CG  1 
ATOM   451 C  CD  . ARG A 1 60 ? -9.780  8.438   7.666   1.00 7.62  ? 57  ARG A CD  1 
ATOM   452 N  NE  . ARG A 1 60 ? -9.335  8.309   9.052   1.00 9.07  ? 57  ARG A NE  1 
ATOM   453 C  CZ  . ARG A 1 60 ? -8.829  9.310   9.768   1.00 9.82  ? 57  ARG A CZ  1 
ATOM   454 N  NH1 . ARG A 1 60 ? -8.689  10.510  9.218   1.00 12.00 ? 57  ARG A NH1 1 
ATOM   455 N  NH2 . ARG A 1 60 ? -8.453  9.113   11.027  1.00 10.35 ? 57  ARG A NH2 1 
ATOM   456 N  N   . ASP A 1 61 ? -8.769  9.489   2.149   1.00 8.75  ? 58  ASP A N   1 
ATOM   457 C  CA  . ASP A 1 61 ? -9.173  9.428   0.751   1.00 10.05 ? 58  ASP A CA  1 
ATOM   458 C  C   . ASP A 1 61 ? -8.078  8.762   -0.080  1.00 9.47  ? 58  ASP A C   1 
ATOM   459 O  O   . ASP A 1 61 ? -8.364  7.898   -0.905  1.00 11.37 ? 58  ASP A O   1 
ATOM   460 C  CB  . ASP A 1 61 ? -9.474  10.820  0.195   1.00 12.19 ? 58  ASP A CB  1 
ATOM   461 C  CG  . ASP A 1 61 ? -10.815 11.368  0.657   1.00 16.01 ? 58  ASP A CG  1 
ATOM   462 O  OD1 . ASP A 1 61 ? -11.466 10.747  1.519   1.00 13.12 ? 58  ASP A OD1 1 
ATOM   463 O  OD2 . ASP A 1 61 ? -11.208 12.439  0.147   1.00 16.47 ? 58  ASP A OD2 1 
ATOM   464 N  N   . SER A 1 62 ? -6.828  9.171   0.142   1.00 8.37  ? 59  SER A N   1 
ATOM   465 C  CA  . SER A 1 62 ? -5.695  8.579   -0.573  1.00 9.41  ? 59  SER A CA  1 
ATOM   466 C  C   . SER A 1 62 ? -5.551  7.094   -0.252  1.00 11.31 ? 59  SER A C   1 
ATOM   467 O  O   . SER A 1 62 ? -5.341  6.273   -1.143  1.00 8.27  ? 59  SER A O   1 
ATOM   468 C  CB  . SER A 1 62 ? -4.394  9.313   -0.248  1.00 12.09 ? 59  SER A CB  1 
ATOM   469 O  OG  . SER A 1 62 ? -4.383  10.596  -0.847  1.00 15.28 ? 59  SER A OG  1 
ATOM   470 N  N   A ILE A 1 63 ? -5.647  6.755   1.027   0.86 8.66  ? 60  ILE A N   1 
ATOM   471 N  N   B ILE A 1 63 ? -5.671  6.767   1.031   0.14 9.45  ? 60  ILE A N   1 
ATOM   472 C  CA  A ILE A 1 63 ? -5.595  5.356   1.445   0.86 9.21  ? 60  ILE A CA  1 
ATOM   473 C  CA  B ILE A 1 63 ? -5.625  5.383   1.489   0.14 9.54  ? 60  ILE A CA  1 
ATOM   474 C  C   A ILE A 1 63 ? -6.636  4.525   0.689   0.86 11.10 ? 60  ILE A C   1 
ATOM   475 C  C   B ILE A 1 63 ? -6.637  4.528   0.736   0.14 10.15 ? 60  ILE A C   1 
ATOM   476 O  O   A ILE A 1 63 ? -6.332  3.454   0.151   0.86 9.13  ? 60  ILE A O   1 
ATOM   477 O  O   B ILE A 1 63 ? -6.318  3.434   0.267   0.14 10.12 ? 60  ILE A O   1 
ATOM   478 C  CB  A ILE A 1 63 ? -5.792  5.231   2.974   0.86 9.31  ? 60  ILE A CB  1 
ATOM   479 C  CB  B ILE A 1 63 ? -5.918  5.289   3.000   0.14 9.60  ? 60  ILE A CB  1 
ATOM   480 C  CG1 A ILE A 1 63 ? -4.563  5.777   3.708   0.86 10.49 ? 60  ILE A CG1 1 
ATOM   481 C  CG1 B ILE A 1 63 ? -4.795  5.946   3.805   0.14 10.05 ? 60  ILE A CG1 1 
ATOM   482 C  CG2 A ILE A 1 63 ? -6.072  3.788   3.377   0.86 11.43 ? 60  ILE A CG2 1 
ATOM   483 C  CG2 B ILE A 1 63 ? -6.095  3.839   3.424   0.14 10.17 ? 60  ILE A CG2 1 
ATOM   484 C  CD1 A ILE A 1 63 ? -4.693  5.766   5.209   0.86 11.29 ? 60  ILE A CD1 1 
ATOM   485 C  CD1 B ILE A 1 63 ? -3.472  5.228   3.696   0.14 9.15  ? 60  ILE A CD1 1 
HETATM 486 N  N   . MSE A 1 64 ? -7.859  5.035   0.619   1.00 10.53 ? 61  MSE A N   1 
HETATM 487 C  CA  . MSE A 1 64 ? -8.937  4.281   -0.015  1.00 10.88 ? 61  MSE A CA  1 
HETATM 488 C  C   . MSE A 1 64 ? -8.834  4.208   -1.535  1.00 13.08 ? 61  MSE A C   1 
HETATM 489 O  O   . MSE A 1 64 ? -9.293  3.249   -2.144  1.00 15.69 ? 61  MSE A O   1 
HETATM 490 C  CB  . MSE A 1 64 ? -10.304 4.804   0.436   1.00 11.35 ? 61  MSE A CB  1 
HETATM 491 C  CG  . MSE A 1 64 ? -10.545 4.597   1.923   1.00 12.26 ? 61  MSE A CG  1 
HETATM 492 SE SE  . MSE A 1 64 ? -10.477 2.692   2.408   1.00 18.89 ? 61  MSE A SE  1 
HETATM 493 C  CE  . MSE A 1 64 ? -12.095 2.134   1.485   1.00 19.70 ? 61  MSE A CE  1 
ATOM   494 N  N   . ILE A 1 65 ? -8.222  5.215   -2.143  1.00 10.48 ? 62  ILE A N   1 
ATOM   495 C  CA  . ILE A 1 65 ? -7.907  5.139   -3.558  1.00 9.67  ? 62  ILE A CA  1 
ATOM   496 C  C   . ILE A 1 65 ? -6.850  4.053   -3.784  1.00 8.65  ? 62  ILE A C   1 
ATOM   497 O  O   . ILE A 1 65 ? -6.958  3.253   -4.714  1.00 10.65 ? 62  ILE A O   1 
ATOM   498 C  CB  . ILE A 1 65 ? -7.422  6.489   -4.088  1.00 8.23  ? 62  ILE A CB  1 
ATOM   499 C  CG1 . ILE A 1 65 ? -8.578  7.495   -4.072  1.00 13.72 ? 62  ILE A CG1 1 
ATOM   500 C  CG2 . ILE A 1 65 ? -6.854  6.344   -5.500  1.00 13.09 ? 62  ILE A CG2 1 
ATOM   501 C  CD1 . ILE A 1 65 ? -8.152  8.897   -4.394  1.00 16.83 ? 62  ILE A CD1 1 
ATOM   502 N  N   . LEU A 1 66 ? -5.843  4.008   -2.915  1.00 9.68  ? 63  LEU A N   1 
ATOM   503 C  CA  . LEU A 1 66 ? -4.818  2.969   -3.011  1.00 9.11  ? 63  LEU A CA  1 
ATOM   504 C  C   . LEU A 1 66 ? -5.393  1.560   -2.896  1.00 9.22  ? 63  LEU A C   1 
ATOM   505 O  O   . LEU A 1 66 ? -5.075  0.692   -3.711  1.00 11.30 ? 63  LEU A O   1 
ATOM   506 C  CB  . LEU A 1 66 ? -3.743  3.163   -1.941  1.00 8.84  ? 63  LEU A CB  1 
ATOM   507 C  CG  . LEU A 1 66 ? -2.617  2.126   -1.968  1.00 10.63 ? 63  LEU A CG  1 
ATOM   508 C  CD1 . LEU A 1 66 ? -1.772  2.303   -3.218  1.00 11.59 ? 63  LEU A CD1 1 
ATOM   509 C  CD2 . LEU A 1 66 ? -1.763  2.265   -0.717  1.00 10.97 ? 63  LEU A CD2 1 
ATOM   510 N  N   . THR A 1 67 ? -6.231  1.329   -1.885  1.00 9.44  ? 64  THR A N   1 
ATOM   511 C  CA  . THR A 1 67 ? -6.792  -0.006  -1.677  1.00 10.46 ? 64  THR A CA  1 
ATOM   512 C  C   . THR A 1 67 ? -7.630  -0.471  -2.868  1.00 12.81 ? 64  THR A C   1 
ATOM   513 O  O   . THR A 1 67 ? -7.680  -1.662  -3.158  1.00 14.15 ? 64  THR A O   1 
ATOM   514 C  CB  . THR A 1 67 ? -7.617  -0.134  -0.368  1.00 11.02 ? 64  THR A CB  1 
ATOM   515 O  OG1 . THR A 1 67 ? -8.727  0.772   -0.390  1.00 12.52 ? 64  THR A OG1 1 
ATOM   516 C  CG2 . THR A 1 67 ? -6.753  0.142   0.855   1.00 13.58 ? 64  THR A CG2 1 
ATOM   517 N  N   . GLU A 1 68 ? -8.285  0.459   -3.557  1.00 9.49  ? 65  GLU A N   1 
ATOM   518 C  CA  . GLU A 1 68 ? -9.055  0.077   -4.734  1.00 10.21 ? 65  GLU A CA  1 
ATOM   519 C  C   . GLU A 1 68 ? -8.114  -0.252  -5.888  1.00 11.65 ? 65  GLU A C   1 
ATOM   520 O  O   . GLU A 1 68 ? -8.325  -1.219  -6.621  1.00 14.32 ? 65  GLU A O   1 
ATOM   521 C  CB  . GLU A 1 68 ? -10.052 1.161   -5.147  1.00 14.17 ? 65  GLU A CB  1 
ATOM   522 C  CG  . GLU A 1 68 ? -10.807 0.797   -6.421  1.00 21.09 ? 65  GLU A CG  1 
ATOM   523 C  CD  . GLU A 1 68 ? -12.012 1.678   -6.683  1.00 29.44 ? 65  GLU A CD  1 
ATOM   524 O  OE1 . GLU A 1 68 ? -12.473 2.366   -5.747  1.00 30.04 ? 65  GLU A OE1 1 
ATOM   525 O  OE2 . GLU A 1 68 ? -12.505 1.674   -7.832  1.00 34.19 ? 65  GLU A OE2 1 
ATOM   526 N  N   . TRP A 1 69 ? -7.063  0.551   -6.029  1.00 9.15  ? 66  TRP A N   1 
ATOM   527 C  CA  . TRP A 1 69 ? -6.090  0.351   -7.091  1.00 8.09  ? 66  TRP A CA  1 
ATOM   528 C  C   . TRP A 1 69 ? -5.336  -0.974  -6.948  1.00 9.00  ? 66  TRP A C   1 
ATOM   529 O  O   . TRP A 1 69 ? -4.916  -1.572  -7.942  1.00 11.71 ? 66  TRP A O   1 
ATOM   530 C  CB  . TRP A 1 69 ? -5.100  1.519   -7.136  1.00 9.65  ? 66  TRP A CB  1 
ATOM   531 C  CG  . TRP A 1 69 ? -4.005  1.295   -8.127  1.00 11.08 ? 66  TRP A CG  1 
ATOM   532 C  CD1 . TRP A 1 69 ? -4.053  1.540   -9.470  1.00 11.33 ? 66  TRP A CD1 1 
ATOM   533 C  CD2 . TRP A 1 69 ? -2.707  0.749   -7.863  1.00 11.66 ? 66  TRP A CD2 1 
ATOM   534 N  NE1 . TRP A 1 69 ? -2.858  1.188   -10.056 1.00 11.34 ? 66  TRP A NE1 1 
ATOM   535 C  CE2 . TRP A 1 69 ? -2.017  0.702   -9.088  1.00 11.92 ? 66  TRP A CE2 1 
ATOM   536 C  CE3 . TRP A 1 69 ? -2.059  0.304   -6.705  1.00 9.75  ? 66  TRP A CE3 1 
ATOM   537 C  CZ2 . TRP A 1 69 ? -0.712  0.224   -9.192  1.00 13.40 ? 66  TRP A CZ2 1 
ATOM   538 C  CZ3 . TRP A 1 69 ? -0.763  -0.173  -6.810  1.00 12.04 ? 66  TRP A CZ3 1 
ATOM   539 C  CH2 . TRP A 1 69 ? -0.105  -0.209  -8.045  1.00 13.86 ? 66  TRP A CH2 1 
ATOM   540 N  N   . LEU A 1 70 ? -5.161  -1.435  -5.713  1.00 9.28  ? 67  LEU A N   1 
ATOM   541 C  CA  . LEU A 1 70 ? -4.418  -2.669  -5.480  1.00 8.31  ? 67  LEU A CA  1 
ATOM   542 C  C   . LEU A 1 70 ? -5.089  -3.887  -6.107  1.00 11.22 ? 67  LEU A C   1 
ATOM   543 O  O   . LEU A 1 70 ? -4.445  -4.909  -6.319  1.00 11.75 ? 67  LEU A O   1 
ATOM   544 C  CB  . LEU A 1 70 ? -4.181  -2.896  -3.981  1.00 10.42 ? 67  LEU A CB  1 
ATOM   545 C  CG  . LEU A 1 70 ? -3.141  -1.974  -3.339  1.00 10.16 ? 67  LEU A CG  1 
ATOM   546 C  CD1 . LEU A 1 70 ? -3.172  -2.128  -1.830  1.00 10.00 ? 67  LEU A CD1 1 
ATOM   547 C  CD2 . LEU A 1 70 ? -1.737  -2.243  -3.882  1.00 9.95  ? 67  LEU A CD2 1 
ATOM   548 N  N   . TRP A 1 71 ? -6.381  -3.780  -6.407  1.00 10.56 ? 68  TRP A N   1 
ATOM   549 C  CA  . TRP A 1 71 ? -7.075  -4.878  -7.082  1.00 10.33 ? 68  TRP A CA  1 
ATOM   550 C  C   . TRP A 1 71 ? -6.657  -4.963  -8.542  1.00 10.48 ? 68  TRP A C   1 
ATOM   551 O  O   . TRP A 1 71 ? -6.822  -6.000  -9.179  1.00 13.80 ? 68  TRP A O   1 
ATOM   552 C  CB  . TRP A 1 71 ? -8.593  -4.725  -6.983  1.00 12.55 ? 68  TRP A CB  1 
ATOM   553 C  CG  . TRP A 1 71 ? -9.144  -5.053  -5.637  1.00 11.14 ? 68  TRP A CG  1 
ATOM   554 C  CD1 . TRP A 1 71 ? -9.390  -4.180  -4.620  1.00 11.97 ? 68  TRP A CD1 1 
ATOM   555 C  CD2 . TRP A 1 71 ? -9.534  -6.348  -5.158  1.00 12.35 ? 68  TRP A CD2 1 
ATOM   556 N  NE1 . TRP A 1 71 ? -9.904  -4.849  -3.537  1.00 13.65 ? 68  TRP A NE1 1 
ATOM   557 C  CE2 . TRP A 1 71 ? -10.004 -6.181  -3.842  1.00 12.93 ? 68  TRP A CE2 1 
ATOM   558 C  CE3 . TRP A 1 71 ? -9.532  -7.631  -5.717  1.00 13.55 ? 68  TRP A CE3 1 
ATOM   559 C  CZ2 . TRP A 1 71 ? -10.464 -7.250  -3.070  1.00 13.29 ? 68  TRP A CZ2 1 
ATOM   560 C  CZ3 . TRP A 1 71 ? -9.991  -8.690  -4.948  1.00 11.41 ? 68  TRP A CZ3 1 
ATOM   561 C  CH2 . TRP A 1 71 ? -10.449 -8.493  -3.641  1.00 12.10 ? 68  TRP A CH2 1 
ATOM   562 N  N   . GLU A 1 72 ? -6.129  -3.863  -9.071  1.00 10.26 ? 69  GLU A N   1 
ATOM   563 C  CA  . GLU A 1 72 ? -5.652  -3.821  -10.447 1.00 12.37 ? 69  GLU A CA  1 
ATOM   564 C  C   . GLU A 1 72 ? -4.148  -4.067  -10.506 1.00 13.18 ? 69  GLU A C   1 
ATOM   565 O  O   . GLU A 1 72 ? -3.683  -4.983  -11.184 1.00 13.54 ? 69  GLU A O   1 
ATOM   566 C  CB  . GLU A 1 72 ? -5.989  -2.479  -11.101 1.00 14.12 ? 69  GLU A CB  1 
ATOM   567 C  CG  . GLU A 1 72 ? -5.479  -2.352  -12.531 1.00 19.95 ? 69  GLU A CG  1 
ATOM   568 C  CD  . GLU A 1 72 ? -5.822  -1.015  -13.163 1.00 30.30 ? 69  GLU A CD  1 
ATOM   569 O  OE1 . GLU A 1 72 ? -6.460  -0.179  -12.489 1.00 34.08 ? 69  GLU A OE1 1 
ATOM   570 O  OE2 . GLU A 1 72 ? -5.451  -0.799  -14.336 1.00 35.01 ? 69  GLU A OE2 1 
ATOM   571 N  N   . GLY A 1 73 ? -3.391  -3.248  -9.787  1.00 13.22 ? 70  GLY A N   1 
ATOM   572 C  CA  . GLY A 1 73 ? -1.947  -3.378  -9.773  1.00 13.38 ? 70  GLY A CA  1 
ATOM   573 C  C   . GLY A 1 73 ? -1.350  -2.901  -11.080 1.00 11.95 ? 70  GLY A C   1 
ATOM   574 O  O   . GLY A 1 73 ? -2.060  -2.353  -11.928 1.00 14.46 ? 70  GLY A O   1 
ATOM   575 N  N   . PRO A 1 74 ? -0.037  -3.103  -11.249 1.00 10.14 ? 71  PRO A N   1 
ATOM   576 C  CA  . PRO A 1 74 ? 0.687   -2.696  -12.456 1.00 12.49 ? 71  PRO A CA  1 
ATOM   577 C  C   . PRO A 1 74 ? 0.350   -3.618  -13.623 1.00 11.96 ? 71  PRO A C   1 
ATOM   578 O  O   . PRO A 1 74 ? -0.283  -4.654  -13.415 1.00 12.61 ? 71  PRO A O   1 
ATOM   579 C  CB  . PRO A 1 74 ? 2.152   -2.864  -12.046 1.00 15.14 ? 71  PRO A CB  1 
ATOM   580 C  CG  . PRO A 1 74 ? 2.131   -3.954  -11.046 1.00 11.94 ? 71  PRO A CG  1 
ATOM   581 C  CD  . PRO A 1 74 ? 0.845   -3.764  -10.272 1.00 10.05 ? 71  PRO A CD  1 
ATOM   582 N  N   . PRO A 1 75 ? 0.767   -3.249  -14.843 1.00 10.47 ? 72  PRO A N   1 
ATOM   583 C  CA  . PRO A 1 75 ? 0.483   -4.105  -15.998 1.00 13.70 ? 72  PRO A CA  1 
ATOM   584 C  C   . PRO A 1 75 ? 1.006   -5.526  -15.792 1.00 15.06 ? 72  PRO A C   1 
ATOM   585 O  O   . PRO A 1 75 ? 2.115   -5.714  -15.291 1.00 13.14 ? 72  PRO A O   1 
ATOM   586 C  CB  . PRO A 1 75 ? 1.242   -3.418  -17.137 1.00 13.48 ? 72  PRO A CB  1 
ATOM   587 C  CG  . PRO A 1 75 ? 1.324   -1.988  -16.719 1.00 12.52 ? 72  PRO A CG  1 
ATOM   588 C  CD  . PRO A 1 75 ? 1.493   -2.025  -15.231 1.00 12.13 ? 72  PRO A CD  1 
ATOM   589 N  N   . GLN A 1 76 ? 0.193   -6.507  -16.169 1.00 16.18 ? 73  GLN A N   1 
ATOM   590 C  CA  . GLN A 1 76 ? 0.548   -7.926  -16.092 1.00 17.02 ? 73  GLN A CA  1 
ATOM   591 C  C   . GLN A 1 76 ? 0.328   -8.549  -14.712 1.00 17.38 ? 73  GLN A C   1 
ATOM   592 O  O   . GLN A 1 76 ? 0.395   -9.771  -14.563 1.00 18.74 ? 73  GLN A O   1 
ATOM   593 C  CB  . GLN A 1 76 ? 1.970   -8.187  -16.609 1.00 19.25 ? 73  GLN A CB  1 
ATOM   594 C  CG  . GLN A 1 76 ? 2.164   -7.829  -18.089 1.00 19.39 ? 73  GLN A CG  1 
ATOM   595 C  CD  . GLN A 1 76 ? 3.483   -8.326  -18.652 1.00 26.26 ? 73  GLN A CD  1 
ATOM   596 O  OE1 . GLN A 1 76 ? 3.957   -9.407  -18.299 1.00 27.89 ? 73  GLN A OE1 1 
ATOM   597 N  NE2 . GLN A 1 76 ? 4.089   -7.532  -19.531 1.00 25.05 ? 73  GLN A NE2 1 
ATOM   598 N  N   . ALA A 1 77 ? 0.058   -7.725  -13.704 1.00 15.98 ? 74  ALA A N   1 
ATOM   599 C  CA  . ALA A 1 77 ? -0.330  -8.257  -12.400 1.00 14.54 ? 74  ALA A CA  1 
ATOM   600 C  C   . ALA A 1 77 ? -1.727  -8.858  -12.492 1.00 15.81 ? 74  ALA A C   1 
ATOM   601 O  O   . ALA A 1 77 ? -2.586  -8.338  -13.202 1.00 18.75 ? 74  ALA A O   1 
ATOM   602 C  CB  . ALA A 1 77 ? -0.299  -7.169  -11.335 1.00 12.61 ? 74  ALA A CB  1 
ATOM   603 N  N   . ALA A 1 78 ? -1.949  -9.954  -11.778 1.00 12.72 ? 75  ALA A N   1 
ATOM   604 C  CA  . ALA A 1 78 ? -3.272  -10.560 -11.717 1.00 14.97 ? 75  ALA A CA  1 
ATOM   605 C  C   . ALA A 1 78 ? -3.650  -10.798 -10.262 1.00 12.22 ? 75  ALA A C   1 
ATOM   606 O  O   . ALA A 1 78 ? -3.433  -11.884 -9.719  1.00 11.56 ? 75  ALA A O   1 
ATOM   607 C  CB  . ALA A 1 78 ? -3.309  -11.857 -12.502 1.00 17.52 ? 75  ALA A CB  1 
ATOM   608 N  N   . VAL A 1 79 ? -4.210  -9.764  -9.639  1.00 10.06 ? 76  VAL A N   1 
ATOM   609 C  CA  . VAL A 1 79 ? -4.512  -9.776  -8.213  1.00 10.17 ? 76  VAL A CA  1 
ATOM   610 C  C   . VAL A 1 79 ? -5.784  -10.562 -7.915  1.00 12.00 ? 76  VAL A C   1 
ATOM   611 O  O   . VAL A 1 79 ? -6.821  -10.335 -8.538  1.00 13.75 ? 76  VAL A O   1 
ATOM   612 C  CB  . VAL A 1 79 ? -4.650  -8.336  -7.665  1.00 7.98  ? 76  VAL A CB  1 
ATOM   613 C  CG1 . VAL A 1 79 ? -5.147  -8.342  -6.228  1.00 8.76  ? 76  VAL A CG1 1 
ATOM   614 C  CG2 . VAL A 1 79 ? -3.316  -7.598  -7.780  1.00 10.36 ? 76  VAL A CG2 1 
ATOM   615 N  N   . SER A 1 80 ? -5.694  -11.486 -6.963  1.00 11.36 ? 77  SER A N   1 
ATOM   616 C  CA  . SER A 1 80 ? -6.829  -12.329 -6.596  1.00 11.54 ? 77  SER A CA  1 
ATOM   617 C  C   . SER A 1 80 ? -7.517  -11.865 -5.312  1.00 10.85 ? 77  SER A C   1 
ATOM   618 O  O   . SER A 1 80 ? -8.691  -12.166 -5.082  1.00 11.78 ? 77  SER A O   1 
ATOM   619 C  CB  . SER A 1 80 ? -6.382  -13.784 -6.447  1.00 15.88 ? 77  SER A CB  1 
ATOM   620 O  OG  . SER A 1 80 ? -5.432  -13.913 -5.397  1.00 16.76 ? 77  SER A OG  1 
ATOM   621 N  N   . ASN A 1 81 ? -6.787  -11.148 -4.465  1.00 9.65  ? 78  ASN A N   1 
ATOM   622 C  CA  . ASN A 1 81 ? -7.371  -10.630 -3.237  1.00 11.19 ? 78  ASN A CA  1 
ATOM   623 C  C   . ASN A 1 81 ? -6.563  -9.481  -2.662  1.00 11.98 ? 78  ASN A C   1 
ATOM   624 O  O   . ASN A 1 81 ? -5.342  -9.432  -2.812  1.00 11.60 ? 78  ASN A O   1 
ATOM   625 C  CB  . ASN A 1 81 ? -7.502  -11.731 -2.182  1.00 12.63 ? 78  ASN A CB  1 
ATOM   626 C  CG  . ASN A 1 81 ? -8.339  -11.296 -0.994  1.00 16.78 ? 78  ASN A CG  1 
ATOM   627 O  OD1 . ASN A 1 81 ? -9.433  -10.753 -1.153  1.00 17.79 ? 78  ASN A OD1 1 
ATOM   628 N  ND2 . ASN A 1 81 ? -7.821  -11.524 0.209   1.00 20.24 ? 78  ASN A ND2 1 
ATOM   629 N  N   . VAL A 1 82 ? -7.265  -8.558  -2.013  1.00 11.32 ? 79  VAL A N   1 
ATOM   630 C  CA  . VAL A 1 82 ? -6.639  -7.481  -1.265  1.00 9.85  ? 79  VAL A CA  1 
ATOM   631 C  C   . VAL A 1 82 ? -7.247  -7.499  0.128   1.00 13.14 ? 79  VAL A C   1 
ATOM   632 O  O   . VAL A 1 82 ? -8.464  -7.365  0.290   1.00 13.31 ? 79  VAL A O   1 
ATOM   633 C  CB  . VAL A 1 82 ? -6.892  -6.112  -1.912  1.00 8.99  ? 79  VAL A CB  1 
ATOM   634 C  CG1 . VAL A 1 82 ? -6.265  -5.003  -1.073  1.00 8.62  ? 79  VAL A CG1 1 
ATOM   635 C  CG2 . VAL A 1 82 ? -6.354  -6.090  -3.334  1.00 8.83  ? 79  VAL A CG2 1 
ATOM   636 N  N   . ASN A 1 83 ? -6.400  -7.689  1.130   1.00 10.08 ? 80  ASN A N   1 
ATOM   637 C  CA  . ASN A 1 83 ? -6.858  -7.806  2.503   1.00 11.01 ? 80  ASN A CA  1 
ATOM   638 C  C   . ASN A 1 83 ? -6.196  -6.705  3.307   1.00 10.51 ? 80  ASN A C   1 
ATOM   639 O  O   . ASN A 1 83 ? -4.980  -6.694  3.449   1.00 9.98  ? 80  ASN A O   1 
ATOM   640 C  CB  . ASN A 1 83 ? -6.474  -9.179  3.053   1.00 12.58 ? 80  ASN A CB  1 
ATOM   641 C  CG  . ASN A 1 83 ? -6.956  -9.400  4.463   1.00 20.25 ? 80  ASN A CG  1 
ATOM   642 O  OD1 . ASN A 1 83 ? -7.893  -8.752  4.922   1.00 24.33 ? 80  ASN A OD1 1 
ATOM   643 N  ND2 . ASN A 1 83 ? -6.314  -10.327 5.164   1.00 25.84 ? 80  ASN A ND2 1 
ATOM   644 N  N   . TRP A 1 84 ? -6.985  -5.767  3.813   1.00 10.08 ? 81  TRP A N   1 
ATOM   645 C  CA  . TRP A 1 84 ? -6.407  -4.656  4.558   1.00 8.95  ? 81  TRP A CA  1 
ATOM   646 C  C   . TRP A 1 84 ? -7.086  -4.427  5.898   1.00 9.54  ? 81  TRP A C   1 
ATOM   647 O  O   . TRP A 1 84 ? -8.244  -4.793  6.100   1.00 10.10 ? 81  TRP A O   1 
ATOM   648 C  CB  . TRP A 1 84 ? -6.399  -3.367  3.723   1.00 9.43  ? 81  TRP A CB  1 
ATOM   649 C  CG  . TRP A 1 84 ? -7.752  -2.761  3.414   1.00 11.74 ? 81  TRP A CG  1 
ATOM   650 C  CD1 . TRP A 1 84 ? -8.528  -2.996  2.316   1.00 11.90 ? 81  TRP A CD1 1 
ATOM   651 C  CD2 . TRP A 1 84 ? -8.451  -1.784  4.195   1.00 11.73 ? 81  TRP A CD2 1 
ATOM   652 N  NE1 . TRP A 1 84 ? -9.680  -2.241  2.376   1.00 12.62 ? 81  TRP A NE1 1 
ATOM   653 C  CE2 . TRP A 1 84 ? -9.655  -1.488  3.520   1.00 12.80 ? 81  TRP A CE2 1 
ATOM   654 C  CE3 . TRP A 1 84 ? -8.181  -1.140  5.408   1.00 11.21 ? 81  TRP A CE3 1 
ATOM   655 C  CZ2 . TRP A 1 84 ? -10.585 -0.574  4.015   1.00 12.44 ? 81  TRP A CZ2 1 
ATOM   656 C  CZ3 . TRP A 1 84 ? -9.105  -0.234  5.899   1.00 11.69 ? 81  TRP A CZ3 1 
ATOM   657 C  CH2 . TRP A 1 84 ? -10.295 0.041   5.203   1.00 11.16 ? 81  TRP A CH2 1 
ATOM   658 N  N   . GLU A 1 85 ? -6.344  -3.843  6.829   1.00 8.66  ? 82  GLU A N   1 
ATOM   659 C  CA  . GLU A 1 85 ? -6.963  -3.360  8.048   1.00 8.13  ? 82  GLU A CA  1 
ATOM   660 C  C   . GLU A 1 85 ? -6.269  -2.094  8.507   1.00 7.63  ? 82  GLU A C   1 
ATOM   661 O  O   . GLU A 1 85 ? -5.081  -1.891  8.251   1.00 7.53  ? 82  GLU A O   1 
ATOM   662 C  CB  . GLU A 1 85 ? -6.932  -4.423  9.152   1.00 12.54 ? 82  GLU A CB  1 
ATOM   663 C  CG  . GLU A 1 85 ? -5.585  -4.608  9.825   1.00 13.12 ? 82  GLU A CG  1 
ATOM   664 C  CD  . GLU A 1 85 ? -5.559  -5.810  10.749  1.00 17.01 ? 82  GLU A CD  1 
ATOM   665 O  OE1 . GLU A 1 85 ? -5.890  -5.660  11.943  1.00 14.09 ? 82  GLU A OE1 1 
ATOM   666 O  OE2 . GLU A 1 85 ? -5.214  -6.909  10.271  1.00 15.59 ? 82  GLU A OE2 1 
ATOM   667 N  N   . GLU A 1 86 ? -7.021  -1.229  9.170   1.00 8.20  ? 83  GLU A N   1 
ATOM   668 C  CA  . GLU A 1 86 ? -6.434  -0.055  9.780   1.00 8.81  ? 83  GLU A CA  1 
ATOM   669 C  C   . GLU A 1 86 ? -5.604  -0.507  10.980  1.00 7.01  ? 83  GLU A C   1 
ATOM   670 O  O   . GLU A 1 86 ? -5.967  -1.468  11.669  1.00 9.18  ? 83  GLU A O   1 
ATOM   671 C  CB  . GLU A 1 86 ? -7.537  0.904   10.223  1.00 7.91  ? 83  GLU A CB  1 
ATOM   672 C  CG  . GLU A 1 86 ? -7.025  2.228   10.720  1.00 8.67  ? 83  GLU A CG  1 
ATOM   673 C  CD  . GLU A 1 86 ? -8.148  3.161   11.117  1.00 9.66  ? 83  GLU A CD  1 
ATOM   674 O  OE1 . GLU A 1 86 ? -9.308  2.700   11.215  1.00 10.33 ? 83  GLU A OE1 1 
ATOM   675 O  OE2 . GLU A 1 86 ? -7.868  4.358   11.340  1.00 10.99 ? 83  GLU A OE2 1 
ATOM   676 N  N   . ILE A 1 87 ? -4.488  0.175   11.220  1.00 7.19  ? 84  ILE A N   1 
ATOM   677 C  CA  . ILE A 1 87 ? -3.582  -0.202  12.298  1.00 6.56  ? 84  ILE A CA  1 
ATOM   678 C  C   . ILE A 1 87 ? -3.231  0.977   13.210  1.00 7.21  ? 84  ILE A C   1 
ATOM   679 O  O   . ILE A 1 87 ? -3.522  2.139   12.900  1.00 8.32  ? 84  ILE A O   1 
ATOM   680 C  CB  . ILE A 1 87 ? -2.269  -0.824  11.747  1.00 7.57  ? 84  ILE A CB  1 
ATOM   681 C  CG1 . ILE A 1 87 ? -1.544  0.160   10.821  1.00 7.11  ? 84  ILE A CG1 1 
ATOM   682 C  CG2 . ILE A 1 87 ? -2.552  -2.150  11.020  1.00 8.02  ? 84  ILE A CG2 1 
ATOM   683 C  CD1 . ILE A 1 87 ? -0.165  -0.331  10.373  1.00 10.48 ? 84  ILE A CD1 1 
ATOM   684 N  N   . VAL A 1 88 ? -2.601  0.662   14.338  1.00 7.55  ? 85  VAL A N   1 
ATOM   685 C  CA  . VAL A 1 88 ? -1.983  1.672   15.183  1.00 6.62  ? 85  VAL A CA  1 
ATOM   686 C  C   . VAL A 1 88 ? -1.031  2.500   14.323  1.00 7.27  ? 85  VAL A C   1 
ATOM   687 O  O   . VAL A 1 88 ? -0.203  1.947   13.592  1.00 9.26  ? 85  VAL A O   1 
ATOM   688 C  CB  . VAL A 1 88 ? -1.194  1.004   16.323  1.00 6.72  ? 85  VAL A CB  1 
ATOM   689 C  CG1 . VAL A 1 88 ? -0.403  2.048   17.131  1.00 6.98  ? 85  VAL A CG1 1 
ATOM   690 C  CG2 . VAL A 1 88 ? -2.140  0.199   17.217  1.00 7.11  ? 85  VAL A CG2 1 
ATOM   691 N  N   . VAL A 1 89 ? -1.144  3.821   14.411  1.00 7.45  ? 86  VAL A N   1 
ATOM   692 C  CA  . VAL A 1 89 ? -0.363  4.700   13.549  1.00 7.17  ? 86  VAL A CA  1 
ATOM   693 C  C   . VAL A 1 89 ? 1.146   4.540   13.756  1.00 8.51  ? 86  VAL A C   1 
ATOM   694 O  O   . VAL A 1 89 ? 1.622   4.419   14.888  1.00 10.58 ? 86  VAL A O   1 
ATOM   695 C  CB  . VAL A 1 89 ? -0.800  6.172   13.707  1.00 10.37 ? 86  VAL A CB  1 
ATOM   696 C  CG1 . VAL A 1 89 ? 0.264   7.124   13.171  1.00 15.60 ? 86  VAL A CG1 1 
ATOM   697 C  CG2 . VAL A 1 89 ? -2.136  6.390   12.996  1.00 13.61 ? 86  VAL A CG2 1 
ATOM   698 N  N   . GLU A 1 90 ? 1.872   4.511   12.641  1.00 8.58  ? 87  GLU A N   1 
ATOM   699 C  CA  . GLU A 1 90 ? 3.329   4.475   12.630  1.00 11.63 ? 87  GLU A CA  1 
ATOM   700 C  C   . GLU A 1 90 ? 3.828   5.690   11.849  1.00 12.36 ? 87  GLU A C   1 
ATOM   701 O  O   . GLU A 1 90 ? 3.181   6.133   10.900  1.00 12.91 ? 87  GLU A O   1 
ATOM   702 C  CB  . GLU A 1 90 ? 3.825   3.176   11.977  1.00 11.06 ? 87  GLU A CB  1 
ATOM   703 C  CG  . GLU A 1 90 ? 3.325   1.912   12.667  1.00 12.41 ? 87  GLU A CG  1 
ATOM   704 C  CD  . GLU A 1 90 ? 3.691   0.627   11.936  1.00 19.49 ? 87  GLU A CD  1 
ATOM   705 O  OE1 . GLU A 1 90 ? 4.397   0.689   10.913  1.00 19.34 ? 87  GLU A OE1 1 
ATOM   706 O  OE2 . GLU A 1 90 ? 3.269   -0.456  12.389  1.00 18.78 ? 87  GLU A OE2 1 
ATOM   707 N  N   . ASP A 1 91 ? 4.972   6.234   12.249  1.00 10.63 ? 88  ASP A N   1 
ATOM   708 C  CA  . ASP A 1 91 ? 5.507   7.441   11.620  1.00 13.33 ? 88  ASP A CA  1 
ATOM   709 C  C   . ASP A 1 91 ? 6.512   7.098   10.522  1.00 14.34 ? 88  ASP A C   1 
ATOM   710 O  O   . ASP A 1 91 ? 7.497   6.405   10.772  1.00 15.15 ? 88  ASP A O   1 
ATOM   711 C  CB  . ASP A 1 91 ? 6.167   8.335   12.674  1.00 18.12 ? 88  ASP A CB  1 
ATOM   712 C  CG  . ASP A 1 91 ? 6.540   9.706   12.135  1.00 33.06 ? 88  ASP A CG  1 
ATOM   713 O  OD1 . ASP A 1 91 ? 5.881   10.180  11.185  1.00 37.38 ? 88  ASP A OD1 1 
ATOM   714 O  OD2 . ASP A 1 91 ? 7.492   10.312  12.667  1.00 40.68 ? 88  ASP A OD2 1 
ATOM   715 N  N   . TYR A 1 92 ? 6.238   7.571   9.306   1.00 12.37 ? 89  TYR A N   1 
ATOM   716 C  CA  . TYR A 1 92 ? 7.163   7.444   8.182   1.00 12.65 ? 89  TYR A CA  1 
ATOM   717 C  C   . TYR A 1 92 ? 7.288   8.781   7.469   1.00 16.38 ? 89  TYR A C   1 
ATOM   718 O  O   . TYR A 1 92 ? 6.311   9.521   7.356   1.00 18.05 ? 89  TYR A O   1 
ATOM   719 C  CB  . TYR A 1 92 ? 6.661   6.406   7.180   1.00 10.22 ? 89  TYR A CB  1 
ATOM   720 C  CG  . TYR A 1 92 ? 6.569   5.013   7.746   1.00 11.25 ? 89  TYR A CG  1 
ATOM   721 C  CD1 . TYR A 1 92 ? 7.695   4.210   7.838   1.00 14.30 ? 89  TYR A CD1 1 
ATOM   722 C  CD2 . TYR A 1 92 ? 5.360   4.504   8.192   1.00 10.23 ? 89  TYR A CD2 1 
ATOM   723 C  CE1 . TYR A 1 92 ? 7.621   2.935   8.361   1.00 16.17 ? 89  TYR A CE1 1 
ATOM   724 C  CE2 . TYR A 1 92 ? 5.276   3.233   8.716   1.00 12.77 ? 89  TYR A CE2 1 
ATOM   725 C  CZ  . TYR A 1 92 ? 6.409   2.454   8.798   1.00 13.47 ? 89  TYR A CZ  1 
ATOM   726 O  OH  . TYR A 1 92 ? 6.338   1.185   9.319   1.00 16.03 ? 89  TYR A OH  1 
ATOM   727 N  N   . SER A 1 93 ? 8.481   9.080   6.967   1.00 17.64 ? 90  SER A N   1 
ATOM   728 C  CA  . SER A 1 93 ? 8.705   10.326  6.245   1.00 21.33 ? 90  SER A CA  1 
ATOM   729 C  C   . SER A 1 93 ? 8.565   10.141  4.737   1.00 19.99 ? 90  SER A C   1 
ATOM   730 O  O   . SER A 1 93 ? 8.385   11.107  3.999   1.00 17.56 ? 90  SER A O   1 
ATOM   731 C  CB  . SER A 1 93 ? 10.083  10.905  6.578   1.00 21.76 ? 90  SER A CB  1 
ATOM   732 O  OG  . SER A 1 93 ? 11.114  9.964   6.324   1.00 28.67 ? 90  SER A OG  1 
ATOM   733 N  N   . ASP A 1 94 ? 8.639   8.893   4.287   1.00 8.81  ? 91  ASP A N   1 
ATOM   734 C  CA  . ASP A 1 94 ? 8.562   8.599   2.867   1.00 9.26  ? 91  ASP A CA  1 
ATOM   735 C  C   . ASP A 1 94 ? 7.968   7.225   2.646   1.00 8.26  ? 91  ASP A C   1 
ATOM   736 O  O   . ASP A 1 94 ? 7.561   6.556   3.598   1.00 8.23  ? 91  ASP A O   1 
ATOM   737 C  CB  . ASP A 1 94 ? 9.945   8.667   2.222   1.00 12.61 ? 91  ASP A CB  1 
ATOM   738 C  CG  . ASP A 1 94 ? 10.960  7.770   2.909   1.00 19.42 ? 91  ASP A CG  1 
ATOM   739 O  OD1 . ASP A 1 94 ? 10.553  6.864   3.668   1.00 17.89 ? 91  ASP A OD1 1 
ATOM   740 O  OD2 . ASP A 1 94 ? 12.175  7.974   2.687   1.00 25.40 ? 91  ASP A OD2 1 
ATOM   741 N  N   . PHE A 1 95 ? 7.917   6.808   1.387   1.00 10.83 ? 92  PHE A N   1 
ATOM   742 C  CA  . PHE A 1 95 ? 7.447   5.469   1.058   1.00 9.20  ? 92  PHE A CA  1 
ATOM   743 C  C   . PHE A 1 95 ? 8.582   4.702   0.395   1.00 9.90  ? 92  PHE A C   1 
ATOM   744 O  O   . PHE A 1 95 ? 9.121   5.137   -0.620  1.00 11.32 ? 92  PHE A O   1 
ATOM   745 C  CB  . PHE A 1 95 ? 6.214   5.514   0.150   1.00 9.64  ? 92  PHE A CB  1 
ATOM   746 C  CG  . PHE A 1 95 ? 5.378   4.267   0.227   1.00 7.92  ? 92  PHE A CG  1 
ATOM   747 C  CD1 . PHE A 1 95 ? 5.818   3.091   -0.358  1.00 7.26  ? 92  PHE A CD1 1 
ATOM   748 C  CD2 . PHE A 1 95 ? 4.184   4.258   0.923   1.00 10.33 ? 92  PHE A CD2 1 
ATOM   749 C  CE1 . PHE A 1 95 ? 5.065   1.927   -0.268  1.00 7.93  ? 92  PHE A CE1 1 
ATOM   750 C  CE2 . PHE A 1 95 ? 3.426   3.105   1.020   1.00 9.91  ? 92  PHE A CE2 1 
ATOM   751 C  CZ  . PHE A 1 95 ? 3.866   1.938   0.425   1.00 8.87  ? 92  PHE A CZ  1 
ATOM   752 N  N   . ARG A 1 96 ? 8.955   3.573   0.986   1.00 8.51  ? 93  ARG A N   1 
ATOM   753 C  CA  . ARG A 1 96 ? 10.127  2.841   0.523   1.00 10.13 ? 93  ARG A CA  1 
ATOM   754 C  C   . ARG A 1 96 ? 9.809   1.412   0.136   1.00 10.32 ? 93  ARG A C   1 
ATOM   755 O  O   . ARG A 1 96 ? 8.919   0.787   0.711   1.00 11.43 ? 93  ARG A O   1 
ATOM   756 C  CB  . ARG A 1 96 ? 11.189  2.811   1.617   1.00 12.98 ? 93  ARG A CB  1 
ATOM   757 C  CG  . ARG A 1 96 ? 11.749  4.165   1.993   1.00 15.82 ? 93  ARG A CG  1 
ATOM   758 C  CD  . ARG A 1 96 ? 12.931  3.989   2.925   1.00 23.90 ? 93  ARG A CD  1 
ATOM   759 N  NE  . ARG A 1 96 ? 13.443  5.262   3.420   1.00 31.42 ? 93  ARG A NE  1 
ATOM   760 C  CZ  . ARG A 1 96 ? 14.511  5.375   4.204   1.00 39.97 ? 93  ARG A CZ  1 
ATOM   761 N  NH1 . ARG A 1 96 ? 15.180  4.288   4.573   1.00 41.08 ? 93  ARG A NH1 1 
ATOM   762 N  NH2 . ARG A 1 96 ? 14.911  6.572   4.614   1.00 43.06 ? 93  ARG A NH2 1 
ATOM   763 N  N   . VAL A 1 97 ? 10.552  0.880   -0.826  1.00 10.03 ? 94  VAL A N   1 
ATOM   764 C  CA  . VAL A 1 97 ? 10.538  -0.561  -1.032  1.00 10.85 ? 94  VAL A CA  1 
ATOM   765 C  C   . VAL A 1 97 ? 11.421  -1.236  0.015   1.00 11.70 ? 94  VAL A C   1 
ATOM   766 O  O   . VAL A 1 97 ? 12.430  -0.673  0.455   1.00 13.96 ? 94  VAL A O   1 
ATOM   767 C  CB  . VAL A 1 97 ? 10.981  -0.967  -2.451  1.00 12.22 ? 94  VAL A CB  1 
ATOM   768 C  CG1 . VAL A 1 97 ? 10.087  -0.302  -3.485  1.00 9.21  ? 94  VAL A CG1 1 
ATOM   769 C  CG2 . VAL A 1 97 ? 12.442  -0.615  -2.686  1.00 16.19 ? 94  VAL A CG2 1 
ATOM   770 N  N   . ARG A 1 98 ? 11.013  -2.426  0.436   1.00 8.58  ? 95  ARG A N   1 
ATOM   771 C  CA  . ARG A 1 98 ? 11.800  -3.233  1.357   1.00 9.08  ? 95  ARG A CA  1 
ATOM   772 C  C   . ARG A 1 98 ? 12.036  -4.614  0.775   1.00 13.36 ? 95  ARG A C   1 
ATOM   773 O  O   . ARG A 1 98 ? 12.607  -5.473  1.442   1.00 18.57 ? 95  ARG A O   1 
ATOM   774 C  CB  . ARG A 1 98 ? 11.106  -3.362  2.711   1.00 8.93  ? 95  ARG A CB  1 
ATOM   775 C  CG  . ARG A 1 98 ? 11.109  -2.092  3.517   1.00 9.46  ? 95  ARG A CG  1 
ATOM   776 C  CD  . ARG A 1 98 ? 10.453  -2.307  4.871   1.00 8.84  ? 95  ARG A CD  1 
ATOM   777 N  NE  . ARG A 1 98 ? 10.500  -1.080  5.655   1.00 10.88 ? 95  ARG A NE  1 
ATOM   778 C  CZ  . ARG A 1 98 ? 10.006  -0.957  6.880   1.00 7.76  ? 95  ARG A CZ  1 
ATOM   779 N  NH1 . ARG A 1 98 ? 9.425   -1.991  7.474   1.00 10.64 ? 95  ARG A NH1 1 
ATOM   780 N  NH2 . ARG A 1 98 ? 10.099  0.206   7.514   1.00 15.04 ? 95  ARG A NH2 1 
ATOM   781 O  OXT . ARG A 1 98 ? 11.659  -4.895  -0.362  1.00 13.95 ? 95  ARG A OXT 1 
HETATM 782 CL CL  . CL  B 2 .  ? 12.451  3.057   -2.122  0.73 18.22 ? 96  CL  A CL  1 
HETATM 783 C  C1  . EDO C 3 .  ? -4.481  -7.111  7.059   1.00 24.86 ? 97  EDO A C1  1 
HETATM 784 O  O1  . EDO C 3 .  ? -3.509  -6.823  8.073   1.00 19.18 ? 97  EDO A O1  1 
HETATM 785 C  C2  . EDO C 3 .  ? -3.777  -7.706  5.847   1.00 30.06 ? 97  EDO A C2  1 
HETATM 786 O  O2  . EDO C 3 .  ? -3.223  -8.981  6.178   1.00 29.85 ? 97  EDO A O2  1 
HETATM 787 O  O   . HOH D 4 .  ? -1.292  -12.354 7.033   0.79 18.05 ? 98  HOH A O   1 
HETATM 788 O  O   . HOH D 4 .  ? 9.941   7.733   12.552  1.00 40.32 ? 99  HOH A O   1 
HETATM 789 O  O   . HOH D 4 .  ? 7.308   1.938   12.570  0.98 40.54 ? 100 HOH A O   1 
HETATM 790 O  O   . HOH D 4 .  ? 2.706   -19.050 -2.775  1.00 39.10 ? 101 HOH A O   1 
HETATM 791 O  O   . HOH D 4 .  ? 6.959   -18.600 -5.931  1.00 38.49 ? 102 HOH A O   1 
HETATM 792 O  O   . HOH D 4 .  ? -2.404  13.208  -4.352  0.79 30.40 ? 103 HOH A O   1 
HETATM 793 O  O   . HOH D 4 .  ? -3.469  -15.456 -12.478 0.81 37.10 ? 104 HOH A O   1 
HETATM 794 O  O   . HOH D 4 .  ? -3.189  -8.995  -15.816 1.00 41.00 ? 105 HOH A O   1 
HETATM 795 O  O   . HOH D 4 .  ? -4.562  17.884  7.455   0.78 15.34 ? 106 HOH A O   1 
HETATM 796 O  O   . HOH D 4 .  ? -2.645  20.042  8.131   0.84 31.66 ? 107 HOH A O   1 
HETATM 797 O  O   . HOH D 4 .  ? -9.494  -10.863 2.756   1.00 33.34 ? 108 HOH A O   1 
HETATM 798 O  O   . HOH D 4 .  ? -4.614  -16.319 -5.462  0.79 33.81 ? 109 HOH A O   1 
HETATM 799 O  O   . HOH D 4 .  ? -10.777 -9.090  0.857   0.91 39.39 ? 110 HOH A O   1 
HETATM 800 O  O   . HOH D 4 .  ? 0.993   -20.190 -4.095  0.74 34.36 ? 111 HOH A O   1 
HETATM 801 O  O   . HOH D 4 .  ? 3.434   2.906   16.427  0.71 16.82 ? 112 HOH A O   1 
HETATM 802 O  O   . HOH D 4 .  ? -2.132  10.267  12.208  1.00 24.47 ? 113 HOH A O   1 
HETATM 803 O  O   . HOH D 4 .  ? -9.544  -3.884  -10.826 1.00 33.93 ? 114 HOH A O   1 
HETATM 804 O  O   . HOH D 4 .  ? 12.396  6.629   5.509   0.62 25.51 ? 115 HOH A O   1 
HETATM 805 O  O   . HOH D 4 .  ? 5.781   -17.062 -6.156  1.00 42.84 ? 116 HOH A O   1 
HETATM 806 O  O   . HOH D 4 .  ? -3.617  -16.401 -8.631  1.00 41.54 ? 117 HOH A O   1 
HETATM 807 O  O   . HOH D 4 .  ? -11.883 6.682   -5.966  0.78 35.65 ? 118 HOH A O   1 
HETATM 808 O  O   . HOH D 4 .  ? 0.155   13.471  -7.611  1.00 43.46 ? 119 HOH A O   1 
HETATM 809 O  O   . HOH D 4 .  ? -3.075  15.822  6.475   0.91 22.00 ? 120 HOH A O   1 
HETATM 810 O  O   . HOH D 4 .  ? -9.134  16.158  19.168  1.00 39.30 ? 121 HOH A O   1 
HETATM 811 O  O   . HOH D 4 .  ? -10.183 -5.323  0.178   0.52 15.34 ? 122 HOH A O   1 
HETATM 812 O  O   . HOH D 4 .  ? -4.665  22.558  15.272  0.87 26.61 ? 123 HOH A O   1 
HETATM 813 O  O   . HOH D 4 .  ? -8.235  8.925   15.376  0.87 34.20 ? 124 HOH A O   1 
HETATM 814 O  O   . HOH D 4 .  ? 5.273   9.983   0.010   0.95 23.90 ? 125 HOH A O   1 
HETATM 815 O  O   . HOH D 4 .  ? 10.066  9.181   10.308  0.68 30.51 ? 126 HOH A O   1 
HETATM 816 O  O   . HOH D 4 .  ? 3.559   14.890  0.737   0.75 36.54 ? 127 HOH A O   1 
HETATM 817 O  O   . HOH D 4 .  ? -11.115 11.430  -4.778  0.79 31.50 ? 128 HOH A O   1 
HETATM 818 O  O   . HOH D 4 .  ? 9.110   -9.955  -8.008  1.00 31.27 ? 129 HOH A O   1 
HETATM 819 O  O   . HOH D 4 .  ? 8.279   -15.066 -4.811  1.00 32.87 ? 130 HOH A O   1 
HETATM 820 O  O   . HOH D 4 .  ? 11.434  -13.254 -5.533  1.00 39.67 ? 131 HOH A O   1 
HETATM 821 O  O   . HOH D 4 .  ? -5.736  -8.364  15.521  0.89 32.82 ? 132 HOH A O   1 
HETATM 822 O  O   . HOH D 4 .  ? 12.147  -15.695 -7.794  1.00 45.50 ? 133 HOH A O   1 
HETATM 823 O  O   . HOH D 4 .  ? 4.537   -4.207  14.856  0.88 39.32 ? 134 HOH A O   1 
HETATM 824 O  O   . HOH D 4 .  ? -3.291  -2.732  -15.981 1.00 43.88 ? 135 HOH A O   1 
HETATM 825 O  O   . HOH D 4 .  ? 10.621  7.349   7.636   1.00 29.81 ? 136 HOH A O   1 
HETATM 826 O  O   . HOH D 4 .  ? -6.230  -14.963 -1.319  0.93 29.72 ? 137 HOH A O   1 
HETATM 827 O  O   . HOH D 4 .  ? -3.905  9.878   13.224  0.52 25.13 ? 138 HOH A O   1 
HETATM 828 O  O   . HOH D 4 .  ? -2.618  12.869  18.442  0.84 38.18 ? 139 HOH A O   1 
HETATM 829 O  O   . HOH D 4 .  ? -8.524  -14.819 -0.244  0.65 26.94 ? 140 HOH A O   1 
HETATM 830 O  O   . HOH D 4 .  ? 14.707  0.785   0.589   0.89 23.95 ? 141 HOH A O   1 
HETATM 831 O  O   . HOH D 4 .  ? 10.840  -8.559  -5.150  0.89 30.37 ? 142 HOH A O   1 
HETATM 832 O  O   . HOH D 4 .  ? -6.875  19.600  20.496  1.00 39.34 ? 143 HOH A O   1 
HETATM 833 O  O   . HOH D 4 .  ? -3.940  -8.983  11.609  0.97 34.19 ? 144 HOH A O   1 
HETATM 834 O  O   . HOH D 4 .  ? -11.485 -12.950 1.876   1.00 44.78 ? 145 HOH A O   1 
HETATM 835 O  O   . HOH D 4 .  ? -4.337  -12.084 2.865   0.95 40.42 ? 146 HOH A O   1 
HETATM 836 O  O   . HOH D 4 .  ? 11.434  9.856   -0.974  0.81 34.03 ? 147 HOH A O   1 
HETATM 837 O  O   . HOH D 4 .  ? -3.074  13.976  -2.263  0.94 35.59 ? 148 HOH A O   1 
HETATM 838 O  O   . HOH D 4 .  ? 10.471  6.812   10.474  0.94 42.56 ? 149 HOH A O   1 
HETATM 839 O  O   . HOH D 4 .  ? -6.715  7.984   -8.910  0.99 42.68 ? 150 HOH A O   1 
HETATM 840 O  O   . HOH D 4 .  ? 6.031   2.674   15.562  0.85 40.45 ? 151 HOH A O   1 
HETATM 841 O  O   . HOH D 4 .  ? -8.588  19.604  16.475  0.87 41.16 ? 152 HOH A O   1 
HETATM 842 O  O   . HOH D 4 .  ? -11.681 8.451   3.029   0.78 7.18  ? 153 HOH A O   1 
HETATM 843 O  O   . HOH D 4 .  ? 4.206   -4.243  -14.255 0.82 8.86  ? 154 HOH A O   1 
HETATM 844 O  O   . HOH D 4 .  ? 9.463   4.332   4.729   0.86 9.54  ? 155 HOH A O   1 
HETATM 845 O  O   . HOH D 4 .  ? -6.103  -3.477  13.571  1.00 10.20 ? 156 HOH A O   1 
HETATM 846 O  O   . HOH D 4 .  ? -1.969  -2.196  14.924  0.98 10.40 ? 157 HOH A O   1 
HETATM 847 O  O   . HOH D 4 .  ? 1.186   -0.395  13.932  0.96 14.44 ? 158 HOH A O   1 
HETATM 848 O  O   . HOH D 4 .  ? 6.406   -8.039  -8.933  0.99 9.90  ? 159 HOH A O   1 
HETATM 849 O  O   . HOH D 4 .  ? 8.289   5.818   -6.632  0.85 7.73  ? 160 HOH A O   1 
HETATM 850 O  O   . HOH D 4 .  ? -9.544  6.430   11.222  0.86 8.75  ? 161 HOH A O   1 
HETATM 851 O  O   . HOH D 4 .  ? 6.330   -0.767  -11.302 0.77 6.26  ? 162 HOH A O   1 
HETATM 852 O  O   . HOH D 4 .  ? -8.850  12.287  3.144   1.00 14.31 ? 163 HOH A O   1 
HETATM 853 O  O   . HOH D 4 .  ? 5.472   -1.672  9.970   0.97 13.78 ? 164 HOH A O   1 
HETATM 854 O  O   . HOH D 4 .  ? 2.119   2.694   -10.043 0.99 12.12 ? 165 HOH A O   1 
HETATM 855 O  O   . HOH D 4 .  ? -5.057  -7.442  -11.147 0.81 11.04 ? 166 HOH A O   1 
HETATM 856 O  O   . HOH D 4 .  ? -2.001  11.814  2.321   0.99 12.71 ? 167 HOH A O   1 
HETATM 857 O  O   . HOH D 4 .  ? 0.575   5.301   17.371  0.67 8.38  ? 168 HOH A O   1 
HETATM 858 O  O   . HOH D 4 .  ? 0.374   9.922   7.988   0.80 14.64 ? 169 HOH A O   1 
HETATM 859 O  O   . HOH D 4 .  ? 7.879   -11.216 -15.511 0.80 15.72 ? 170 HOH A O   1 
HETATM 860 O  O   . HOH D 4 .  ? 9.611   -7.447  -10.498 0.90 14.35 ? 171 HOH A O   1 
HETATM 861 O  O   . HOH D 4 .  ? -8.358  3.660   -7.244  0.98 18.20 ? 172 HOH A O   1 
HETATM 862 O  O   . HOH D 4 .  ? 8.782   -4.769  6.624   0.96 13.21 ? 173 HOH A O   1 
HETATM 863 O  O   . HOH D 4 .  ? -3.004  -5.175  -14.129 1.00 21.31 ? 174 HOH A O   1 
HETATM 864 O  O   . HOH D 4 .  ? -10.701 -12.544 -6.762  1.00 19.39 ? 175 HOH A O   1 
HETATM 865 O  O   . HOH D 4 .  ? -7.246  10.214  13.496  0.98 18.86 ? 176 HOH A O   1 
HETATM 866 O  O   . HOH D 4 .  ? 8.536   8.735   -0.673  1.00 14.96 ? 177 HOH A O   1 
HETATM 867 O  O   . HOH D 4 .  ? -0.059  -14.501 -3.592  1.00 19.50 ? 178 HOH A O   1 
HETATM 868 O  O   . HOH D 4 .  ? 10.624  -7.445  -1.004  1.00 20.88 ? 179 HOH A O   1 
HETATM 869 O  O   . HOH D 4 .  ? 0.636   -13.764 3.446   0.81 14.21 ? 180 HOH A O   1 
HETATM 870 O  O   . HOH D 4 .  ? -9.941  -6.027  3.447   1.00 22.04 ? 181 HOH A O   1 
HETATM 871 O  O   . HOH D 4 .  ? -8.391  11.499  6.212   0.82 15.21 ? 182 HOH A O   1 
HETATM 872 O  O   . HOH D 4 .  ? -4.589  -11.162 0.346   0.88 16.30 ? 183 HOH A O   1 
HETATM 873 O  O   . HOH D 4 .  ? 6.677   -9.714  6.698   0.88 12.28 ? 184 HOH A O   1 
HETATM 874 O  O   . HOH D 4 .  ? 4.505   11.985  -2.073  1.00 20.59 ? 185 HOH A O   1 
HETATM 875 O  O   . HOH D 4 .  ? -11.024 -12.255 -3.096  0.79 17.90 ? 186 HOH A O   1 
HETATM 876 O  O   . HOH D 4 .  ? 1.119   5.185   -10.763 0.98 16.35 ? 187 HOH A O   1 
HETATM 877 O  O   . HOH D 4 .  ? -1.666  -9.733  8.030   0.91 23.40 ? 188 HOH A O   1 
HETATM 878 O  O   . HOH D 4 .  ? -8.828  -7.361  7.023   0.96 19.88 ? 189 HOH A O   1 
HETATM 879 O  O   . HOH D 4 .  ? -9.965  10.857  13.555  0.79 16.34 ? 190 HOH A O   1 
HETATM 880 O  O   . HOH D 4 .  ? -4.733  -14.327 -9.999  1.00 22.31 ? 191 HOH A O   1 
HETATM 881 O  O   . HOH D 4 .  ? 6.924   8.874   -7.643  0.90 13.02 ? 192 HOH A O   1 
HETATM 882 O  O   . HOH D 4 .  ? -10.579 13.241  8.807   0.92 14.85 ? 193 HOH A O   1 
HETATM 883 O  O   . HOH D 4 .  ? -2.530  -6.062  -17.012 1.00 32.74 ? 194 HOH A O   1 
HETATM 884 O  O   . HOH D 4 .  ? 1.597   11.740  3.839   1.00 22.97 ? 195 HOH A O   1 
HETATM 885 O  O   . HOH D 4 .  ? -0.615  13.753  4.086   1.00 24.61 ? 196 HOH A O   1 
HETATM 886 O  O   . HOH D 4 .  ? -3.347  13.317  0.430   1.00 22.84 ? 197 HOH A O   1 
HETATM 887 O  O   . HOH D 4 .  ? 2.182   10.262  6.019   0.84 14.37 ? 198 HOH A O   1 
HETATM 888 O  O   . HOH D 4 .  ? 13.541  -16.221 -0.781  0.49 12.30 ? 199 HOH A O   1 
HETATM 889 O  O   . HOH D 4 .  ? 0.355   -2.925  13.418  0.85 15.46 ? 200 HOH A O   1 
HETATM 890 O  O   . HOH D 4 .  ? -13.730 13.041  0.736   1.00 24.42 ? 201 HOH A O   1 
HETATM 891 O  O   . HOH D 4 .  ? 6.927   1.766   -10.951 0.74 14.06 ? 202 HOH A O   1 
HETATM 892 O  O   . HOH D 4 .  ? -11.634 12.753  3.495   0.58 8.58  ? 203 HOH A O   1 
HETATM 893 O  O   . HOH D 4 .  ? -1.583  7.971   -9.536  1.00 31.83 ? 204 HOH A O   1 
HETATM 894 O  O   . HOH D 4 .  ? 3.623   -3.902  10.239  1.00 23.56 ? 205 HOH A O   1 
HETATM 895 O  O   . HOH D 4 .  ? 3.677   8.346   -14.745 1.00 27.28 ? 206 HOH A O   1 
HETATM 896 O  O   . HOH D 4 .  ? 6.354   5.256   14.464  1.00 28.12 ? 207 HOH A O   1 
HETATM 897 O  O   . HOH D 4 .  ? 3.782   8.564   8.441   0.87 20.73 ? 208 HOH A O   1 
HETATM 898 O  O   . HOH D 4 .  ? -1.767  0.639   -12.797 0.90 27.80 ? 209 HOH A O   1 
HETATM 899 O  O   . HOH D 4 .  ? -7.387  13.770  1.035   0.96 23.05 ? 210 HOH A O   1 
HETATM 900 O  O   . HOH D 4 .  ? -10.338 13.076  -2.336  0.69 18.02 ? 211 HOH A O   1 
HETATM 901 O  O   . HOH D 4 .  ? 1.090   16.335  13.595  1.00 31.34 ? 212 HOH A O   1 
HETATM 902 O  O   . HOH D 4 .  ? 10.974  -15.601 -3.946  0.95 24.17 ? 213 HOH A O   1 
HETATM 903 O  O   . HOH D 4 .  ? -0.815  18.783  11.712  1.00 26.28 ? 214 HOH A O   1 
HETATM 904 O  O   . HOH D 4 .  ? -0.804  8.687   9.978   0.77 19.88 ? 215 HOH A O   1 
HETATM 905 O  O   . HOH D 4 .  ? -11.353 4.366   -4.635  0.71 17.83 ? 216 HOH A O   1 
HETATM 906 O  O   . HOH D 4 .  ? 5.381   -7.838  8.766   0.67 15.65 ? 217 HOH A O   1 
HETATM 907 O  O   . HOH D 4 .  ? 2.804   -0.249  16.086  1.00 31.25 ? 218 HOH A O   1 
HETATM 908 O  O   . HOH D 4 .  ? 1.403   7.731   17.194  0.44 15.02 ? 219 HOH A O   1 
HETATM 909 O  O   . HOH D 4 .  ? -1.409  -8.510  10.432  1.00 27.42 ? 220 HOH A O   1 
HETATM 910 O  O   . HOH D 4 .  ? -11.460 3.950   12.384  0.93 17.15 ? 221 HOH A O   1 
HETATM 911 O  O   . HOH D 4 .  ? -8.431  -8.248  -9.115  1.00 29.17 ? 222 HOH A O   1 
HETATM 912 O  O   . HOH D 4 .  ? 0.622   -4.104  11.055  0.71 15.06 ? 223 HOH A O   1 
HETATM 913 O  O   . HOH D 4 .  ? 1.734   8.233   10.102  0.40 12.24 ? 224 HOH A O   1 
HETATM 914 O  O   . HOH D 4 .  ? -0.115  12.143  11.192  0.75 24.78 ? 225 HOH A O   1 
HETATM 915 O  O   . HOH D 4 .  ? -7.043  -7.691  13.388  0.80 21.01 ? 226 HOH A O   1 
HETATM 916 O  O   . HOH D 4 .  ? -9.960  -3.229  -1.114  0.94 27.03 ? 227 HOH A O   1 
HETATM 917 O  O   . HOH D 4 .  ? 13.107  -7.287  3.122   0.74 15.82 ? 228 HOH A O   1 
HETATM 918 O  O   . HOH D 4 .  ? -2.025  -5.878  10.848  0.80 23.92 ? 229 HOH A O   1 
HETATM 919 O  O   . HOH D 4 .  ? 1.689   3.868   19.561  1.00 28.93 ? 230 HOH A O   1 
HETATM 920 O  O   . HOH D 4 .  ? -7.788  0.770   -10.465 1.00 35.46 ? 231 HOH A O   1 
HETATM 921 O  O   . HOH D 4 .  ? 10.344  -11.849 -3.014  1.00 33.86 ? 232 HOH A O   1 
HETATM 922 O  O   . HOH D 4 .  ? -7.295  -11.535 -11.064 1.00 35.94 ? 233 HOH A O   1 
HETATM 923 O  O   . HOH D 4 .  ? -3.550  -11.834 4.809   0.39 17.32 ? 234 HOH A O   1 
HETATM 924 O  O   . HOH D 4 .  ? 7.794   -6.315  8.665   1.00 36.83 ? 235 HOH A O   1 
HETATM 925 O  O   . HOH D 4 .  ? 3.964   12.874  2.624   1.00 35.53 ? 236 HOH A O   1 
HETATM 926 O  O   . HOH D 4 .  ? 9.484   0.552   10.230  1.00 34.35 ? 237 HOH A O   1 
HETATM 927 O  O   . HOH D 4 .  ? 4.081   11.736  7.062   0.83 30.63 ? 238 HOH A O   1 
HETATM 928 O  O   . HOH D 4 .  ? -6.019  11.588  -3.025  0.66 23.06 ? 239 HOH A O   1 
HETATM 929 O  O   . HOH D 4 .  ? -6.460  20.600  15.174  0.73 25.07 ? 240 HOH A O   1 
HETATM 930 O  O   . HOH D 4 .  ? 7.999   -2.294  10.075  1.00 25.91 ? 241 HOH A O   1 
HETATM 931 O  O   . HOH D 4 .  ? 11.531  5.925   -1.653  1.00 22.49 ? 242 HOH A O   1 
HETATM 932 O  O   . HOH D 4 .  ? 8.316   3.831   12.264  1.00 37.18 ? 243 HOH A O   1 
HETATM 933 O  O   . HOH D 4 .  ? -7.226  -13.729 -10.360 0.53 17.94 ? 244 HOH A O   1 
HETATM 934 O  O   . HOH D 4 .  ? 0.029   9.913   16.388  0.56 20.75 ? 245 HOH A O   1 
HETATM 935 O  O   . HOH D 4 .  ? 1.543   -4.716  14.631  0.70 26.60 ? 246 HOH A O   1 
HETATM 936 O  O   . HOH D 4 .  ? -2.758  9.142   -8.517  0.95 39.02 ? 247 HOH A O   1 
HETATM 937 O  O   . HOH D 4 .  ? 13.049  7.909   -0.038  1.00 34.22 ? 248 HOH A O   1 
HETATM 938 O  O   . HOH D 4 .  ? 11.035  2.525   5.990   1.00 21.34 ? 249 HOH A O   1 
HETATM 939 O  O   . HOH D 4 .  ? 12.952  0.928   5.131   0.62 8.47  ? 250 HOH A O   1 
HETATM 940 O  O   . HOH D 4 .  ? -5.493  8.085   13.038  0.94 26.25 ? 251 HOH A O   1 
HETATM 941 O  O   . HOH D 4 .  ? -10.150 15.049  1.161   0.97 30.62 ? 252 HOH A O   1 
HETATM 942 O  O   . HOH D 4 .  ? 7.940   -6.450  -6.918  0.86 25.96 ? 253 HOH A O   1 
HETATM 943 O  O   . HOH D 4 .  ? -2.700  -5.884  13.591  1.00 32.64 ? 254 HOH A O   1 
HETATM 944 O  O   . HOH D 4 .  ? 6.653   -10.502 -19.148 1.00 34.49 ? 255 HOH A O   1 
HETATM 945 O  O   . HOH D 4 .  ? 3.182   -11.804 -17.531 1.00 33.08 ? 256 HOH A O   1 
HETATM 946 O  O   . HOH D 4 .  ? -1.598  4.583   -12.086 0.87 34.06 ? 257 HOH A O   1 
HETATM 947 O  O   . HOH D 4 .  ? -7.213  -8.596  9.585   0.74 26.64 ? 258 HOH A O   1 
HETATM 948 O  O   . HOH D 4 .  ? 3.214   -18.079 -5.067  0.99 43.36 ? 259 HOH A O   1 
HETATM 949 O  O   . HOH D 4 .  ? 3.366   7.744   15.667  0.91 41.45 ? 260 HOH A O   1 
HETATM 950 O  O   . HOH D 4 .  ? -5.762  5.236   -8.941  1.00 33.86 ? 261 HOH A O   1 
HETATM 951 O  O   . HOH D 4 .  ? -5.619  18.458  4.887   1.00 32.57 ? 262 HOH A O   1 
HETATM 952 O  O   . HOH D 4 .  ? -7.392  3.282   -9.541  1.00 45.46 ? 263 HOH A O   1 
HETATM 953 O  O   . HOH D 4 .  ? -11.039 -10.619 -8.456  1.00 37.41 ? 264 HOH A O   1 
HETATM 954 O  O   . HOH D 4 .  ? -9.363  -1.388  -9.159  1.00 25.83 ? 265 HOH A O   1 
HETATM 955 O  O   . HOH D 4 .  ? 11.720  -17.279 -6.232  1.00 40.60 ? 266 HOH A O   1 
# 
loop_
_atom_site_anisotrop.id 
_atom_site_anisotrop.type_symbol 
_atom_site_anisotrop.pdbx_label_atom_id 
_atom_site_anisotrop.pdbx_label_alt_id 
_atom_site_anisotrop.pdbx_label_comp_id 
_atom_site_anisotrop.pdbx_label_asym_id 
_atom_site_anisotrop.pdbx_label_seq_id 
_atom_site_anisotrop.pdbx_PDB_ins_code 
_atom_site_anisotrop.U[1][1] 
_atom_site_anisotrop.U[2][2] 
_atom_site_anisotrop.U[3][3] 
_atom_site_anisotrop.U[1][2] 
_atom_site_anisotrop.U[1][3] 
_atom_site_anisotrop.U[2][3] 
_atom_site_anisotrop.pdbx_auth_seq_id 
_atom_site_anisotrop.pdbx_auth_comp_id 
_atom_site_anisotrop.pdbx_auth_asym_id 
_atom_site_anisotrop.pdbx_auth_atom_id 
1   N  N   . MSE A 4  ? 0.3394 0.2503 0.2675 0.0048  -0.0066 -0.0227 1  MSE A N   
2   C  CA  . MSE A 4  ? 0.3104 0.2295 0.2503 0.0025  -0.0086 -0.0232 1  MSE A CA  
3   C  C   . MSE A 4  ? 0.2383 0.1607 0.1887 -0.0003 -0.0071 -0.0242 1  MSE A C   
4   O  O   . MSE A 4  ? 0.2593 0.1800 0.2089 -0.0004 -0.0027 -0.0228 1  MSE A O   
5   C  CB  . MSE A 4  ? 0.3304 0.2558 0.2728 0.0025  -0.0052 -0.0191 1  MSE A CB  
6   C  CG  . MSE A 4  ? 0.3016 0.2254 0.2366 0.0047  -0.0069 -0.0181 1  MSE A CG  
7   SE SE  . MSE A 4  ? 0.3168 0.2480 0.2553 0.0044  -0.0013 -0.0129 1  MSE A SE  
8   C  CE  . MSE A 4  ? 0.3074 0.2336 0.2378 0.0062  0.0052  -0.0096 1  MSE A CE  
9   N  N   . THR A 5  ? 0.2323 0.1597 0.1929 -0.0024 -0.0105 -0.0263 2  THR A N   
10  C  CA  . THR A 5  ? 0.1980 0.1296 0.1699 -0.0051 -0.0082 -0.0267 2  THR A CA  
11  C  C   . THR A 5  ? 0.2000 0.1374 0.1756 -0.0055 -0.0024 -0.0221 2  THR A C   
12  O  O   . THR A 5  ? 0.1767 0.1161 0.1481 -0.0041 -0.0014 -0.0195 2  THR A O   
13  C  CB  . THR A 5  ? 0.2109 0.1465 0.1934 -0.0071 -0.0129 -0.0299 2  THR A CB  
14  O  OG1 . THR A 5  ? 0.2073 0.1489 0.1932 -0.0070 -0.0136 -0.0280 2  THR A OG1 
15  C  CG2 . THR A 5  ? 0.2564 0.1864 0.2350 -0.0064 -0.0197 -0.0345 2  THR A CG2 
16  N  N   . GLN A 6  ? 0.1968 0.1371 0.1803 -0.0072 0.0013  -0.0213 3  GLN A N   
17  C  CA  . GLN A 6  ? 0.2248 0.1705 0.2114 -0.0072 0.0065  -0.0172 3  GLN A CA  
18  C  C   . GLN A 6  ? 0.2241 0.1762 0.2159 -0.0077 0.0049  -0.0164 3  GLN A C   
19  O  O   . GLN A 6  ? 0.2049 0.1601 0.1944 -0.0068 0.0071  -0.0133 3  GLN A O   
20  C  CB  . GLN A 6  ? 0.3072 0.2540 0.3007 -0.0085 0.0107  -0.0166 3  GLN A CB  
21  C  CG  . GLN A 6  ? 0.3684 0.3094 0.3561 -0.0077 0.0139  -0.0162 3  GLN A CG  
22  C  CD  . GLN A 6  ? 0.4333 0.3737 0.4127 -0.0054 0.0172  -0.0126 3  GLN A CD  
23  O  OE1 . GLN A 6  ? 0.4220 0.3575 0.3922 -0.0038 0.0158  -0.0130 3  GLN A OE1 
24  N  NE2 . GLN A 6  ? 0.5095 0.4547 0.4917 -0.0052 0.0217  -0.0091 3  GLN A NE2 
25  N  N   . LYS A 7  ? 0.2351 0.1890 0.2341 -0.0092 0.0011  -0.0192 4  LYS A N   
26  C  CA  . LYS A 7  ? 0.2685 0.2280 0.2726 -0.0096 -0.0006 -0.0186 4  LYS A CA  
27  C  C   . LYS A 7  ? 0.2382 0.1968 0.2341 -0.0077 -0.0031 -0.0180 4  LYS A C   
28  O  O   . LYS A 7  ? 0.2693 0.2319 0.2654 -0.0073 -0.0019 -0.0156 4  LYS A O   
29  C  CB  . LYS A 7  ? 0.3514 0.3128 0.3653 -0.0113 -0.0044 -0.0219 4  LYS A CB  
30  C  CG  . LYS A 7  ? 0.4040 0.3684 0.4285 -0.0132 -0.0008 -0.0217 4  LYS A CG  
31  C  CD  . LYS A 7  ? 0.4697 0.4363 0.5051 -0.0150 -0.0044 -0.0249 4  LYS A CD  
32  C  CE  . LYS A 7  ? 0.4988 0.4701 0.5369 -0.0147 -0.0071 -0.0245 4  LYS A CE  
33  N  NZ  . LYS A 7  ? 0.4799 0.4560 0.5214 -0.0148 -0.0024 -0.0210 4  LYS A NZ  
34  N  N   . GLU A 8  ? 0.2888 0.2415 0.2768 -0.0064 -0.0065 -0.0201 5  GLU A N   
35  C  CA  . GLU A 8  ? 0.2757 0.2261 0.2548 -0.0043 -0.0087 -0.0195 5  GLU A CA  
36  C  C   . GLU A 8  ? 0.2914 0.2421 0.2646 -0.0031 -0.0038 -0.0155 5  GLU A C   
37  O  O   . GLU A 8  ? 0.2911 0.2439 0.2620 -0.0022 -0.0036 -0.0137 5  GLU A O   
38  C  CB  . GLU A 8  ? 0.3079 0.2510 0.2787 -0.0027 -0.0130 -0.0225 5  GLU A CB  
39  C  CG  . GLU A 8  ? 0.3371 0.2801 0.3126 -0.0034 -0.0193 -0.0266 5  GLU A CG  
40  C  CD  . GLU A 8  ? 0.3733 0.3085 0.3400 -0.0017 -0.0237 -0.0299 5  GLU A CD  
41  O  OE1 . GLU A 8  ? 0.3365 0.2659 0.2947 -0.0005 -0.0211 -0.0291 5  GLU A OE1 
42  O  OE2 . GLU A 8  ? 0.4622 0.3968 0.4303 -0.0014 -0.0298 -0.0333 5  GLU A OE2 
43  N  N   . LYS A 9  ? 0.1885 0.1371 0.1597 -0.0030 0.0002  -0.0142 6  LYS A N   
44  C  CA  . LYS A 9  ? 0.1599 0.1088 0.1265 -0.0018 0.0050  -0.0104 6  LYS A CA  
45  C  C   . LYS A 9  ? 0.1441 0.1004 0.1173 -0.0029 0.0077  -0.0078 6  LYS A C   
46  O  O   . LYS A 9  ? 0.1828 0.1409 0.1533 -0.0019 0.0094  -0.0054 6  LYS A O   
47  C  CB  . LYS A 9  ? 0.2475 0.1929 0.2119 -0.0016 0.0085  -0.0100 6  LYS A CB  
48  C  CG  . LYS A 9  ? 0.3429 0.2874 0.3019 0.0000  0.0131  -0.0064 6  LYS A CG  
49  C  CD  . LYS A 9  ? 0.3549 0.2959 0.3121 0.0003  0.0166  -0.0061 6  LYS A CD  
50  C  CE  . LYS A 9  ? 0.3688 0.3020 0.3200 0.0009  0.0139  -0.0093 6  LYS A CE  
51  N  NZ  . LYS A 9  ? 0.3546 0.2835 0.3032 0.0015  0.0178  -0.0087 6  LYS A NZ  
52  N  N   . ASN A 10 ? 0.1311 0.0912 0.1132 -0.0046 0.0083  -0.0083 7  ASN A N   
53  C  CA  . ASN A 10 ? 0.1041 0.0703 0.0919 -0.0053 0.0115  -0.0058 7  ASN A CA  
54  C  C   . ASN A 10 ? 0.1434 0.1144 0.1365 -0.0062 0.0093  -0.0061 7  ASN A C   
55  O  O   . ASN A 10 ? 0.1554 0.1309 0.1530 -0.0066 0.0117  -0.0043 7  ASN A O   
56  C  CB  . ASN A 10 ? 0.1503 0.1172 0.1436 -0.0063 0.0146  -0.0055 7  ASN A CB  
57  C  CG  . ASN A 10 ? 0.1423 0.1059 0.1306 -0.0052 0.0183  -0.0040 7  ASN A CG  
58  O  OD1 . ASN A 10 ? 0.1775 0.1408 0.1603 -0.0038 0.0199  -0.0019 7  ASN A OD1 
59  N  ND2 . ASN A 10 ? 0.1691 0.1304 0.1600 -0.0058 0.0197  -0.0051 7  ASN A ND2 
60  N  N   . GLU A 11 ? 0.1434 0.1129 0.1353 -0.0060 0.0048  -0.0083 8  GLU A N   
61  C  CA  . GLU A 11 ? 0.1335 0.1072 0.1305 -0.0066 0.0028  -0.0086 8  GLU A CA  
62  C  C   . GLU A 11 ? 0.1320 0.1044 0.1232 -0.0054 -0.0001 -0.0087 8  GLU A C   
63  O  O   . GLU A 11 ? 0.1504 0.1176 0.1341 -0.0040 -0.0019 -0.0096 8  GLU A O   
64  C  CB  . GLU A 11 ? 0.1619 0.1367 0.1671 -0.0081 0.0002  -0.0113 8  GLU A CB  
65  C  CG  . GLU A 11 ? 0.1487 0.1247 0.1603 -0.0094 0.0037  -0.0110 8  GLU A CG  
66  C  CD  . GLU A 11 ? 0.2127 0.1894 0.2331 -0.0109 0.0015  -0.0139 8  GLU A CD  
67  O  OE1 . GLU A 11 ? 0.2584 0.2353 0.2807 -0.0110 -0.0031 -0.0162 8  GLU A OE1 
68  O  OE2 . GLU A 11 ? 0.2233 0.2002 0.2491 -0.0119 0.0045  -0.0139 8  GLU A OE2 
69  N  N   . THR A 12 ? 0.1002 0.0766 0.0941 -0.0056 -0.0002 -0.0077 9  THR A N   
70  C  CA  . THR A 12 ? 0.1182 0.0934 0.1076 -0.0045 -0.0031 -0.0079 9  THR A CA  
71  C  C   . THR A 12 ? 0.1089 0.0886 0.1048 -0.0053 -0.0044 -0.0081 9  THR A C   
72  O  O   . THR A 12 ? 0.1112 0.0946 0.1149 -0.0066 -0.0033 -0.0083 9  THR A O   
73  C  CB  . THR A 12 ? 0.1306 0.1046 0.1130 -0.0033 -0.0004 -0.0053 9  THR A CB  
74  O  OG1 . THR A 12 ? 0.1376 0.1087 0.1144 -0.0019 -0.0030 -0.0057 9  THR A OG1 
75  C  CG2 . THR A 12 ? 0.1320 0.1111 0.1185 -0.0042 0.0028  -0.0028 9  THR A CG2 
76  N  N   . CYS A 13 ? 0.1154 0.0946 0.1080 -0.0043 -0.0065 -0.0080 10 CYS A N   
77  C  CA  . CYS A 13 ? 0.0852 0.0684 0.0833 -0.0048 -0.0077 -0.0080 10 CYS A CA  
78  C  C   . CYS A 13 ? 0.0923 0.0762 0.0864 -0.0042 -0.0061 -0.0059 10 CYS A C   
79  O  O   . CYS A 13 ? 0.1022 0.0825 0.0887 -0.0029 -0.0057 -0.0050 10 CYS A O   
80  C  CB  . CYS A 13 ? 0.1005 0.0824 0.0997 -0.0041 -0.0128 -0.0107 10 CYS A CB  
81  S  SG  . CYS A 13 ? 0.1002 0.0820 0.1065 -0.0052 -0.0155 -0.0139 10 CYS A SG  
82  N  N   . ILE A 14 ? 0.0848 0.0729 0.0842 -0.0050 -0.0051 -0.0049 11 ILE A N   
83  C  CA  . ILE A 14 ? 0.0770 0.0659 0.0734 -0.0046 -0.0040 -0.0034 11 ILE A CA  
84  C  C   . ILE A 14 ? 0.1049 0.0959 0.1055 -0.0045 -0.0061 -0.0040 11 ILE A C   
85  O  O   . ILE A 14 ? 0.1029 0.0960 0.1101 -0.0052 -0.0073 -0.0053 11 ILE A O   
86  C  CB  . ILE A 14 ? 0.0816 0.0733 0.0791 -0.0054 -0.0001 -0.0011 11 ILE A CB  
87  C  CG1 . ILE A 14 ? 0.1165 0.1123 0.1215 -0.0066 0.0012  -0.0011 11 ILE A CG1 
88  C  CG2 . ILE A 14 ? 0.1001 0.0901 0.0940 -0.0053 0.0023  -0.0001 11 ILE A CG2 
89  C  CD1 . ILE A 14 ? 0.1296 0.1283 0.1351 -0.0071 0.0045  0.0008  11 ILE A CD1 
90  N  N   . HIS A 15 ? 0.0851 0.0750 0.0817 -0.0037 -0.0064 -0.0032 12 HIS A N   
91  C  CA  . HIS A 15 ? 0.0814 0.0732 0.0813 -0.0036 -0.0077 -0.0035 12 HIS A CA  
92  C  C   . HIS A 15 ? 0.1044 0.0982 0.1044 -0.0043 -0.0047 -0.0015 12 HIS A C   
93  O  O   . HIS A 15 ? 0.1177 0.1103 0.1131 -0.0043 -0.0026 -0.0002 12 HIS A O   
94  C  CB  . HIS A 15 ? 0.1181 0.1063 0.1128 -0.0017 -0.0108 -0.0043 12 HIS A CB  
95  C  CG  . HIS A 15 ? 0.1178 0.1074 0.1149 -0.0012 -0.0121 -0.0043 12 HIS A CG  
96  N  ND1 . HIS A 15 ? 0.1624 0.1509 0.1557 -0.0007 -0.0108 -0.0029 12 HIS A ND1 
97  C  CD2 . HIS A 15 ? 0.1008 0.0928 0.1043 -0.0012 -0.0145 -0.0056 12 HIS A CD2 
98  C  CE1 . HIS A 15 ? 0.1754 0.1653 0.1720 -0.0003 -0.0122 -0.0032 12 HIS A CE1 
99  N  NE2 . HIS A 15 ? 0.1273 0.1194 0.1301 -0.0004 -0.0145 -0.0048 12 HIS A NE2 
100 N  N   . VAL A 16 ? 0.0931 0.0901 0.0983 -0.0049 -0.0041 -0.0015 13 VAL A N   
101 C  CA  . VAL A 16 ? 0.0900 0.0890 0.0958 -0.0057 -0.0014 0.0000  13 VAL A CA  
102 C  C   . VAL A 16 ? 0.0943 0.0941 0.1021 -0.0054 -0.0020 -0.0001 13 VAL A C   
103 O  O   . VAL A 16 ? 0.1075 0.1084 0.1198 -0.0051 -0.0038 -0.0011 13 VAL A O   
104 C  CB  . VAL A 16 ? 0.0863 0.0883 0.0963 -0.0068 0.0011  0.0006  13 VAL A CB  
105 C  CG1 . VAL A 16 ? 0.0914 0.0947 0.0999 -0.0072 0.0036  0.0020  13 VAL A CG1 
106 C  CG2 . VAL A 16 ? 0.0945 0.0956 0.1039 -0.0069 0.0015  0.0003  13 VAL A CG2 
107 N  N   . THR A 17 ? 0.0904 0.0899 0.0953 -0.0055 -0.0006 0.0010  14 THR A N   
108 C  CA  . THR A 17 ? 0.0831 0.0836 0.0900 -0.0055 -0.0003 0.0012  14 THR A CA  
109 C  C   . THR A 17 ? 0.1081 0.1104 0.1155 -0.0066 0.0025  0.0021  14 THR A C   
110 O  O   . THR A 17 ? 0.1442 0.1464 0.1488 -0.0071 0.0038  0.0028  14 THR A O   
111 C  CB  . THR A 17 ? 0.1256 0.1236 0.1288 -0.0046 -0.0014 0.0013  14 THR A CB  
112 O  OG1 . THR A 17 ? 0.1749 0.1706 0.1726 -0.0048 -0.0001 0.0021  14 THR A OG1 
113 C  CG2 . THR A 17 ? 0.1472 0.1434 0.1501 -0.0031 -0.0046 0.0003  14 THR A CG2 
114 N  N   . VAL A 18 ? 0.0867 0.0909 0.0980 -0.0067 0.0034  0.0021  15 VAL A N   
115 C  CA  . VAL A 18 ? 0.0984 0.1038 0.1097 -0.0072 0.0057  0.0028  15 VAL A CA  
116 C  C   . VAL A 18 ? 0.0972 0.1020 0.1082 -0.0071 0.0060  0.0029  15 VAL A C   
117 O  O   . VAL A 18 ? 0.0951 0.1000 0.1093 -0.0063 0.0055  0.0025  15 VAL A O   
118 C  CB  . VAL A 18 ? 0.0888 0.0962 0.1042 -0.0072 0.0071  0.0030  15 VAL A CB  
119 C  CG1 . VAL A 18 ? 0.1045 0.1126 0.1186 -0.0074 0.0094  0.0037  15 VAL A CG1 
120 C  CG2 . VAL A 18 ? 0.1252 0.1329 0.1409 -0.0075 0.0068  0.0028  15 VAL A CG2 
121 N  N   A SER A 19 ? 0.1063 0.1104 0.1139 -0.0076 0.0068  0.0032  16 SER A N   
122 N  N   B SER A 19 ? 0.1063 0.1104 0.1139 -0.0076 0.0068  0.0032  16 SER A N   
123 C  CA  A SER A 19 ? 0.1170 0.1198 0.1236 -0.0074 0.0072  0.0031  16 SER A CA  
124 C  CA  B SER A 19 ? 0.1171 0.1199 0.1236 -0.0074 0.0072  0.0032  16 SER A CA  
125 C  C   A SER A 19 ? 0.1173 0.1209 0.1237 -0.0077 0.0089  0.0033  16 SER A C   
126 C  C   B SER A 19 ? 0.1174 0.1211 0.1239 -0.0077 0.0089  0.0033  16 SER A C   
127 O  O   A SER A 19 ? 0.1292 0.1344 0.1353 -0.0080 0.0096  0.0035  16 SER A O   
128 O  O   B SER A 19 ? 0.1338 0.1389 0.1401 -0.0079 0.0096  0.0035  16 SER A O   
129 C  CB  A SER A 19 ? 0.1334 0.1341 0.1362 -0.0078 0.0068  0.0032  16 SER A CB  
130 C  CB  B SER A 19 ? 0.1328 0.1335 0.1356 -0.0079 0.0069  0.0032  16 SER A CB  
131 O  OG  A SER A 19 ? 0.1471 0.1483 0.1481 -0.0089 0.0076  0.0035  16 SER A OG  
132 O  OG  B SER A 19 ? 0.1396 0.1389 0.1411 -0.0074 0.0055  0.0033  16 SER A OG  
133 N  N   . GLY A 20 ? 0.1428 0.1453 0.1491 -0.0073 0.0095  0.0031  17 GLY A N   
134 C  CA  . GLY A 20 ? 0.1354 0.1376 0.1404 -0.0072 0.0110  0.0031  17 GLY A CA  
135 C  C   . GLY A 20 ? 0.1582 0.1598 0.1654 -0.0060 0.0123  0.0033  17 GLY A C   
136 O  O   . GLY A 20 ? 0.1857 0.1868 0.1955 -0.0053 0.0119  0.0033  17 GLY A O   
137 N  N   . LYS A 21 ? 0.1585 0.1601 0.1648 -0.0054 0.0140  0.0035  18 LYS A N   
138 C  CA  . LYS A 21 ? 0.1891 0.1900 0.1979 -0.0041 0.0161  0.0039  18 LYS A CA  
139 C  C   . LYS A 21 ? 0.1580 0.1609 0.1717 -0.0038 0.0166  0.0044  18 LYS A C   
140 O  O   . LYS A 21 ? 0.1766 0.1802 0.1899 -0.0036 0.0178  0.0048  18 LYS A O   
141 C  CB  . LYS A 21 ? 0.2679 0.2670 0.2727 -0.0032 0.0178  0.0041  18 LYS A CB  
142 C  CG  . LYS A 21 ? 0.3517 0.3502 0.3587 -0.0016 0.0208  0.0049  18 LYS A CG  
143 C  CD  . LYS A 21 ? 0.4189 0.4162 0.4293 -0.0007 0.0218  0.0052  18 LYS A CD  
144 C  CE  . LYS A 21 ? 0.4476 0.4440 0.4606 0.0010  0.0254  0.0062  18 LYS A CE  
145 N  NZ  . LYS A 21 ? 0.4645 0.4602 0.4819 0.0020  0.0267  0.0066  18 LYS A NZ  
146 N  N   . VAL A 22 ? 0.1548 0.1563 0.1529 -0.0162 0.0232  -0.0083 19 VAL A N   
147 C  CA  . VAL A 22 ? 0.1503 0.1522 0.1483 -0.0150 0.0227  -0.0071 19 VAL A CA  
148 C  C   . VAL A 22 ? 0.1517 0.1522 0.1512 -0.0146 0.0239  -0.0075 19 VAL A C   
149 O  O   . VAL A 22 ? 0.1647 0.1654 0.1646 -0.0136 0.0237  -0.0067 19 VAL A O   
150 C  CB  . VAL A 22 ? 0.1640 0.1671 0.1635 -0.0138 0.0213  -0.0055 19 VAL A CB  
151 C  CG1 . VAL A 22 ? 0.1923 0.1970 0.1904 -0.0141 0.0200  -0.0050 19 VAL A CG1 
152 C  CG2 . VAL A 22 ? 0.1600 0.1623 0.1629 -0.0133 0.0219  -0.0053 19 VAL A CG2 
153 N  N   . GLN A 23 ? 0.2100 0.2091 0.2106 -0.0153 0.0255  -0.0088 20 GLN A N   
154 C  CA  . GLN A 23 ? 0.2516 0.2491 0.2537 -0.0149 0.0268  -0.0093 20 GLN A CA  
155 C  C   . GLN A 23 ? 0.2132 0.2099 0.2129 -0.0161 0.0279  -0.0107 20 GLN A C   
156 O  O   . GLN A 23 ? 0.2258 0.2226 0.2233 -0.0172 0.0280  -0.0116 20 GLN A O   
157 C  CB  . GLN A 23 ? 0.3394 0.3358 0.3446 -0.0148 0.0279  -0.0097 20 GLN A CB  
158 C  CG  . GLN A 23 ? 0.4163 0.4135 0.4245 -0.0134 0.0273  -0.0083 20 GLN A CG  
159 C  CD  . GLN A 23 ? 0.5267 0.5251 0.5350 -0.0132 0.0259  -0.0073 20 GLN A CD  
160 O  OE1 . GLN A 23 ? 0.5828 0.5810 0.5898 -0.0143 0.0259  -0.0079 20 GLN A OE1 
161 N  NE2 . GLN A 23 ? 0.5506 0.5501 0.5603 -0.0120 0.0248  -0.0058 20 GLN A NE2 
162 N  N   . GLY A 24 ? 0.1905 0.1866 0.1906 -0.0156 0.0287  -0.0107 21 GLY A N   
163 C  CA  . GLY A 24 ? 0.1937 0.1888 0.1917 -0.0165 0.0299  -0.0120 21 GLY A CA  
164 C  C   . GLY A 24 ? 0.2000 0.1959 0.1943 -0.0169 0.0291  -0.0117 21 GLY A C   
165 O  O   . GLY A 24 ? 0.2355 0.2309 0.2275 -0.0179 0.0299  -0.0128 21 GLY A O   
166 N  N   . VAL A 25 ? 0.1590 0.1564 0.1528 -0.0160 0.0276  -0.0102 22 VAL A N   
167 C  CA  . VAL A 25 ? 0.1523 0.1506 0.1427 -0.0162 0.0268  -0.0096 22 VAL A CA  
168 C  C   . VAL A 25 ? 0.1318 0.1305 0.1222 -0.0149 0.0262  -0.0083 22 VAL A C   
169 O  O   . VAL A 25 ? 0.1444 0.1441 0.1328 -0.0146 0.0253  -0.0073 22 VAL A O   
170 C  CB  . VAL A 25 ? 0.1471 0.1470 0.1360 -0.0166 0.0255  -0.0093 22 VAL A CB  
171 C  CG1 . VAL A 25 ? 0.1909 0.1904 0.1793 -0.0181 0.0262  -0.0109 22 VAL A CG1 
172 C  CG2 . VAL A 25 ? 0.1705 0.1712 0.1616 -0.0157 0.0242  -0.0081 22 VAL A CG2 
173 N  N   . PHE A 26 ? 0.0973 0.0953 0.0904 -0.0143 0.0268  -0.0082 23 PHE A N   
174 C  CA  . PHE A 26 ? 0.0963 0.0946 0.0896 -0.0132 0.0265  -0.0072 23 PHE A CA  
175 C  C   . PHE A 26 ? 0.1073 0.1072 0.1005 -0.0125 0.0248  -0.0058 23 PHE A C   
176 O  O   . PHE A 26 ? 0.1189 0.1193 0.1107 -0.0121 0.0244  -0.0050 23 PHE A O   
177 C  CB  . PHE A 26 ? 0.1309 0.1285 0.1216 -0.0136 0.0273  -0.0073 23 PHE A CB  
178 C  CG  . PHE A 26 ? 0.1394 0.1355 0.1304 -0.0141 0.0290  -0.0087 23 PHE A CG  
179 C  CD1 . PHE A 26 ? 0.1582 0.1537 0.1518 -0.0137 0.0299  -0.0091 23 PHE A CD1 
180 C  CD2 . PHE A 26 ? 0.1504 0.1459 0.1387 -0.0152 0.0298  -0.0096 23 PHE A CD2 
181 C  CE1 . PHE A 26 ? 0.1474 0.1416 0.1413 -0.0143 0.0316  -0.0104 23 PHE A CE1 
182 C  CE2 . PHE A 26 ? 0.1625 0.1565 0.1510 -0.0158 0.0315  -0.0109 23 PHE A CE2 
183 C  CZ  . PHE A 26 ? 0.1503 0.1436 0.1416 -0.0154 0.0324  -0.0113 23 PHE A CZ  
184 N  N   . PHE A 27 ? 0.1118 0.1125 0.1066 -0.0124 0.0240  -0.0056 24 PHE A N   
185 C  CA  . PHE A 27 ? 0.1089 0.1110 0.1036 -0.0119 0.0225  -0.0044 24 PHE A CA  
186 C  C   . PHE A 27 ? 0.1292 0.1319 0.1253 -0.0108 0.0220  -0.0034 24 PHE A C   
187 O  O   . PHE A 27 ? 0.1234 0.1268 0.1181 -0.0103 0.0213  -0.0024 24 PHE A O   
188 C  CB  . PHE A 27 ? 0.1317 0.1343 0.1278 -0.0121 0.0218  -0.0044 24 PHE A CB  
189 C  CG  . PHE A 27 ? 0.1323 0.1365 0.1271 -0.0120 0.0204  -0.0035 24 PHE A CG  
190 C  CD1 . PHE A 27 ? 0.1174 0.1226 0.1126 -0.0110 0.0194  -0.0022 24 PHE A CD1 
191 C  CD2 . PHE A 27 ? 0.1506 0.1551 0.1437 -0.0130 0.0201  -0.0041 24 PHE A CD2 
192 C  CE1 . PHE A 27 ? 0.1387 0.1453 0.1328 -0.0109 0.0181  -0.0014 24 PHE A CE1 
193 C  CE2 . PHE A 27 ? 0.1498 0.1558 0.1417 -0.0129 0.0188  -0.0033 24 PHE A CE2 
194 C  CZ  . PHE A 27 ? 0.1326 0.1397 0.1251 -0.0118 0.0178  -0.0019 24 PHE A CZ  
195 N  N   . ARG A 28 ? 0.1297 0.1320 0.1284 -0.0104 0.0226  -0.0036 25 ARG A N   
196 C  CA  . ARG A 28 ? 0.1492 0.1523 0.1494 -0.0095 0.0224  -0.0029 25 ARG A CA  
197 C  C   . ARG A 28 ? 0.1284 0.1311 0.1267 -0.0094 0.0228  -0.0028 25 ARG A C   
198 O  O   . ARG A 28 ? 0.1197 0.1232 0.1175 -0.0089 0.0221  -0.0019 25 ARG A O   
199 C  CB  . ARG A 28 ? 0.1795 0.1826 0.1828 -0.0092 0.0233  -0.0036 25 ARG A CB  
200 C  CG  . ARG A 28 ? 0.2197 0.2233 0.2253 -0.0089 0.0228  -0.0033 25 ARG A CG  
201 C  CD  . ARG A 28 ? 0.2185 0.2223 0.2272 -0.0084 0.0237  -0.0037 25 ARG A CD  
202 N  NE  . ARG A 28 ? 0.2586 0.2611 0.2666 -0.0090 0.0250  -0.0048 25 ARG A NE  
203 C  CZ  . ARG A 28 ? 0.2903 0.2930 0.2997 -0.0087 0.0257  -0.0051 25 ARG A CZ  
204 N  NH1 . ARG A 28 ? 0.2903 0.2946 0.3017 -0.0079 0.0252  -0.0046 25 ARG A NH1 
205 N  NH2 . ARG A 28 ? 0.2776 0.2790 0.2862 -0.0093 0.0271  -0.0062 25 ARG A NH2 
206 N  N   . GLU A 29 ? 0.1146 0.1159 0.1116 -0.0100 0.0241  -0.0037 26 GLU A N   
207 C  CA  . GLU A 29 ? 0.1285 0.1291 0.1237 -0.0099 0.0247  -0.0035 26 GLU A CA  
208 C  C   . GLU A 29 ? 0.1260 0.1271 0.1184 -0.0098 0.0239  -0.0025 26 GLU A C   
209 O  O   . GLU A 29 ? 0.1377 0.1387 0.1292 -0.0093 0.0239  -0.0017 26 GLU A O   
210 C  CB  . GLU A 29 ? 0.1408 0.1399 0.1350 -0.0106 0.0263  -0.0046 26 GLU A CB  
211 C  CG  . GLU A 29 ? 0.1494 0.1481 0.1466 -0.0106 0.0273  -0.0055 26 GLU A CG  
212 C  CD  . GLU A 29 ? 0.1690 0.1678 0.1679 -0.0109 0.0273  -0.0062 26 GLU A CD  
213 O  OE1 . GLU A 29 ? 0.1321 0.1311 0.1300 -0.0112 0.0266  -0.0060 26 GLU A OE1 
214 O  OE2 . GLU A 29 ? 0.2123 0.2109 0.2136 -0.0108 0.0282  -0.0069 26 GLU A OE2 
215 N  N   . SER A 30 ? 0.0969 0.0984 0.0879 -0.0102 0.0232  -0.0024 27 SER A N   
216 C  CA  . SER A 30 ? 0.1090 0.1111 0.0974 -0.0101 0.0224  -0.0014 27 SER A CA  
217 C  C   . SER A 30 ? 0.1247 0.1280 0.1137 -0.0093 0.0212  -0.0003 27 SER A C   
218 O  O   . SER A 30 ? 0.1303 0.1341 0.1178 -0.0088 0.0209  0.0007  27 SER A O   
219 C  CB  . SER A 30 ? 0.1511 0.1536 0.1379 -0.0109 0.0221  -0.0020 27 SER A CB  
220 O  OG  . SER A 30 ? 0.1845 0.1883 0.1729 -0.0110 0.0210  -0.0019 27 SER A OG  
221 N  N   . VAL A 31 ? 0.1083 0.1124 0.1000 -0.0091 0.0206  -0.0004 28 VAL A N   
222 C  CA  . VAL A 31 ? 0.0971 0.1025 0.0899 -0.0084 0.0194  0.0007  28 VAL A CA  
223 C  C   . VAL A 31 ? 0.0906 0.0956 0.0838 -0.0078 0.0199  0.0011  28 VAL A C   
224 O  O   . VAL A 31 ? 0.1091 0.1147 0.1016 -0.0072 0.0195  0.0020  28 VAL A O   
225 C  CB  . VAL A 31 ? 0.1033 0.1095 0.0987 -0.0083 0.0187  0.0006  28 VAL A CB  
226 C  CG1 . VAL A 31 ? 0.1060 0.1135 0.1026 -0.0075 0.0177  0.0015  28 VAL A CG1 
227 C  CG2 . VAL A 31 ? 0.1321 0.1387 0.1270 -0.0089 0.0183  0.0002  28 VAL A CG2 
228 N  N   . ARG A 32 ? 0.0997 0.1039 0.0944 -0.0079 0.0211  0.0002  29 ARG A N   
229 C  CA  . ARG A 32 ? 0.0991 0.1030 0.0943 -0.0075 0.0217  0.0003  29 ARG A CA  
230 C  C   . ARG A 32 ? 0.1221 0.1252 0.1146 -0.0075 0.0224  0.0008  29 ARG A C   
231 O  O   . ARG A 32 ? 0.1102 0.1134 0.1026 -0.0069 0.0224  0.0015  29 ARG A O   
232 C  CB  . ARG A 32 ? 0.0801 0.0835 0.0771 -0.0078 0.0229  -0.0008 29 ARG A CB  
233 C  CG  . ARG A 32 ? 0.1143 0.1175 0.1119 -0.0076 0.0238  -0.0010 29 ARG A CG  
234 C  CD  . ARG A 32 ? 0.1006 0.1032 0.0998 -0.0080 0.0251  -0.0022 29 ARG A CD  
235 N  NE  . ARG A 32 ? 0.1654 0.1663 0.1627 -0.0086 0.0261  -0.0027 29 ARG A NE  
236 C  CZ  . ARG A 32 ? 0.1740 0.1745 0.1725 -0.0090 0.0271  -0.0038 29 ARG A CZ  
237 N  NH1 . ARG A 32 ? 0.1755 0.1769 0.1769 -0.0088 0.0271  -0.0044 29 ARG A NH1 
238 N  NH2 . ARG A 32 ? 0.1844 0.1834 0.1811 -0.0096 0.0279  -0.0043 29 ARG A NH2 
239 N  N   . LYS A 33 ? 0.1110 0.1128 0.1014 -0.0079 0.0230  0.0006  30 LYS A N   
240 C  CA  . LYS A 33 ? 0.1224 0.1233 0.1101 -0.0077 0.0236  0.0012  30 LYS A CA  
241 C  C   . LYS A 33 ? 0.1254 0.1274 0.1117 -0.0071 0.0225  0.0026  30 LYS A C   
242 O  O   . LYS A 33 ? 0.1337 0.1352 0.1190 -0.0065 0.0230  0.0035  30 LYS A O   
243 C  CB  . LYS A 33 ? 0.1014 0.1014 0.0870 -0.0084 0.0245  0.0006  30 LYS A CB  
244 C  CG  . LYS A 33 ? 0.1439 0.1428 0.1266 -0.0081 0.0254  0.0014  30 LYS A CG  
245 C  CD  . LYS A 33 ? 0.1662 0.1642 0.1471 -0.0089 0.0263  0.0006  30 LYS A CD  
246 C  CE  . LYS A 33 ? 0.1859 0.1828 0.1638 -0.0086 0.0273  0.0016  30 LYS A CE  
247 N  NZ  . LYS A 33 ? 0.2153 0.2133 0.1908 -0.0081 0.0262  0.0030  30 LYS A NZ  
248 N  N   . LYS A 34 ? 0.1178 0.1212 0.1041 -0.0072 0.0213  0.0027  31 LYS A N   
249 C  CA  . LYS A 34 ? 0.1340 0.1384 0.1190 -0.0067 0.0201  0.0040  31 LYS A CA  
250 C  C   . LYS A 34 ? 0.1344 0.1394 0.1213 -0.0060 0.0197  0.0046  31 LYS A C   
251 O  O   . LYS A 34 ? 0.1108 0.1160 0.0965 -0.0053 0.0197  0.0057  31 LYS A O   
252 C  CB  . LYS A 34 ? 0.1294 0.1353 0.1145 -0.0072 0.0188  0.0039  31 LYS A CB  
253 C  CG  . LYS A 34 ? 0.1567 0.1642 0.1407 -0.0066 0.0176  0.0051  31 LYS A CG  
254 C  CD  . LYS A 34 ? 0.2265 0.2339 0.2078 -0.0061 0.0179  0.0061  31 LYS A CD  
255 C  CE  . LYS A 34 ? 0.2682 0.2759 0.2473 -0.0069 0.0180  0.0056  31 LYS A CE  
256 N  NZ  . LYS A 34 ? 0.3093 0.3175 0.2857 -0.0063 0.0180  0.0069  31 LYS A NZ  
257 N  N   . ALA A 35 ? 0.1217 0.1272 0.1110 -0.0061 0.0195  0.0040  32 ALA A N   
258 C  CA  . ALA A 35 ? 0.1115 0.1177 0.1026 -0.0055 0.0192  0.0044  32 ALA A CA  
259 C  C   . ALA A 35 ? 0.1216 0.1265 0.1122 -0.0052 0.0204  0.0046  32 ALA A C   
260 O  O   . ALA A 35 ? 0.1293 0.1345 0.1199 -0.0047 0.0203  0.0054  32 ALA A O   
261 C  CB  . ALA A 35 ? 0.1393 0.1462 0.1332 -0.0058 0.0188  0.0036  32 ALA A CB  
262 N  N   . GLU A 36 ? 0.1169 0.1206 0.1076 -0.0057 0.0218  0.0038  33 GLU A N   
263 C  CA  . GLU A 36 ? 0.1399 0.1422 0.1302 -0.0055 0.0233  0.0038  33 GLU A CA  
264 C  C   . GLU A 36 ? 0.1393 0.1408 0.1270 -0.0048 0.0236  0.0051  33 GLU A C   
265 O  O   . GLU A 36 ? 0.1605 0.1615 0.1481 -0.0044 0.0241  0.0058  33 GLU A O   
266 C  CB  . GLU A 36 ? 0.1416 0.1425 0.1321 -0.0060 0.0247  0.0026  33 GLU A CB  
267 C  CG  . GLU A 36 ? 0.1473 0.1492 0.1407 -0.0065 0.0245  0.0014  33 GLU A CG  
268 C  CD  . GLU A 36 ? 0.1947 0.1955 0.1888 -0.0070 0.0260  0.0003  33 GLU A CD  
269 O  OE1 . GLU A 36 ? 0.1975 0.1968 0.1896 -0.0073 0.0269  0.0002  33 GLU A OE1 
270 O  OE2 . GLU A 36 ? 0.2001 0.2017 0.1967 -0.0072 0.0262  -0.0006 33 GLU A OE2 
271 N  N   . GLU A 37 ? 0.1408 0.1424 0.1264 -0.0049 0.0232  0.0056  34 GLU A N   
272 C  CA  . GLU A 37 ? 0.1534 0.1546 0.1363 -0.0043 0.0233  0.0070  34 GLU A CA  
273 C  C   . GLU A 37 ? 0.1810 0.1834 0.1643 -0.0035 0.0222  0.0082  34 GLU A C   
274 O  O   . GLU A 37 ? 0.2434 0.2454 0.2254 -0.0026 0.0226  0.0094  34 GLU A O   
275 C  CB  . GLU A 37 ? 0.1865 0.1881 0.1671 -0.0045 0.0229  0.0071  34 GLU A CB  
276 C  CG  . GLU A 37 ? 0.2429 0.2428 0.2226 -0.0052 0.0242  0.0062  34 GLU A CG  
277 C  CD  . GLU A 37 ? 0.3088 0.3092 0.2868 -0.0058 0.0239  0.0058  34 GLU A CD  
278 O  OE1 . GLU A 37 ? 0.2949 0.2972 0.2729 -0.0059 0.0224  0.0061  34 GLU A OE1 
279 O  OE2 . GLU A 37 ? 0.3285 0.3277 0.3055 -0.0063 0.0251  0.0051  34 GLU A OE2 
280 N  N   . LEU A 38 ? 0.1662 0.0977 0.1224 0.0082  -0.0048 0.0022  35 LEU A N   
281 C  CA  . LEU A 38 ? 0.1641 0.1041 0.1283 0.0080  -0.0101 0.0018  35 LEU A CA  
282 C  C   . LEU A 38 ? 0.1652 0.1145 0.1392 0.0060  -0.0076 0.0025  35 LEU A C   
283 O  O   . LEU A 38 ? 0.1526 0.1089 0.1332 0.0061  -0.0105 0.0024  35 LEU A O   
284 C  CB  . LEU A 38 ? 0.1438 0.0894 0.1150 0.0081  -0.0145 0.0013  35 LEU A CB  
285 C  CG  . LEU A 38 ? 0.1724 0.1089 0.1354 0.0107  -0.0195 -0.0001 35 LEU A CG  
286 C  CD1 . LEU A 38 ? 0.1746 0.1173 0.1472 0.0100  -0.0227 -0.0007 35 LEU A CD1 
287 C  CD2 . LEU A 38 ? 0.2194 0.1505 0.1777 0.0133  -0.0252 -0.0014 35 LEU A CD2 
288 N  N   . GLN A 39 ? 0.1704 0.1190 0.1456 0.0046  -0.0023 0.0026  36 GLN A N   
289 C  CA  . GLN A 39 ? 0.1389 0.0948 0.1233 0.0032  -0.0010 0.0024  36 GLN A CA  
290 C  C   . GLN A 39 ? 0.1374 0.1028 0.1303 0.0029  -0.0036 0.0023  36 GLN A C   
291 O  O   . GLN A 39 ? 0.1501 0.1204 0.1468 0.0034  -0.0056 0.0023  36 GLN A O   
292 C  CB  . GLN A 39 ? 0.1551 0.1099 0.1371 0.0039  -0.0026 0.0025  36 GLN A CB  
293 C  CG  . GLN A 39 ? 0.2283 0.1722 0.2006 0.0044  0.0007  0.0028  36 GLN A CG  
294 C  CD  . GLN A 39 ? 0.4058 0.3491 0.3778 0.0046  0.0002  0.0027  36 GLN A CD  
295 O  OE1 . GLN A 39 ? 0.4425 0.3920 0.4233 0.0034  0.0005  0.0021  36 GLN A OE1 
296 N  NE2 . GLN A 39 ? 0.4817 0.4167 0.4433 0.0065  -0.0013 0.0031  36 GLN A NE2 
297 N  N   . LEU A 40 ? 0.1147 0.0814 0.1094 0.0025  -0.0032 0.0023  37 LEU A N   
298 C  CA  . LEU A 40 ? 0.1064 0.0802 0.1078 0.0026  -0.0047 0.0024  37 LEU A CA  
299 C  C   . LEU A 40 ? 0.1160 0.0918 0.1228 0.0018  -0.0025 0.0013  37 LEU A C   
300 O  O   . LEU A 40 ? 0.1281 0.1000 0.1346 0.0009  0.0009  0.0008  37 LEU A O   
301 C  CB  . LEU A 40 ? 0.1062 0.0798 0.1068 0.0029  -0.0065 0.0029  37 LEU A CB  
302 C  CG  . LEU A 40 ? 0.1081 0.0804 0.1071 0.0040  -0.0100 0.0032  37 LEU A CG  
303 C  CD1 . LEU A 40 ? 0.1168 0.0881 0.1168 0.0042  -0.0121 0.0030  37 LEU A CD1 
304 C  CD2 . LEU A 40 ? 0.1352 0.1129 0.1392 0.0046  -0.0107 0.0039  37 LEU A CD2 
305 N  N   . THR A 41 ? 0.0977 0.0785 0.1092 0.0026  -0.0044 0.0010  38 THR A N   
306 C  CA  . THR A 41 ? 0.1116 0.0945 0.1295 0.0024  -0.0040 -0.0006 38 THR A CA  
307 C  C   . THR A 41 ? 0.1304 0.1155 0.1485 0.0034  -0.0053 0.0000  38 THR A C   
308 O  O   . THR A 41 ? 0.1146 0.0999 0.1294 0.0040  -0.0060 0.0016  38 THR A O   
309 C  CB  . THR A 41 ? 0.1324 0.1171 0.1543 0.0036  -0.0063 -0.0023 38 THR A CB  
310 O  OG1 . THR A 41 ? 0.1305 0.1161 0.1481 0.0059  -0.0091 -0.0013 38 THR A OG1 
311 C  CG2 . THR A 41 ? 0.1528 0.1351 0.1755 0.0025  -0.0047 -0.0029 38 THR A CG2 
312 N  N   . GLY A 42 ? 0.0902 0.0767 0.1134 0.0036  -0.0054 -0.0016 39 GLY A N   
313 C  CA  . GLY A 42 ? 0.0918 0.0792 0.1144 0.0047  -0.0065 -0.0010 39 GLY A CA  
314 C  C   . GLY A 42 ? 0.0919 0.0792 0.1186 0.0036  -0.0045 -0.0021 39 GLY A C   
315 O  O   . GLY A 42 ? 0.0943 0.0816 0.1272 0.0029  -0.0029 -0.0040 39 GLY A O   
316 N  N   . TRP A 43 ? 0.1077 0.0944 0.1319 0.0037  -0.0043 -0.0009 40 TRP A N   
317 C  CA  . TRP A 43 ? 0.0885 0.0748 0.1158 0.0032  -0.0025 -0.0019 40 TRP A CA  
318 C  C   . TRP A 43 ? 0.1073 0.0913 0.1298 0.0028  -0.0020 -0.0003 40 TRP A C   
319 O  O   . TRP A 43 ? 0.0954 0.0794 0.1145 0.0030  -0.0036 0.0012  40 TRP A O   
320 C  CB  . TRP A 43 ? 0.0831 0.0717 0.1161 0.0050  -0.0050 -0.0039 40 TRP A CB  
321 C  CG  . TRP A 43 ? 0.0877 0.0762 0.1161 0.0073  -0.0081 -0.0027 40 TRP A CG  
322 C  CD1 . TRP A 43 ? 0.1041 0.0920 0.1299 0.0097  -0.0110 -0.0028 40 TRP A CD1 
323 C  CD2 . TRP A 43 ? 0.0760 0.0632 0.1009 0.0079  -0.0080 -0.0011 40 TRP A CD2 
324 N  NE1 . TRP A 43 ? 0.1054 0.0909 0.1252 0.0119  -0.0117 -0.0011 40 TRP A NE1 
325 C  CE2 . TRP A 43 ? 0.1108 0.0963 0.1310 0.0106  -0.0098 0.0000  40 TRP A CE2 
326 C  CE3 . TRP A 43 ? 0.0838 0.0703 0.1087 0.0065  -0.0062 -0.0005 40 TRP A CE3 
327 C  CZ2 . TRP A 43 ? 0.1154 0.0984 0.1318 0.0118  -0.0091 0.0019  40 TRP A CZ2 
328 C  CZ3 . TRP A 43 ? 0.1077 0.0927 0.1295 0.0075  -0.0067 0.0010  40 TRP A CZ3 
329 C  CH2 . TRP A 43 ? 0.1287 0.1121 0.1470 0.0099  -0.0077 0.0024  40 TRP A CH2 
330 N  N   . VAL A 44 ? 0.0913 0.0730 0.1142 0.0023  0.0004  -0.0010 41 VAL A N   
331 C  CA  . VAL A 44 ? 0.1030 0.0819 0.1213 0.0023  0.0002  0.0000  41 VAL A CA  
332 C  C   . VAL A 44 ? 0.1361 0.1146 0.1572 0.0027  0.0018  -0.0012 41 VAL A C   
333 O  O   . VAL A 44 ? 0.1130 0.0914 0.1387 0.0024  0.0049  -0.0026 41 VAL A O   
334 C  CB  . VAL A 44 ? 0.0866 0.0592 0.0971 0.0019  0.0012  0.0004  41 VAL A CB  
335 C  CG1 . VAL A 44 ? 0.1141 0.0822 0.1233 0.0017  0.0062  -0.0004 41 VAL A CG1 
336 C  CG2 . VAL A 44 ? 0.1278 0.0967 0.1339 0.0023  -0.0007 0.0008  41 VAL A CG2 
337 N  N   . LYS A 45 ? 0.1272 0.1052 0.1468 0.0031  0.0000  -0.0006 42 LYS A N   
338 C  CA  . LYS A 45 ? 0.1433 0.1203 0.1645 0.0036  0.0014  -0.0015 42 LYS A CA  
339 C  C   . LYS A 45 ? 0.1127 0.0857 0.1282 0.0037  0.0002  -0.0007 42 LYS A C   
340 O  O   . LYS A 45 ? 0.0991 0.0713 0.1124 0.0034  -0.0024 0.0005  42 LYS A O   
341 C  CB  . LYS A 45 ? 0.1943 0.1755 0.2217 0.0049  -0.0005 -0.0025 42 LYS A CB  
342 C  CG  . LYS A 45 ? 0.1487 0.1303 0.1736 0.0058  -0.0035 -0.0009 42 LYS A CG  
343 C  CD  . LYS A 45 ? 0.2294 0.2127 0.2570 0.0082  -0.0060 -0.0019 42 LYS A CD  
344 C  CE  . LYS A 45 ? 0.2825 0.2652 0.3123 0.0093  -0.0064 -0.0032 42 LYS A CE  
345 N  NZ  . LYS A 45 ? 0.3046 0.2862 0.3330 0.0125  -0.0098 -0.0036 42 LYS A NZ  
346 N  N   . ASN A 46 ? 0.1098 0.0798 0.1245 0.0042  0.0021  -0.0015 43 ASN A N   
347 C  CA  . ASN A 46 ? 0.1253 0.0912 0.1356 0.0047  0.0003  -0.0012 43 ASN A CA  
348 C  C   . ASN A 46 ? 0.1455 0.1149 0.1607 0.0052  -0.0009 -0.0013 43 ASN A C   
349 O  O   . ASN A 46 ? 0.2482 0.2191 0.2674 0.0060  0.0009  -0.0026 43 ASN A O   
350 C  CB  . ASN A 46 ? 0.2132 0.1718 0.2172 0.0056  0.0036  -0.0021 43 ASN A CB  
351 C  CG  . ASN A 46 ? 0.3275 0.2781 0.3212 0.0063  0.0031  -0.0020 43 ASN A CG  
352 O  OD1 . ASN A 46 ? 0.4457 0.3937 0.4364 0.0064  0.0063  -0.0019 43 ASN A OD1 
353 N  ND2 . ASN A 46 ? 0.2861 0.2318 0.2744 0.0070  -0.0014 -0.0021 43 ASN A ND2 
354 N  N   . LEU A 47 ? 0.1403 0.1070 0.1074 0.0004  -0.0023 -0.0062 44 LEU A N   
355 C  CA  . LEU A 47 ? 0.1359 0.0985 0.1010 0.0008  -0.0023 -0.0060 44 LEU A CA  
356 C  C   . LEU A 47 ? 0.1528 0.1129 0.1172 0.0001  -0.0020 -0.0069 44 LEU A C   
357 O  O   . LEU A 47 ? 0.1464 0.1073 0.1107 -0.0018 -0.0014 -0.0073 44 LEU A O   
358 C  CB  . LEU A 47 ? 0.1339 0.0960 0.0974 -0.0004 -0.0019 -0.0049 44 LEU A CB  
359 C  CG  . LEU A 47 ? 0.1444 0.1088 0.1085 0.0002  -0.0020 -0.0041 44 LEU A CG  
360 C  CD1 . LEU A 47 ? 0.1625 0.1264 0.1252 -0.0014 -0.0014 -0.0032 44 LEU A CD1 
361 C  CD2 . LEU A 47 ? 0.1970 0.1606 0.1610 0.0023  -0.0027 -0.0040 44 LEU A CD2 
362 N  N   . SER A 48 ? 0.1252 0.0822 0.0890 0.0017  -0.0023 -0.0073 45 SER A N   
363 C  CA  . SER A 48 ? 0.1412 0.0953 0.1044 0.0013  -0.0018 -0.0082 45 SER A CA  
364 C  C   . SER A 48 ? 0.1521 0.1035 0.1131 -0.0008 -0.0008 -0.0080 45 SER A C   
365 O  O   . SER A 48 ? 0.1588 0.1079 0.1179 -0.0009 -0.0007 -0.0070 45 SER A O   
366 C  CB  . SER A 48 ? 0.1711 0.1223 0.1343 0.0037  -0.0023 -0.0085 45 SER A CB  
367 O  OG  . SER A 48 ? 0.2422 0.1907 0.2053 0.0036  -0.0017 -0.0096 45 SER A OG  
368 N  N   . HIS A 49 ? 0.1444 0.0965 0.1056 -0.0028 -0.0001 -0.0090 46 HIS A N   
369 C  CA  . HIS A 49 ? 0.1464 0.0962 0.1056 -0.0052 0.0010  -0.0091 46 HIS A CA  
370 C  C   . HIS A 49 ? 0.1777 0.1298 0.1362 -0.0069 0.0011  -0.0082 46 HIS A C   
371 O  O   . HIS A 49 ? 0.1966 0.1467 0.1532 -0.0089 0.0020  -0.0081 46 HIS A O   
372 C  CB  . HIS A 49 ? 0.1762 0.1201 0.1331 -0.0046 0.0016  -0.0091 46 HIS A CB  
373 C  CG  . HIS A 49 ? 0.2301 0.1718 0.1878 -0.0029 0.0016  -0.0101 46 HIS A CG  
374 N  ND1 . HIS A 49 ? 0.2922 0.2342 0.2506 -0.0041 0.0022  -0.0116 46 HIS A ND1 
375 C  CD2 . HIS A 49 ? 0.2817 0.2206 0.2393 -0.0002 0.0011  -0.0098 46 HIS A CD2 
376 C  CE1 . HIS A 49 ? 0.3028 0.2426 0.2620 -0.0021 0.0022  -0.0123 46 HIS A CE1 
377 N  NE2 . HIS A 49 ? 0.2899 0.2279 0.2487 0.0004  0.0014  -0.0112 46 HIS A NE2 
378 N  N   . GLY A 50 ? 0.1652 0.1215 0.1255 -0.0061 0.0003  -0.0075 47 GLY A N   
379 C  CA  . GLY A 50 ? 0.1510 0.1095 0.1111 -0.0072 0.0004  -0.0065 47 GLY A CA  
380 C  C   . GLY A 50 ? 0.1551 0.1192 0.1176 -0.0074 0.0000  -0.0062 47 GLY A C   
381 O  O   . GLY A 50 ? 0.1698 0.1362 0.1336 -0.0079 -0.0002 -0.0069 47 GLY A O   
382 N  N   . ASP A 51 ? 0.1563 0.1224 0.1193 -0.0071 -0.0002 -0.0052 48 ASP A N   
383 C  CA  . ASP A 51 ? 0.1364 0.1075 0.1016 -0.0073 -0.0004 -0.0047 48 ASP A CA  
384 C  C   . ASP A 51 ? 0.1424 0.1152 0.1094 -0.0051 -0.0011 -0.0047 48 ASP A C   
385 O  O   . ASP A 51 ? 0.1653 0.1356 0.1320 -0.0034 -0.0013 -0.0049 48 ASP A O   
386 C  CB  . ASP A 51 ? 0.1520 0.1244 0.1171 -0.0078 0.0000  -0.0038 48 ASP A CB  
387 C  CG  . ASP A 51 ? 0.2131 0.1846 0.1765 -0.0102 0.0008  -0.0039 48 ASP A CG  
388 O  OD1 . ASP A 51 ? 0.2188 0.1904 0.1817 -0.0120 0.0011  -0.0047 48 ASP A OD1 
389 O  OD2 . ASP A 51 ? 0.2452 0.2159 0.2075 -0.0107 0.0013  -0.0033 48 ASP A OD2 
390 N  N   . VAL A 52 ? 0.1093 0.0863 0.0783 -0.0051 -0.0011 -0.0044 49 VAL A N   
391 C  CA  . VAL A 52 ? 0.1235 0.1021 0.0942 -0.0032 -0.0014 -0.0041 49 VAL A CA  
392 C  C   . VAL A 52 ? 0.1350 0.1140 0.1058 -0.0025 -0.0012 -0.0031 49 VAL A C   
393 O  O   . VAL A 52 ? 0.1263 0.1065 0.0970 -0.0037 -0.0008 -0.0026 49 VAL A O   
394 C  CB  . VAL A 52 ? 0.1144 0.0970 0.0869 -0.0034 -0.0016 -0.0038 49 VAL A CB  
395 C  CG1 . VAL A 52 ? 0.1415 0.1256 0.1156 -0.0015 -0.0015 -0.0032 49 VAL A CG1 
396 C  CG2 . VAL A 52 ? 0.1602 0.1421 0.1324 -0.0038 -0.0018 -0.0048 49 VAL A CG2 
397 N  N   . GLU A 53 ? 0.0913 0.0692 0.0623 -0.0007 -0.0014 -0.0033 50 GLU A N   
398 C  CA  . GLU A 53 ? 0.1200 0.0982 0.0910 -0.0001 -0.0011 -0.0025 50 GLU A CA  
399 C  C   . GLU A 53 ? 0.1083 0.0885 0.0812 0.0014  -0.0008 -0.0024 50 GLU A C   
400 O  O   . GLU A 53 ? 0.1085 0.0883 0.0819 0.0024  -0.0011 -0.0032 50 GLU A O   
401 C  CB  . GLU A 53 ? 0.1149 0.0894 0.0838 0.0004  -0.0013 -0.0026 50 GLU A CB  
402 C  CG  . GLU A 53 ? 0.1117 0.0863 0.0802 0.0008  -0.0008 -0.0020 50 GLU A CG  
403 C  CD  . GLU A 53 ? 0.1333 0.1047 0.0998 0.0016  -0.0013 -0.0020 50 GLU A CD  
404 O  OE1 . GLU A 53 ? 0.1282 0.0973 0.0938 0.0024  -0.0020 -0.0026 50 GLU A OE1 
405 O  OE2 . GLU A 53 ? 0.1410 0.1120 0.1063 0.0016  -0.0009 -0.0016 50 GLU A OE2 
406 N  N   . LEU A 54 ? 0.0934 0.0758 0.0674 0.0014  -0.0002 -0.0018 51 LEU A N   
407 C  CA  . LEU A 54 ? 0.1291 0.1129 0.1046 0.0027  0.0002  -0.0017 51 LEU A CA  
408 C  C   . LEU A 54 ? 0.1236 0.1082 0.0995 0.0029  0.0011  -0.0012 51 LEU A C   
409 O  O   . LEU A 54 ? 0.1064 0.0913 0.0818 0.0019  0.0014  -0.0007 51 LEU A O   
410 C  CB  . LEU A 54 ? 0.0956 0.0825 0.0731 0.0028  0.0004  -0.0014 51 LEU A CB  
411 C  CG  . LEU A 54 ? 0.1076 0.0973 0.0861 0.0019  0.0006  -0.0005 51 LEU A CG  
412 C  CD1 . LEU A 54 ? 0.1158 0.1084 0.0965 0.0029  0.0012  0.0003  51 LEU A CD1 
413 C  CD2 . LEU A 54 ? 0.1238 0.1143 0.1019 0.0004  -0.0001 -0.0006 51 LEU A CD2 
414 N  N   . VAL A 55 ? 0.0843 0.0690 0.0610 0.0042  0.0015  -0.0015 52 VAL A N   
415 C  CA  . VAL A 55 ? 0.0840 0.0699 0.0615 0.0045  0.0027  -0.0011 52 VAL A CA  
416 C  C   . VAL A 55 ? 0.0900 0.0777 0.0696 0.0054  0.0034  -0.0009 52 VAL A C   
417 O  O   . VAL A 55 ? 0.1112 0.0985 0.0911 0.0062  0.0032  -0.0014 52 VAL A O   
418 C  CB  . VAL A 55 ? 0.0871 0.0709 0.0630 0.0049  0.0028  -0.0017 52 VAL A CB  
419 C  CG1 . VAL A 55 ? 0.1085 0.0936 0.0856 0.0053  0.0043  -0.0016 52 VAL A CG1 
420 C  CG2 . VAL A 55 ? 0.1019 0.0836 0.0755 0.0040  0.0022  -0.0016 52 VAL A CG2 
421 N  N   . ALA A 56 ? 0.0984 0.0886 0.0798 0.0055  0.0043  0.0000  53 ALA A N   
422 C  CA  . ALA A 56 ? 0.1111 0.1028 0.0944 0.0066  0.0051  0.0005  53 ALA A CA  
423 C  C   . ALA A 56 ? 0.1062 0.0987 0.0907 0.0070  0.0067  0.0007  53 ALA A C   
424 O  O   . ALA A 56 ? 0.1039 0.0973 0.0886 0.0063  0.0071  0.0011  53 ALA A O   
425 C  CB  . ALA A 56 ? 0.1017 0.0962 0.0865 0.0063  0.0047  0.0015  53 ALA A CB  
426 N  N   . CYS A 57 ? 0.0804 0.0721 0.0655 0.0081  0.0078  0.0004  54 CYS A N   
427 C  CA  . CYS A 57 ? 0.0901 0.0821 0.0762 0.0086  0.0096  0.0004  54 CYS A CA  
428 C  C   . CYS A 57 ? 0.1176 0.1106 0.1059 0.0100  0.0108  0.0012  54 CYS A C   
429 O  O   . CYS A 57 ? 0.1083 0.1005 0.0963 0.0106  0.0105  0.0010  54 CYS A O   
430 C  CB  . CYS A 57 ? 0.0816 0.0712 0.0660 0.0084  0.0101  -0.0009 54 CYS A CB  
431 S  SG  . CYS A 57 ? 0.1011 0.0891 0.0828 0.0072  0.0087  -0.0015 54 CYS A SG  
432 N  N   . GLY A 58 ? 0.0908 0.0853 0.0808 0.0105  0.0122  0.0019  55 GLY A N   
433 C  CA  . GLY A 58 ? 0.1023 0.0974 0.0944 0.0120  0.0136  0.0027  55 GLY A CA  
434 C  C   . GLY A 58 ? 0.1311 0.1289 0.1256 0.0127  0.0144  0.0040  55 GLY A C   
435 O  O   . GLY A 58 ? 0.1161 0.1151 0.1107 0.0117  0.0144  0.0038  55 GLY A O   
436 N  N   . GLU A 59 ? 0.1220 0.1213 0.1186 0.0142  0.0150  0.0053  56 GLU A N   
437 C  CA  . GLU A 59 ? 0.1237 0.1263 0.1232 0.0151  0.0158  0.0065  56 GLU A CA  
438 C  C   . GLU A 59 ? 0.1038 0.1097 0.1037 0.0141  0.0139  0.0072  56 GLU A C   
439 O  O   . GLU A 59 ? 0.1103 0.1164 0.1089 0.0132  0.0122  0.0072  56 GLU A O   
440 C  CB  . GLU A 59 ? 0.1244 0.1273 0.1257 0.0172  0.0168  0.0079  56 GLU A CB  
441 C  CG  . GLU A 59 ? 0.1650 0.1644 0.1659 0.0181  0.0191  0.0071  56 GLU A CG  
442 C  CD  . GLU A 59 ? 0.2504 0.2497 0.2533 0.0204  0.0207  0.0087  56 GLU A CD  
443 O  OE1 . GLU A 59 ? 0.2414 0.2430 0.2452 0.0214  0.0195  0.0103  56 GLU A OE1 
444 O  OE2 . GLU A 59 ? 0.2706 0.2674 0.2736 0.0211  0.0231  0.0081  56 GLU A OE2 
445 N  N   . ARG A 60 ? 0.1153 0.1240 0.1173 0.0139  0.0146  0.0076  57 ARG A N   
446 C  CA  . ARG A 60 ? 0.0861 0.0980 0.0885 0.0126  0.0131  0.0079  57 ARG A CA  
447 C  C   . ARG A 60 ? 0.1009 0.1162 0.1046 0.0131  0.0116  0.0094  57 ARG A C   
448 O  O   . ARG A 60 ? 0.1046 0.1214 0.1072 0.0116  0.0099  0.0091  57 ARG A O   
449 C  CB  . ARG A 60 ? 0.0819 0.0959 0.0861 0.0121  0.0144  0.0078  57 ARG A CB  
450 C  CG  . ARG A 60 ? 0.0880 0.0987 0.0902 0.0110  0.0155  0.0063  57 ARG A CG  
451 C  CD  . ARG A 60 ? 0.0911 0.1036 0.0951 0.0107  0.0171  0.0061  57 ARG A CD  
452 N  NE  . ARG A 60 ? 0.1112 0.1205 0.1130 0.0095  0.0183  0.0048  57 ARG A NE  
453 C  CZ  . ARG A 60 ? 0.1216 0.1284 0.1232 0.0102  0.0201  0.0042  57 ARG A CZ  
454 N  NH1 . ARG A 60 ? 0.1486 0.1553 0.1520 0.0123  0.0211  0.0048  57 ARG A NH1 
455 N  NH2 . ARG A 60 ? 0.1299 0.1342 0.1293 0.0089  0.0209  0.0029  57 ARG A NH2 
456 N  N   . ASP A 61 ? 0.1032 0.1200 0.1091 0.0152  0.0122  0.0107  58 ASP A N   
457 C  CA  . ASP A 61 ? 0.1184 0.1384 0.1251 0.0159  0.0107  0.0122  58 ASP A CA  
458 C  C   . ASP A 61 ? 0.1127 0.1307 0.1165 0.0147  0.0090  0.0116  58 ASP A C   
459 O  O   . ASP A 61 ? 0.1360 0.1565 0.1394 0.0136  0.0074  0.0118  58 ASP A O   
460 C  CB  . ASP A 61 ? 0.1444 0.1654 0.1534 0.0186  0.0117  0.0139  58 ASP A CB  
461 C  CG  . ASP A 61 ? 0.1903 0.2150 0.2030 0.0199  0.0129  0.0148  58 ASP A CG  
462 O  OD1 . ASP A 61 ? 0.1528 0.1792 0.1664 0.0186  0.0131  0.0140  58 ASP A OD1 
463 O  OD2 . ASP A 61 ? 0.1951 0.2210 0.2099 0.0223  0.0136  0.0164  58 ASP A OD2 
464 N  N   . SER A 62 ? 0.1010 0.1144 0.1027 0.0150  0.0097  0.0107  59 SER A N   
465 C  CA  . SER A 62 ? 0.1157 0.1269 0.1148 0.0140  0.0084  0.0099  59 SER A CA  
466 C  C   . SER A 62 ? 0.1406 0.1514 0.1378 0.0117  0.0072  0.0086  59 SER A C   
467 O  O   . SER A 62 ? 0.1023 0.1137 0.0983 0.0106  0.0056  0.0085  59 SER A O   
468 C  CB  . SER A 62 ? 0.1517 0.1584 0.1492 0.0146  0.0095  0.0090  59 SER A CB  
469 O  OG  . SER A 62 ? 0.1919 0.1983 0.1905 0.0165  0.0106  0.0101  59 SER A OG  
470 N  N   A ILE A 63 ? 0.1074 0.1171 0.1043 0.0109  0.0079  0.0077  60 ILE A N   
471 N  N   B ILE A 63 ? 0.1174 0.1272 0.1144 0.0109  0.0079  0.0077  60 ILE A N   
472 C  CA  A ILE A 63 ? 0.1152 0.1244 0.1104 0.0088  0.0070  0.0067  60 ILE A CA  
473 C  CA  B ILE A 63 ? 0.1195 0.1285 0.1146 0.0089  0.0070  0.0067  60 ILE A CA  
474 C  C   A ILE A 63 ? 0.1376 0.1506 0.1335 0.0077  0.0057  0.0073  60 ILE A C   
475 C  C   B ILE A 63 ? 0.1256 0.1386 0.1216 0.0077  0.0059  0.0073  60 ILE A C   
476 O  O   A ILE A 63 ? 0.1134 0.1260 0.1076 0.0062  0.0045  0.0068  60 ILE A O   
477 O  O   B ILE A 63 ? 0.1259 0.1383 0.1201 0.0061  0.0046  0.0067  60 ILE A O   
478 C  CB  A ILE A 63 ? 0.1171 0.1247 0.1120 0.0083  0.0081  0.0059  60 ILE A CB  
479 C  CB  B ILE A 63 ? 0.1205 0.1284 0.1156 0.0083  0.0082  0.0059  60 ILE A CB  
480 C  CG1 A ILE A 63 ? 0.1340 0.1375 0.1271 0.0088  0.0090  0.0049  60 ILE A CG1 
481 C  CG1 B ILE A 63 ? 0.1281 0.1321 0.1217 0.0090  0.0093  0.0050  60 ILE A CG1 
482 C  CG2 A ILE A 63 ? 0.1446 0.1520 0.1377 0.0061  0.0073  0.0052  60 ILE A CG2 
483 C  CG2 B ILE A 63 ? 0.1285 0.1360 0.1217 0.0063  0.0074  0.0052  60 ILE A CG2 
484 C  CD1 A ILE A 63 ? 0.1448 0.1468 0.1373 0.0083  0.0102  0.0041  60 ILE A CD1 
485 C  CD1 B ILE A 63 ? 0.1187 0.1195 0.1095 0.0083  0.0082  0.0040  60 ILE A CD1 
486 N  N   . MSE A 64 ? 0.1281 0.1451 0.1269 0.0084  0.0063  0.0084  61 MSE A N   
487 C  CA  . MSE A 64 ? 0.1306 0.1521 0.1306 0.0072  0.0052  0.0089  61 MSE A CA  
488 C  C   . MSE A 64 ? 0.1579 0.1814 0.1576 0.0072  0.0037  0.0097  61 MSE A C   
489 O  O   . MSE A 64 ? 0.1902 0.2162 0.1896 0.0055  0.0025  0.0095  61 MSE A O   
490 C  CB  . MSE A 64 ? 0.1341 0.1597 0.1374 0.0079  0.0062  0.0098  61 MSE A CB  
491 C  CG  . MSE A 64 ? 0.1463 0.1702 0.1494 0.0072  0.0075  0.0088  61 MSE A CG  
492 SE SE  . MSE A 64 ? 0.2319 0.2541 0.2317 0.0037  0.0067  0.0072  61 MSE A SE  
493 C  CE  . MSE A 64 ? 0.2388 0.2683 0.2414 0.0024  0.0058  0.0079  61 MSE A CE  
494 N  N   . ILE A 65 ? 0.1253 0.1477 0.1252 0.0091  0.0039  0.0105  62 ILE A N   
495 C  CA  . ILE A 65 ? 0.1150 0.1384 0.1140 0.0090  0.0024  0.0111  62 ILE A CA  
496 C  C   . ILE A 65 ? 0.1043 0.1244 0.1001 0.0071  0.0017  0.0095  62 ILE A C   
497 O  O   . ILE A 65 ? 0.1293 0.1510 0.1243 0.0056  0.0003  0.0094  62 ILE A O   
498 C  CB  . ILE A 65 ? 0.0970 0.1193 0.0965 0.0114  0.0031  0.0122  62 ILE A CB  
499 C  CG1 . ILE A 65 ? 0.1642 0.1902 0.1669 0.0134  0.0037  0.0140  62 ILE A CG1 
500 C  CG2 . ILE A 65 ? 0.1591 0.1814 0.1569 0.0110  0.0018  0.0125  62 ILE A CG2 
501 C  CD1 . ILE A 65 ? 0.2040 0.2282 0.2072 0.0159  0.0048  0.0152  62 ILE A CD1 
502 N  N   . LEU A 66 ? 0.1193 0.1348 0.1136 0.0072  0.0024  0.0084  63 LEU A N   
503 C  CA  . LEU A 66 ? 0.1141 0.1264 0.1057 0.0056  0.0017  0.0069  63 LEU A CA  
504 C  C   . LEU A 66 ? 0.1155 0.1287 0.1061 0.0034  0.0010  0.0062  63 LEU A C   
505 O  O   . LEU A 66 ? 0.1424 0.1554 0.1315 0.0019  0.0000  0.0056  63 LEU A O   
506 C  CB  . LEU A 66 ? 0.1126 0.1204 0.1028 0.0061  0.0026  0.0057  63 LEU A CB  
507 C  CG  . LEU A 66 ? 0.1374 0.1417 0.1250 0.0050  0.0019  0.0043  63 LEU A CG  
508 C  CD1 . LEU A 66 ? 0.1500 0.1537 0.1368 0.0052  0.0013  0.0042  63 LEU A CD1 
509 C  CD2 . LEU A 66 ? 0.1430 0.1438 0.1298 0.0054  0.0027  0.0033  63 LEU A CD2 
510 N  N   . THR A 67 ? 0.1176 0.1319 0.1093 0.0029  0.0016  0.0062  64 THR A N   
511 C  CA  . THR A 67 ? 0.1306 0.1455 0.1212 0.0005  0.0012  0.0054  64 THR A CA  
512 C  C   . THR A 67 ? 0.1588 0.1780 0.1501 -0.0007 0.0002  0.0058  64 THR A C   
513 O  O   . THR A 67 ? 0.1764 0.1953 0.1661 -0.0029 -0.0003 0.0050  64 THR A O   
514 C  CB  . THR A 67 ? 0.1373 0.1527 0.1288 0.0001  0.0022  0.0054  64 THR A CB  
515 O  OG1 . THR A 67 ? 0.1538 0.1736 0.1484 0.0013  0.0027  0.0065  64 THR A OG1 
516 C  CG2 . THR A 67 ? 0.1717 0.1826 0.1618 0.0010  0.0032  0.0047  64 THR A CG2 
517 N  N   . GLU A 68 ? 0.1144 0.1379 0.1081 0.0006  -0.0001 0.0072  65 GLU A N   
518 C  CA  . GLU A 68 ? 0.1218 0.1499 0.1161 -0.0006 -0.0012 0.0077  65 GLU A CA  
519 C  C   . GLU A 68 ? 0.1414 0.1678 0.1335 -0.0012 -0.0022 0.0073  65 GLU A C   
520 O  O   . GLU A 68 ? 0.1752 0.2029 0.1662 -0.0034 -0.0029 0.0067  65 GLU A O   
521 C  CB  . GLU A 68 ? 0.1692 0.2025 0.1668 0.0011  -0.0013 0.0095  65 GLU A CB  
522 C  CG  . GLU A 68 ? 0.2548 0.2935 0.2529 -0.0001 -0.0027 0.0101  65 GLU A CG  
523 C  CD  . GLU A 68 ? 0.3574 0.4022 0.3591 0.0015  -0.0029 0.0118  65 GLU A CD  
524 O  OE1 . GLU A 68 ? 0.3642 0.4093 0.3681 0.0031  -0.0018 0.0123  65 GLU A OE1 
525 O  OE2 . GLU A 68 ? 0.4158 0.4651 0.4182 0.0011  -0.0042 0.0127  65 GLU A OE2 
526 N  N   . TRP A 69 ? 0.1110 0.1342 0.1025 0.0005  -0.0019 0.0075  66 TRP A N   
527 C  CA  . TRP A 69 ? 0.0989 0.1202 0.0884 0.0001  -0.0026 0.0071  66 TRP A CA  
528 C  C   . TRP A 69 ? 0.1124 0.1300 0.0993 -0.0019 -0.0027 0.0052  66 TRP A C   
529 O  O   . TRP A 69 ? 0.1476 0.1648 0.1327 -0.0032 -0.0034 0.0046  66 TRP A O   
530 C  CB  . TRP A 69 ? 0.1196 0.1381 0.1089 0.0023  -0.0020 0.0075  66 TRP A CB  
531 C  CG  . TRP A 69 ? 0.1392 0.1554 0.1264 0.0017  -0.0025 0.0067  66 TRP A CG  
532 C  CD1 . TRP A 69 ? 0.1418 0.1601 0.1285 0.0015  -0.0033 0.0075  66 TRP A CD1 
533 C  CD2 . TRP A 69 ? 0.1489 0.1602 0.1340 0.0013  -0.0023 0.0051  66 TRP A CD2 
534 N  NE1 . TRP A 69 ? 0.1438 0.1589 0.1284 0.0008  -0.0034 0.0062  66 TRP A NE1 
535 C  CE2 . TRP A 69 ? 0.1528 0.1637 0.1365 0.0007  -0.0028 0.0047  66 TRP A CE2 
536 C  CE3 . TRP A 69 ? 0.1261 0.1339 0.1105 0.0012  -0.0017 0.0039  66 TRP A CE3 
537 C  CZ2 . TRP A 69 ? 0.1734 0.1803 0.1553 0.0002  -0.0027 0.0032  66 TRP A CZ2 
538 C  CZ3 . TRP A 69 ? 0.1570 0.1609 0.1396 0.0009  -0.0017 0.0025  66 TRP A CZ3 
539 C  CH2 . TRP A 69 ? 0.1805 0.1840 0.1621 0.0004  -0.0021 0.0021  66 TRP A CH2 
540 N  N   . LEU A 70 ? 0.1171 0.1318 0.1035 -0.0021 -0.0020 0.0045  67 LEU A N   
541 C  CA  . LEU A 70 ? 0.1070 0.1178 0.0910 -0.0037 -0.0020 0.0029  67 LEU A CA  
542 C  C   . LEU A 70 ? 0.1436 0.1562 0.1266 -0.0063 -0.0026 0.0023  67 LEU A C   
543 O  O   . LEU A 70 ? 0.1520 0.1615 0.1329 -0.0077 -0.0026 0.0011  67 LEU A O   
544 C  CB  . LEU A 70 ? 0.1350 0.1425 0.1184 -0.0033 -0.0012 0.0024  67 LEU A CB  
545 C  CG  . LEU A 70 ? 0.1327 0.1372 0.1161 -0.0011 -0.0007 0.0024  67 LEU A CG  
546 C  CD1 . LEU A 70 ? 0.1315 0.1337 0.1146 -0.0009 0.0001  0.0022  67 LEU A CD1 
547 C  CD2 . LEU A 70 ? 0.1317 0.1329 0.1134 -0.0010 -0.0010 0.0014  67 LEU A CD2 
548 N  N   . TRP A 71 ? 0.1330 0.1506 0.1177 -0.0071 -0.0028 0.0031  68 TRP A N   
549 C  CA  . TRP A 71 ? 0.1295 0.1495 0.1135 -0.0099 -0.0032 0.0024  68 TRP A CA  
550 C  C   . TRP A 71 ? 0.1314 0.1524 0.1143 -0.0106 -0.0041 0.0022  68 TRP A C   
551 O  O   . TRP A 71 ? 0.1739 0.1952 0.1553 -0.0131 -0.0044 0.0012  68 TRP A O   
552 C  CB  . TRP A 71 ? 0.1550 0.1808 0.1412 -0.0105 -0.0033 0.0031  68 TRP A CB  
553 C  CG  . TRP A 71 ? 0.1373 0.1621 0.1240 -0.0109 -0.0023 0.0029  68 TRP A CG  
554 C  CD1 . TRP A 71 ? 0.1471 0.1721 0.1355 -0.0089 -0.0016 0.0037  68 TRP A CD1 
555 C  CD2 . TRP A 71 ? 0.1535 0.1770 0.1386 -0.0135 -0.0017 0.0016  68 TRP A CD2 
556 N  NE1 . TRP A 71 ? 0.1689 0.1927 0.1570 -0.0102 -0.0008 0.0031  68 TRP A NE1 
557 C  CE2 . TRP A 71 ? 0.1608 0.1837 0.1467 -0.0130 -0.0008 0.0019  68 TRP A CE2 
558 C  CE3 . TRP A 71 ? 0.1698 0.1923 0.1527 -0.0163 -0.0019 0.0004  68 TRP A CE3 
559 C  CZ2 . TRP A 71 ? 0.1665 0.1876 0.1509 -0.0151 0.0001  0.0009  68 TRP A CZ2 
560 C  CZ3 . TRP A 71 ? 0.1438 0.1643 0.1253 -0.0184 -0.0009 -0.0006 68 TRP A CZ3 
561 C  CH2 . TRP A 71 ? 0.1526 0.1725 0.1348 -0.0178 0.0000  -0.0003 68 TRP A CH2 
562 N  N   . GLU A 72 ? 0.1284 0.1497 0.1119 -0.0085 -0.0044 0.0031  69 GLU A N   
563 C  CA  . GLU A 72 ? 0.1552 0.1772 0.1375 -0.0091 -0.0052 0.0030  69 GLU A CA  
564 C  C   . GLU A 72 ? 0.1681 0.1845 0.1484 -0.0089 -0.0048 0.0018  69 GLU A C   
565 O  O   . GLU A 72 ? 0.1738 0.1886 0.1522 -0.0107 -0.0049 0.0005  69 GLU A O   
566 C  CB  . GLU A 72 ? 0.1756 0.2012 0.1596 -0.0072 -0.0057 0.0049  69 GLU A CB  
567 C  CG  . GLU A 72 ? 0.2498 0.2760 0.2323 -0.0078 -0.0065 0.0049  69 GLU A CG  
568 C  CD  . GLU A 72 ? 0.3793 0.4089 0.3631 -0.0058 -0.0071 0.0070  69 GLU A CD  
569 O  OE1 . GLU A 72 ? 0.4259 0.4572 0.4120 -0.0038 -0.0067 0.0084  69 GLU A OE1 
570 O  OE2 . GLU A 72 ? 0.4392 0.4693 0.4216 -0.0061 -0.0076 0.0073  69 GLU A OE2 
571 N  N   . GLY A 73 ? 0.1693 0.1828 0.1501 -0.0065 -0.0043 0.0021  70 GLY A N   
572 C  CA  . GLY A 73 ? 0.1735 0.1822 0.1528 -0.0060 -0.0039 0.0009  70 GLY A CA  
573 C  C   . GLY A 73 ? 0.1554 0.1645 0.1339 -0.0059 -0.0043 0.0010  70 GLY A C   
574 O  O   . GLY A 73 ? 0.1858 0.1988 0.1649 -0.0060 -0.0049 0.0022  70 GLY A O   
575 N  N   . PRO A 74 ? 0.1343 0.1395 0.1114 -0.0057 -0.0039 -0.0003 71 PRO A N   
576 C  CA  . PRO A 74 ? 0.1644 0.1694 0.1407 -0.0059 -0.0041 -0.0006 71 PRO A CA  
577 C  C   . PRO A 74 ? 0.1578 0.1644 0.1325 -0.0085 -0.0046 -0.0012 71 PRO A C   
578 O  O   . PRO A 74 ? 0.1659 0.1731 0.1403 -0.0102 -0.0047 -0.0018 71 PRO A O   
579 C  CB  . PRO A 74 ? 0.1999 0.2001 0.1754 -0.0052 -0.0034 -0.0020 71 PRO A CB  
580 C  CG  . PRO A 74 ? 0.1601 0.1581 0.1353 -0.0057 -0.0032 -0.0030 71 PRO A CG  
581 C  CD  . PRO A 74 ? 0.1349 0.1357 0.1114 -0.0054 -0.0034 -0.0017 71 PRO A CD  
582 N  N   . PRO A 75 ? 0.1389 0.1462 0.1126 -0.0089 -0.0048 -0.0012 72 PRO A N   
583 C  CA  . PRO A 75 ? 0.1799 0.1888 0.1517 -0.0115 -0.0053 -0.0020 72 PRO A CA  
584 C  C   . PRO A 75 ? 0.1987 0.2042 0.1694 -0.0133 -0.0047 -0.0042 72 PRO A C   
585 O  O   . PRO A 75 ? 0.1759 0.1771 0.1465 -0.0124 -0.0040 -0.0053 72 PRO A O   
586 C  CB  . PRO A 75 ? 0.1776 0.1862 0.1484 -0.0114 -0.0053 -0.0020 72 PRO A CB  
587 C  CG  . PRO A 75 ? 0.1650 0.1736 0.1371 -0.0086 -0.0051 -0.0004 72 PRO A CG  
588 C  CD  . PRO A 75 ? 0.1603 0.1668 0.1340 -0.0071 -0.0045 -0.0006 72 PRO A CD  
589 N  N   . GLN A 76 ? 0.2125 0.2200 0.1824 -0.0158 -0.0049 -0.0047 73 GLN A N   
590 C  CA  . GLN A 76 ? 0.2246 0.2289 0.1932 -0.0177 -0.0042 -0.0066 73 GLN A CA  
591 C  C   . GLN A 76 ? 0.2298 0.2316 0.1990 -0.0172 -0.0037 -0.0068 73 GLN A C   
592 O  O   . GLN A 76 ? 0.2482 0.2475 0.2161 -0.0189 -0.0031 -0.0082 73 GLN A O   
593 C  CB  . GLN A 76 ? 0.2547 0.2548 0.2219 -0.0177 -0.0035 -0.0083 73 GLN A CB  
594 C  CG  . GLN A 76 ? 0.2563 0.2583 0.2223 -0.0190 -0.0038 -0.0085 73 GLN A CG  
595 C  CD  . GLN A 76 ? 0.3450 0.3431 0.3098 -0.0195 -0.0028 -0.0105 73 GLN A CD  
596 O  OE1 . GLN A 76 ? 0.3670 0.3616 0.3313 -0.0203 -0.0020 -0.0121 73 GLN A OE1 
597 N  NE2 . GLN A 76 ? 0.3297 0.3282 0.2939 -0.0192 -0.0029 -0.0104 73 GLN A NE2 
598 N  N   . ALA A 77 ? 0.2112 0.2138 0.1822 -0.0150 -0.0039 -0.0054 74 ALA A N   
599 C  CA  . ALA A 77 ? 0.1934 0.1944 0.1648 -0.0147 -0.0035 -0.0054 74 ALA A CA  
600 C  C   . ALA A 77 ? 0.2083 0.2128 0.1797 -0.0170 -0.0037 -0.0051 74 ALA A C   
601 O  O   . ALA A 77 ? 0.2436 0.2531 0.2158 -0.0176 -0.0044 -0.0042 74 ALA A O   
602 C  CB  . ALA A 77 ? 0.1682 0.1693 0.1414 -0.0120 -0.0036 -0.0041 74 ALA A CB  
603 N  N   . ALA A 78 ? 0.1702 0.1723 0.1407 -0.0182 -0.0030 -0.0060 75 ALA A N   
604 C  CA  . ALA A 78 ? 0.1977 0.2029 0.1683 -0.0205 -0.0030 -0.0060 75 ALA A CA  
605 C  C   . ALA A 78 ? 0.1633 0.1666 0.1342 -0.0198 -0.0024 -0.0056 75 ALA A C   
606 O  O   . ALA A 78 ? 0.1569 0.1562 0.1262 -0.0209 -0.0016 -0.0066 75 ALA A O   
607 C  CB  . ALA A 78 ? 0.2312 0.2351 0.1995 -0.0237 -0.0024 -0.0077 75 ALA A CB  
608 N  N   . VAL A 79 ? 0.1343 0.1406 0.1073 -0.0181 -0.0028 -0.0041 76 VAL A N   
609 C  CA  . VAL A 79 ? 0.1360 0.1408 0.1096 -0.0171 -0.0022 -0.0036 76 VAL A CA  
610 C  C   . VAL A 79 ? 0.1585 0.1654 0.1320 -0.0196 -0.0018 -0.0040 76 VAL A C   
611 O  O   . VAL A 79 ? 0.1785 0.1909 0.1532 -0.0209 -0.0023 -0.0035 76 VAL A O   
612 C  CB  . VAL A 79 ? 0.1067 0.1137 0.0828 -0.0144 -0.0026 -0.0021 76 VAL A CB  
613 C  CG1 . VAL A 79 ? 0.1167 0.1228 0.0932 -0.0138 -0.0020 -0.0017 76 VAL A CG1 
614 C  CG2 . VAL A 79 ? 0.1379 0.1420 0.1137 -0.0121 -0.0028 -0.0020 76 VAL A CG2 
615 N  N   . SER A 80 ? 0.1524 0.1550 0.1242 -0.0204 -0.0009 -0.0046 77 SER A N   
616 C  CA  . SER A 80 ? 0.1544 0.1584 0.1257 -0.0229 -0.0001 -0.0050 77 SER A CA  
617 C  C   . SER A 80 ? 0.1450 0.1498 0.1175 -0.0219 0.0003  -0.0042 77 SER A C   
618 O  O   . SER A 80 ? 0.1554 0.1634 0.1286 -0.0237 0.0007  -0.0042 77 SER A O   
619 C  CB  . SER A 80 ? 0.2122 0.2105 0.1805 -0.0248 0.0009  -0.0065 77 SER A CB  
620 O  OG  . SER A 80 ? 0.2258 0.2183 0.1928 -0.0228 0.0013  -0.0063 77 SER A OG  
621 N  N   . ASN A 81 ? 0.1306 0.1328 0.1035 -0.0191 0.0002  -0.0033 78 ASN A N   
622 C  CA  . ASN A 81 ? 0.1492 0.1523 0.1235 -0.0182 0.0007  -0.0025 78 ASN A CA  
623 C  C   . ASN A 81 ? 0.1594 0.1612 0.1346 -0.0150 0.0003  -0.0016 78 ASN A C   
624 O  O   . ASN A 81 ? 0.1560 0.1543 0.1302 -0.0137 0.0000  -0.0019 78 ASN A O   
625 C  CB  . ASN A 81 ? 0.1698 0.1685 0.1416 -0.0196 0.0018  -0.0031 78 ASN A CB  
626 C  CG  . ASN A 81 ? 0.2215 0.2217 0.1944 -0.0193 0.0024  -0.0025 78 ASN A CG  
627 O  OD1 . ASN A 81 ? 0.2317 0.2373 0.2071 -0.0198 0.0024  -0.0020 78 ASN A OD1 
628 N  ND2 . ASN A 81 ? 0.2676 0.2629 0.2387 -0.0185 0.0030  -0.0024 78 ASN A ND2 
629 N  N   . VAL A 82 ? 0.1492 0.1542 0.1268 -0.0140 0.0005  -0.0007 79 VAL A N   
630 C  CA  . VAL A 82 ? 0.1308 0.1343 0.1092 -0.0112 0.0006  0.0001  79 VAL A CA  
631 C  C   . VAL A 82 ? 0.1727 0.1756 0.1510 -0.0114 0.0016  0.0002  79 VAL A C   
632 O  O   . VAL A 82 ? 0.1729 0.1798 0.1530 -0.0123 0.0020  0.0006  79 VAL A O   
633 C  CB  . VAL A 82 ? 0.1174 0.1255 0.0987 -0.0095 0.0001  0.0011  79 VAL A CB  
634 C  CG1 . VAL A 82 ? 0.1130 0.1194 0.0952 -0.0070 0.0005  0.0016  79 VAL A CG1 
635 C  CG2 . VAL A 82 ? 0.1151 0.1239 0.0962 -0.0096 -0.0008 0.0009  79 VAL A CG2 
636 N  N   . ASN A 83 ? 0.1361 0.1342 0.1125 -0.0105 0.0019  0.0001  80 ASN A N   
637 C  CA  . ASN A 83 ? 0.1486 0.1453 0.1243 -0.0109 0.0028  0.0002  80 ASN A CA  
638 C  C   . ASN A 83 ? 0.1425 0.1381 0.1188 -0.0084 0.0030  0.0006  80 ASN A C   
639 O  O   . ASN A 83 ? 0.1374 0.1295 0.1123 -0.0072 0.0026  0.0005  80 ASN A O   
640 C  CB  . ASN A 83 ? 0.1714 0.1629 0.1435 -0.0122 0.0032  -0.0005 80 ASN A CB  
641 C  CG  . ASN A 83 ? 0.2697 0.2594 0.2404 -0.0128 0.0042  -0.0003 80 ASN A CG  
642 O  OD1 . ASN A 83 ? 0.3195 0.3127 0.2922 -0.0129 0.0048  0.0000  80 ASN A OD1 
643 N  ND2 . ASN A 83 ? 0.3433 0.3278 0.3107 -0.0132 0.0044  -0.0005 80 ASN A ND2 
644 N  N   . TRP A 84 ? 0.1352 0.1340 0.1138 -0.0077 0.0037  0.0012  81 TRP A N   
645 C  CA  . TRP A 84 ? 0.1209 0.1188 0.1003 -0.0057 0.0040  0.0016  81 TRP A CA  
646 C  C   . TRP A 84 ? 0.1284 0.1263 0.1078 -0.0060 0.0053  0.0016  81 TRP A C   
647 O  O   . TRP A 84 ? 0.1347 0.1347 0.1146 -0.0075 0.0059  0.0016  81 TRP A O   
648 C  CB  . TRP A 84 ? 0.1250 0.1263 0.1072 -0.0039 0.0038  0.0022  81 TRP A CB  
649 C  CG  . TRP A 84 ? 0.1514 0.1578 0.1368 -0.0040 0.0043  0.0029  81 TRP A CG  
650 C  CD1 . TRP A 84 ? 0.1517 0.1621 0.1385 -0.0049 0.0036  0.0031  81 TRP A CD1 
651 C  CD2 . TRP A 84 ? 0.1498 0.1584 0.1375 -0.0031 0.0054  0.0034  81 TRP A CD2 
652 N  NE1 . TRP A 84 ? 0.1581 0.1734 0.1481 -0.0044 0.0043  0.0039  81 TRP A NE1 
653 C  CE2 . TRP A 84 ? 0.1606 0.1744 0.1512 -0.0032 0.0054  0.0040  81 TRP A CE2 
654 C  CE3 . TRP A 84 ? 0.1440 0.1504 0.1314 -0.0021 0.0065  0.0032  81 TRP A CE3 
655 C  CZ2 . TRP A 84 ? 0.1540 0.1712 0.1476 -0.0023 0.0065  0.0045  81 TRP A CZ2 
656 C  CZ3 . TRP A 84 ? 0.1482 0.1577 0.1383 -0.0014 0.0078  0.0036  81 TRP A CZ3 
657 C  CH2 . TRP A 84 ? 0.1387 0.1534 0.1319 -0.0014 0.0078  0.0043  81 TRP A CH2 
658 N  N   . GLU A 85 ? 0.1184 0.1137 0.0970 -0.0048 0.0056  0.0016  82 GLU A N   
659 C  CA  . GLU A 85 ? 0.1114 0.1072 0.0903 -0.0048 0.0069  0.0017  82 GLU A CA  
660 C  C   . GLU A 85 ? 0.1049 0.1001 0.0847 -0.0028 0.0074  0.0018  82 GLU A C   
661 O  O   . GLU A 85 ? 0.1046 0.0978 0.0835 -0.0017 0.0066  0.0015  82 GLU A O   
662 C  CB  . GLU A 85 ? 0.1697 0.1618 0.1451 -0.0063 0.0073  0.0014  82 GLU A CB  
663 C  CG  . GLU A 85 ? 0.1795 0.1671 0.1520 -0.0054 0.0068  0.0011  82 GLU A CG  
664 C  CD  . GLU A 85 ? 0.2314 0.2150 0.1999 -0.0069 0.0069  0.0011  82 GLU A CD  
665 O  OE1 . GLU A 85 ? 0.1951 0.1778 0.1626 -0.0074 0.0079  0.0011  82 GLU A OE1 
666 O  OE2 . GLU A 85 ? 0.2147 0.1960 0.1815 -0.0076 0.0061  0.0010  82 GLU A OE2 
667 N  N   . GLU A 86 ? 0.1109 0.1080 0.0925 -0.0025 0.0088  0.0019  83 GLU A N   
668 C  CA  . GLU A 86 ? 0.1188 0.1152 0.1010 -0.0010 0.0095  0.0018  83 GLU A CA  
669 C  C   . GLU A 86 ? 0.0986 0.0908 0.0772 -0.0014 0.0096  0.0011  83 GLU A C   
670 O  O   . GLU A 86 ? 0.1272 0.1181 0.1036 -0.0030 0.0097  0.0011  83 GLU A O   
671 C  CB  . GLU A 86 ? 0.1053 0.1047 0.0903 -0.0006 0.0112  0.0020  83 GLU A CB  
672 C  CG  . GLU A 86 ? 0.1148 0.1136 0.1007 0.0010  0.0124  0.0017  83 GLU A CG  
673 C  CD  . GLU A 86 ? 0.1255 0.1271 0.1145 0.0014  0.0141  0.0020  83 GLU A CD  
674 O  OE1 . GLU A 86 ? 0.1327 0.1369 0.1228 0.0003  0.0146  0.0022  83 GLU A OE1 
675 O  OE2 . GLU A 86 ? 0.1420 0.1434 0.1322 0.0028  0.0154  0.0019  83 GLU A OE2 
676 N  N   . ILE A 87 ? 0.1016 0.0921 0.0795 -0.0001 0.0094  0.0008  84 ILE A N   
677 C  CA  . ILE A 87 ? 0.0958 0.0830 0.0706 -0.0004 0.0091  0.0003  84 ILE A CA  
678 C  C   . ILE A 87 ? 0.1041 0.0909 0.0791 0.0003  0.0104  -0.0002 84 ILE A C   
679 O  O   . ILE A 87 ? 0.1165 0.1054 0.0943 0.0012  0.0115  -0.0002 84 ILE A O   
680 C  CB  . ILE A 87 ? 0.1099 0.0949 0.0830 0.0001  0.0075  0.0001  84 ILE A CB  
681 C  CG1 . ILE A 87 ? 0.1030 0.0890 0.0781 0.0017  0.0072  -0.0002 84 ILE A CG1 
682 C  CG2 . ILE A 87 ? 0.1162 0.1004 0.0882 -0.0008 0.0064  0.0004  84 ILE A CG2 
683 C  CD1 . ILE A 87 ? 0.1468 0.1307 0.1205 0.0024  0.0057  -0.0006 84 ILE A CD1 
684 N  N   . VAL A 88 ? 0.0942 0.0881 0.1044 0.0036  0.0028  -0.0046 85 VAL A N   
685 C  CA  . VAL A 88 ? 0.0819 0.0779 0.0920 0.0017  0.0035  -0.0069 85 VAL A CA  
686 C  C   . VAL A 88 ? 0.0900 0.0860 0.1003 -0.0013 0.0053  -0.0089 85 VAL A C   
687 O  O   . VAL A 88 ? 0.1138 0.1128 0.1254 -0.0013 0.0050  -0.0094 85 VAL A O   
688 C  CB  . VAL A 88 ? 0.0802 0.0833 0.0918 0.0030  0.0021  -0.0080 85 VAL A CB  
689 C  CG1 . VAL A 88 ? 0.0819 0.0896 0.0937 0.0002  0.0031  -0.0113 85 VAL A CG1 
690 C  CG2 . VAL A 88 ? 0.0855 0.0878 0.0967 0.0062  0.0010  -0.0057 85 VAL A CG2 
691 N  N   . VAL A 89 ? 0.0941 0.0864 0.1027 -0.0037 0.0077  -0.0101 86 VAL A N   
692 C  CA  . VAL A 89 ? 0.0913 0.0818 0.0995 -0.0067 0.0103  -0.0119 86 VAL A CA  
693 C  C   . VAL A 89 ? 0.1049 0.1033 0.1152 -0.0089 0.0101  -0.0155 86 VAL A C   
694 O  O   . VAL A 89 ? 0.1285 0.1334 0.1399 -0.0093 0.0091  -0.0177 86 VAL A O   
695 C  CB  . VAL A 89 ? 0.1348 0.1187 0.1404 -0.0088 0.0141  -0.0125 86 VAL A CB  
696 C  CG1 . VAL A 89 ? 0.2016 0.1843 0.2069 -0.0128 0.0177  -0.0156 86 VAL A CG1 
697 C  CG2 . VAL A 89 ? 0.1791 0.1560 0.1823 -0.0061 0.0150  -0.0084 86 VAL A CG2 
698 N  N   . GLU A 90 ? 0.1055 0.1041 0.1163 -0.0099 0.0108  -0.0161 87 GLU A N   
699 C  CA  . GLU A 90 ? 0.1412 0.1471 0.1538 -0.0123 0.0109  -0.0196 87 GLU A CA  
700 C  C   . GLU A 90 ? 0.1523 0.1538 0.1638 -0.0163 0.0149  -0.0218 87 GLU A C   
701 O  O   . GLU A 90 ? 0.1625 0.1560 0.1720 -0.0157 0.0166  -0.0194 87 GLU A O   
702 C  CB  . GLU A 90 ? 0.1318 0.1421 0.1463 -0.0096 0.0084  -0.0181 87 GLU A CB  
703 C  CG  . GLU A 90 ? 0.1477 0.1607 0.1630 -0.0054 0.0057  -0.0156 87 GLU A CG  
704 C  CD  . GLU A 90 ? 0.2362 0.2515 0.2528 -0.0027 0.0043  -0.0139 87 GLU A CD  
705 O  OE1 . GLU A 90 ? 0.2341 0.2496 0.2511 -0.0041 0.0050  -0.0148 87 GLU A OE1 
706 O  OE2 . GLU A 90 ? 0.2270 0.2428 0.2438 0.0008  0.0031  -0.0118 87 GLU A OE2 
707 N  N   . ASP A 91 ? 0.1281 0.1353 0.1404 -0.0202 0.0164  -0.0264 88 ASP A N   
708 C  CA  . ASP A 91 ? 0.1643 0.1668 0.1753 -0.0248 0.0211  -0.0292 88 ASP A CA  
709 C  C   . ASP A 91 ? 0.1755 0.1813 0.1879 -0.0255 0.0209  -0.0300 88 ASP A C   
710 O  O   . ASP A 91 ? 0.1816 0.1976 0.1964 -0.0256 0.0186  -0.0321 88 ASP A O   
711 C  CB  . ASP A 91 ? 0.2234 0.2304 0.2346 -0.0298 0.0240  -0.0348 88 ASP A CB  
712 C  CG  . ASP A 91 ? 0.4159 0.4154 0.4249 -0.0349 0.0302  -0.0379 88 ASP A CG  
713 O  OD1 . ASP A 91 ? 0.4751 0.4635 0.4816 -0.0336 0.0329  -0.0346 88 ASP A OD1 
714 O  OD2 . ASP A 91 ? 0.5102 0.5155 0.5198 -0.0403 0.0329  -0.0438 88 ASP A OD2 
715 N  N   . TYR A 92 ? 0.1540 0.1512 0.1647 -0.0255 0.0234  -0.0280 89 TYR A N   
716 C  CA  . TYR A 92 ? 0.1568 0.1556 0.1684 -0.0266 0.0239  -0.0289 89 TYR A CA  
717 C  C   . TYR A 92 ? 0.2078 0.1979 0.2168 -0.0301 0.0299  -0.0301 89 TYR A C   
718 O  O   . TYR A 92 ? 0.2331 0.2136 0.2391 -0.0290 0.0329  -0.0276 89 TYR A O   
719 C  CB  . TYR A 92 ? 0.1261 0.1239 0.1382 -0.0223 0.0208  -0.0244 89 TYR A CB  
720 C  CG  . TYR A 92 ? 0.1361 0.1410 0.1505 -0.0188 0.0160  -0.0231 89 TYR A CG  
721 C  CD1 . TYR A 92 ? 0.1708 0.1849 0.1877 -0.0187 0.0140  -0.0249 89 TYR A CD1 
722 C  CD2 . TYR A 92 ? 0.1243 0.1265 0.1380 -0.0154 0.0141  -0.0198 89 TYR A CD2 
723 C  CE1 . TYR A 92 ? 0.1921 0.2117 0.2105 -0.0150 0.0105  -0.0232 89 TYR A CE1 
724 C  CE2 . TYR A 92 ? 0.1541 0.1616 0.1695 -0.0123 0.0107  -0.0185 89 TYR A CE2 
725 C  CZ  . TYR A 92 ? 0.1595 0.1752 0.1770 -0.0119 0.0092  -0.0200 89 TYR A CZ  
726 O  OH  . TYR A 92 ? 0.1901 0.2101 0.2088 -0.0081 0.0067  -0.0183 89 TYR A OH  
727 N  N   . SER A 93 ? 0.2224 0.2155 0.2323 -0.0338 0.0319  -0.0337 90 SER A N   
728 C  CA  . SER A 93 ? 0.2730 0.2571 0.2802 -0.0371 0.0382  -0.0350 90 SER A CA  
729 C  C   . SER A 93 ? 0.2580 0.2372 0.2643 -0.0343 0.0385  -0.0311 90 SER A C   
730 O  O   . SER A 93 ? 0.2314 0.2011 0.2347 -0.0350 0.0438  -0.0301 90 SER A O   
731 C  CB  . SER A 93 ? 0.2763 0.2659 0.2846 -0.0436 0.0414  -0.0419 90 SER A CB  
732 O  OG  . SER A 93 ? 0.3589 0.3600 0.3706 -0.0436 0.0373  -0.0435 90 SER A OG  
733 N  N   . ASP A 94 ? 0.1134 0.0992 0.1222 -0.0311 0.0331  -0.0290 91 ASP A N   
734 C  CA  . ASP A 94 ? 0.1201 0.1031 0.1285 -0.0287 0.0328  -0.0258 91 ASP A CA  
735 C  C   . ASP A 94 ? 0.1053 0.0928 0.1155 -0.0241 0.0271  -0.0223 91 ASP A C   
736 O  O   . ASP A 94 ? 0.1034 0.0948 0.1147 -0.0225 0.0239  -0.0219 91 ASP A O   
737 C  CB  . ASP A 94 ? 0.1608 0.1478 0.1707 -0.0322 0.0340  -0.0293 91 ASP A CB  
738 C  CG  . ASP A 94 ? 0.2417 0.2409 0.2553 -0.0333 0.0299  -0.0327 91 ASP A CG  
739 O  OD1 . ASP A 94 ? 0.2201 0.2243 0.2352 -0.0305 0.0258  -0.0314 91 ASP A OD1 
740 O  OD2 . ASP A 94 ? 0.3154 0.3194 0.3303 -0.0370 0.0314  -0.0366 91 ASP A OD2 
741 N  N   . PHE A 95 ? 0.1380 0.1249 0.1483 -0.0222 0.0264  -0.0198 92 PHE A N   
742 C  CA  . PHE A 95 ? 0.1155 0.1067 0.1274 -0.0187 0.0219  -0.0173 92 PHE A CA  
743 C  C   . PHE A 95 ? 0.1216 0.1185 0.1360 -0.0195 0.0202  -0.0190 92 PHE A C   
744 O  O   . PHE A 95 ? 0.1404 0.1357 0.1542 -0.0209 0.0223  -0.0194 92 PHE A O   
745 C  CB  . PHE A 95 ? 0.1233 0.1099 0.1330 -0.0154 0.0224  -0.0130 92 PHE A CB  
746 C  CG  . PHE A 95 ? 0.0998 0.0902 0.1110 -0.0126 0.0184  -0.0110 92 PHE A CG  
747 C  CD1 . PHE A 95 ? 0.0891 0.0843 0.1025 -0.0120 0.0159  -0.0113 92 PHE A CD1 
748 C  CD2 . PHE A 95 ? 0.1313 0.1199 0.1412 -0.0105 0.0177  -0.0090 92 PHE A CD2 
749 C  CE1 . PHE A 95 ? 0.0965 0.0942 0.1107 -0.0099 0.0132  -0.0100 92 PHE A CE1 
750 C  CE2 . PHE A 95 ? 0.1246 0.1163 0.1356 -0.0083 0.0146  -0.0077 92 PHE A CE2 
751 C  CZ  . PHE A 95 ? 0.1093 0.1053 0.1224 -0.0082 0.0126  -0.0083 92 PHE A CZ  
752 N  N   . ARG A 96 ? 0.1009 0.1047 0.1178 -0.0185 0.0168  -0.0198 93 ARG A N   
753 C  CA  . ARG A 96 ? 0.1186 0.1284 0.1378 -0.0189 0.0154  -0.0215 93 ARG A CA  
754 C  C   . ARG A 96 ? 0.1199 0.1318 0.1403 -0.0157 0.0127  -0.0192 93 ARG A C   
755 O  O   . ARG A 96 ? 0.1343 0.1454 0.1544 -0.0133 0.0111  -0.0174 93 ARG A O   
756 C  CB  . ARG A 96 ? 0.1516 0.1691 0.1725 -0.0206 0.0149  -0.0249 93 ARG A CB  
757 C  CG  . ARG A 96 ? 0.1880 0.2048 0.2081 -0.0252 0.0183  -0.0286 93 ARG A CG  
758 C  CD  . ARG A 96 ? 0.2862 0.3138 0.3082 -0.0269 0.0174  -0.0325 93 ARG A CD  
759 N  NE  . ARG A 96 ? 0.3816 0.4095 0.4028 -0.0321 0.0210  -0.0370 93 ARG A NE  
760 C  CZ  . ARG A 96 ? 0.4858 0.5243 0.5087 -0.0350 0.0211  -0.0416 93 ARG A CZ  
761 N  NH1 . ARG A 96 ? 0.4953 0.5450 0.5205 -0.0322 0.0176  -0.0415 93 ARG A NH1 
762 N  NH2 . ARG A 96 ? 0.5252 0.5635 0.5473 -0.0405 0.0251  -0.0463 93 ARG A NH2 
763 N  N   . VAL A 97 ? 0.1151 0.1294 0.1367 -0.0158 0.0123  -0.0196 94 VAL A N   
764 C  CA  . VAL A 97 ? 0.1240 0.1410 0.1470 -0.0131 0.0103  -0.0184 94 VAL A CA  
765 C  C   . VAL A 97 ? 0.1320 0.1558 0.1567 -0.0119 0.0091  -0.0196 94 VAL A C   
766 O  O   . VAL A 97 ? 0.1587 0.1876 0.1841 -0.0137 0.0096  -0.0222 94 VAL A O   
767 C  CB  . VAL A 97 ? 0.1411 0.1583 0.1647 -0.0135 0.0107  -0.0182 94 VAL A CB  
768 C  CG1 . VAL A 97 ? 0.1053 0.1175 0.1271 -0.0141 0.0119  -0.0166 94 VAL A CG1 
769 C  CG2 . VAL A 97 ? 0.1895 0.2112 0.2144 -0.0156 0.0113  -0.0208 94 VAL A CG2 
770 N  N   . ARG A 98 ? 0.0923 0.1164 0.1173 -0.0087 0.0080  -0.0179 95 ARG A N   
771 C  CA  . ARG A 98 ? 0.0961 0.1268 0.1222 -0.0061 0.0073  -0.0181 95 ARG A CA  
772 C  C   . ARG A 98 ? 0.1501 0.1807 0.1767 -0.0033 0.0076  -0.0166 95 ARG A C   
773 O  O   . ARG A 98 ? 0.2144 0.2496 0.2415 0.0000  0.0076  -0.0158 95 ARG A O   
774 C  CB  . ARG A 98 ? 0.0944 0.1253 0.1198 -0.0041 0.0066  -0.0171 95 ARG A CB  
775 C  CG  . ARG A 98 ? 0.1006 0.1331 0.1257 -0.0067 0.0066  -0.0190 95 ARG A CG  
776 C  CD  . ARG A 98 ? 0.0928 0.1260 0.1173 -0.0045 0.0059  -0.0180 95 ARG A CD  
777 N  NE  . ARG A 98 ? 0.1181 0.1531 0.1422 -0.0074 0.0063  -0.0204 95 ARG A NE  
778 C  CZ  . ARG A 98 ? 0.0782 0.1147 0.1019 -0.0064 0.0057  -0.0202 95 ARG A CZ  
779 N  NH1 . ARG A 98 ? 0.1150 0.1509 0.1383 -0.0023 0.0047  -0.0175 95 ARG A NH1 
780 N  NH2 . ARG A 98 ? 0.1702 0.2079 0.1934 -0.0098 0.0066  -0.0229 95 ARG A NH2 
781 O  OXT . ARG A 98 ? 0.1592 0.1855 0.1857 -0.0042 0.0083  -0.0161 95 ARG A OXT 
# 
